data_5X2E
# 
_entry.id   5X2E 
# 
_audit_conform.dict_name       mmcif_pdbx.dic 
_audit_conform.dict_version    5.387 
_audit_conform.dict_location   http://mmcif.pdb.org/dictionaries/ascii/mmcif_pdbx.dic 
# 
loop_
_database_2.database_id 
_database_2.database_code 
_database_2.pdbx_database_accession 
_database_2.pdbx_DOI 
PDB   5X2E         pdb_00005x2e 10.2210/pdb5x2e/pdb 
WWPDB D_1300002818 ?            ?                   
# 
loop_
_pdbx_audit_revision_history.ordinal 
_pdbx_audit_revision_history.data_content_type 
_pdbx_audit_revision_history.major_revision 
_pdbx_audit_revision_history.minor_revision 
_pdbx_audit_revision_history.revision_date 
1 'Structure model' 1 0 2017-08-30 
2 'Structure model' 1 1 2024-03-27 
3 'Structure model' 1 2 2024-04-03 
# 
_pdbx_audit_revision_details.ordinal             1 
_pdbx_audit_revision_details.revision_ordinal    1 
_pdbx_audit_revision_details.data_content_type   'Structure model' 
_pdbx_audit_revision_details.provider            repository 
_pdbx_audit_revision_details.type                'Initial release' 
_pdbx_audit_revision_details.description         ? 
_pdbx_audit_revision_details.details             ? 
# 
loop_
_pdbx_audit_revision_group.ordinal 
_pdbx_audit_revision_group.revision_ordinal 
_pdbx_audit_revision_group.data_content_type 
_pdbx_audit_revision_group.group 
1 2 'Structure model' 'Data collection'        
2 2 'Structure model' 'Database references'    
3 3 'Structure model' 'Refinement description' 
# 
loop_
_pdbx_audit_revision_category.ordinal 
_pdbx_audit_revision_category.revision_ordinal 
_pdbx_audit_revision_category.data_content_type 
_pdbx_audit_revision_category.category 
1 2 'Structure model' chem_comp_atom                
2 2 'Structure model' chem_comp_bond                
3 2 'Structure model' database_2                    
4 3 'Structure model' pdbx_initial_refinement_model 
# 
loop_
_pdbx_audit_revision_item.ordinal 
_pdbx_audit_revision_item.revision_ordinal 
_pdbx_audit_revision_item.data_content_type 
_pdbx_audit_revision_item.item 
1 2 'Structure model' '_database_2.pdbx_DOI'                
2 2 'Structure model' '_database_2.pdbx_database_accession' 
# 
_pdbx_database_status.status_code                     REL 
_pdbx_database_status.status_code_sf                  REL 
_pdbx_database_status.status_code_mr                  ? 
_pdbx_database_status.entry_id                        5X2E 
_pdbx_database_status.recvd_initial_deposition_date   2017-01-31 
_pdbx_database_status.SG_entry                        N 
_pdbx_database_status.deposit_site                    PDBJ 
_pdbx_database_status.process_site                    PDBJ 
_pdbx_database_status.status_code_cs                  ? 
_pdbx_database_status.methods_development_category    ? 
_pdbx_database_status.pdb_format_compatible           Y 
_pdbx_database_status.status_code_nmr_data            ? 
# 
_pdbx_database_related.db_name        PDB 
_pdbx_database_related.details        . 
_pdbx_database_related.db_id          5X2D 
_pdbx_database_related.content_type   unspecified 
# 
loop_
_audit_author.name 
_audit_author.pdbx_ordinal 
_audit_author.identifier_ORCID 
'Jo, C.H.'    1 ? 
'Hwang, K.Y.' 2 ? 
# 
_citation.abstract                  ? 
_citation.abstract_id_CAS           ? 
_citation.book_id_ISBN              ? 
_citation.book_publisher            ? 
_citation.book_publisher_city       ? 
_citation.book_title                ? 
_citation.coordinate_linkage        ? 
_citation.country                   UK 
_citation.database_id_Medline       ? 
_citation.details                   ? 
_citation.id                        primary 
_citation.journal_abbrev            'Sci Rep' 
_citation.journal_id_ASTM           ? 
_citation.journal_id_CSD            ? 
_citation.journal_id_ISSN           2045-2322 
_citation.journal_full              ? 
_citation.journal_issue             ? 
_citation.journal_volume            7 
_citation.language                  ? 
_citation.page_first                1764 
_citation.page_last                 1764 
_citation.title                     
'Structural insights into a 20.8-kDa tegumental-allergen-like (TAL) protein from Clonorchis sinensis' 
_citation.year                      2017 
_citation.database_id_CSD           ? 
_citation.pdbx_database_id_DOI      10.1038/s41598-017-02044-0 
_citation.pdbx_database_id_PubMed   28496122 
_citation.unpublished_flag          ? 
# 
loop_
_citation_author.citation_id 
_citation_author.name 
_citation_author.ordinal 
_citation_author.identifier_ORCID 
primary 'Jo, C.H.'    1  ? 
primary 'Son, J.'     2  ? 
primary 'Kim, S.'     3  ? 
primary 'Oda, T.'     4  ? 
primary 'Kim, J.'     5  ? 
primary 'Lee, M.R.'   6  ? 
primary 'Sato, M.'    7  ? 
primary 'Kim, H.T.'   8  ? 
primary 'Unzai, S.'   9  ? 
primary 'Park, S.Y.'  10 ? 
primary 'Hwang, K.Y.' 11 ? 
# 
loop_
_entity.id 
_entity.type 
_entity.src_method 
_entity.pdbx_description 
_entity.formula_weight 
_entity.pdbx_number_of_molecules 
_entity.pdbx_ec 
_entity.pdbx_mutation 
_entity.pdbx_fragment 
_entity.details 
1 polymer     man 'Tegumental protein 20.8 kDa' 9044.101 1   ? ? 'Calmodulin domain, UNP residues 2-81' ? 
2 non-polymer syn 'CALCIUM ION'                 40.078   1   ? ? ?                                      ? 
3 water       nat water                         18.015   112 ? ? ?                                      ? 
# 
_entity_name_com.entity_id   1 
_entity_name_com.name        CsTAL3 
# 
_entity_poly.entity_id                      1 
_entity_poly.type                           'polypeptide(L)' 
_entity_poly.nstd_linkage                   no 
_entity_poly.nstd_monomer                   no 
_entity_poly.pdbx_seq_one_letter_code       DSFINIFVSIDKDGTNVISYPELEQYVAENNLDPSMVEKWKQLFDPDNTGSITLETFCSKLGLKPAEIIDFREQKGLHAA 
_entity_poly.pdbx_seq_one_letter_code_can   DSFINIFVSIDKDGTNVISYPELEQYVAENNLDPSMVEKWKQLFDPDNTGSITLETFCSKLGLKPAEIIDFREQKGLHAA 
_entity_poly.pdbx_strand_id                 A 
_entity_poly.pdbx_target_identifier         ? 
# 
loop_
_pdbx_entity_nonpoly.entity_id 
_pdbx_entity_nonpoly.name 
_pdbx_entity_nonpoly.comp_id 
2 'CALCIUM ION' CA  
3 water         HOH 
# 
loop_
_entity_poly_seq.entity_id 
_entity_poly_seq.num 
_entity_poly_seq.mon_id 
_entity_poly_seq.hetero 
1 1  ASP n 
1 2  SER n 
1 3  PHE n 
1 4  ILE n 
1 5  ASN n 
1 6  ILE n 
1 7  PHE n 
1 8  VAL n 
1 9  SER n 
1 10 ILE n 
1 11 ASP n 
1 12 LYS n 
1 13 ASP n 
1 14 GLY n 
1 15 THR n 
1 16 ASN n 
1 17 VAL n 
1 18 ILE n 
1 19 SER n 
1 20 TYR n 
1 21 PRO n 
1 22 GLU n 
1 23 LEU n 
1 24 GLU n 
1 25 GLN n 
1 26 TYR n 
1 27 VAL n 
1 28 ALA n 
1 29 GLU n 
1 30 ASN n 
1 31 ASN n 
1 32 LEU n 
1 33 ASP n 
1 34 PRO n 
1 35 SER n 
1 36 MET n 
1 37 VAL n 
1 38 GLU n 
1 39 LYS n 
1 40 TRP n 
1 41 LYS n 
1 42 GLN n 
1 43 LEU n 
1 44 PHE n 
1 45 ASP n 
1 46 PRO n 
1 47 ASP n 
1 48 ASN n 
1 49 THR n 
1 50 GLY n 
1 51 SER n 
1 52 ILE n 
1 53 THR n 
1 54 LEU n 
1 55 GLU n 
1 56 THR n 
1 57 PHE n 
1 58 CYS n 
1 59 SER n 
1 60 LYS n 
1 61 LEU n 
1 62 GLY n 
1 63 LEU n 
1 64 LYS n 
1 65 PRO n 
1 66 ALA n 
1 67 GLU n 
1 68 ILE n 
1 69 ILE n 
1 70 ASP n 
1 71 PHE n 
1 72 ARG n 
1 73 GLU n 
1 74 GLN n 
1 75 LYS n 
1 76 GLY n 
1 77 LEU n 
1 78 HIS n 
1 79 ALA n 
1 80 ALA n 
# 
_entity_src_gen.entity_id                          1 
_entity_src_gen.pdbx_src_id                        1 
_entity_src_gen.pdbx_alt_source_flag               sample 
_entity_src_gen.pdbx_seq_type                      'Biological sequence' 
_entity_src_gen.pdbx_beg_seq_num                   1 
_entity_src_gen.pdbx_end_seq_num                   80 
_entity_src_gen.gene_src_common_name               'Chinese liver fluke' 
_entity_src_gen.gene_src_genus                     ? 
_entity_src_gen.pdbx_gene_src_gene                 ? 
_entity_src_gen.gene_src_species                   ? 
_entity_src_gen.gene_src_strain                    ? 
_entity_src_gen.gene_src_tissue                    ? 
_entity_src_gen.gene_src_tissue_fraction           ? 
_entity_src_gen.gene_src_details                   ? 
_entity_src_gen.pdbx_gene_src_fragment             ? 
_entity_src_gen.pdbx_gene_src_scientific_name      'Clonorchis sinensis' 
_entity_src_gen.pdbx_gene_src_ncbi_taxonomy_id     79923 
_entity_src_gen.pdbx_gene_src_variant              ? 
_entity_src_gen.pdbx_gene_src_cell_line            ? 
_entity_src_gen.pdbx_gene_src_atcc                 ? 
_entity_src_gen.pdbx_gene_src_organ                ? 
_entity_src_gen.pdbx_gene_src_organelle            ? 
_entity_src_gen.pdbx_gene_src_cell                 ? 
_entity_src_gen.pdbx_gene_src_cellular_location    ? 
_entity_src_gen.host_org_common_name               ? 
_entity_src_gen.pdbx_host_org_scientific_name      'Escherichia coli' 
_entity_src_gen.pdbx_host_org_ncbi_taxonomy_id     562 
_entity_src_gen.host_org_genus                     ? 
_entity_src_gen.pdbx_host_org_gene                 ? 
_entity_src_gen.pdbx_host_org_organ                ? 
_entity_src_gen.host_org_species                   ? 
_entity_src_gen.pdbx_host_org_tissue               ? 
_entity_src_gen.pdbx_host_org_tissue_fraction      ? 
_entity_src_gen.pdbx_host_org_strain               ? 
_entity_src_gen.pdbx_host_org_variant              ? 
_entity_src_gen.pdbx_host_org_cell_line            ? 
_entity_src_gen.pdbx_host_org_atcc                 ? 
_entity_src_gen.pdbx_host_org_culture_collection   ? 
_entity_src_gen.pdbx_host_org_cell                 ? 
_entity_src_gen.pdbx_host_org_organelle            ? 
_entity_src_gen.pdbx_host_org_cellular_location    ? 
_entity_src_gen.pdbx_host_org_vector_type          ? 
_entity_src_gen.pdbx_host_org_vector               ? 
_entity_src_gen.host_org_details                   ? 
_entity_src_gen.expression_system_id               ? 
_entity_src_gen.plasmid_name                       ? 
_entity_src_gen.plasmid_details                    ? 
_entity_src_gen.pdbx_description                   ? 
# 
loop_
_chem_comp.id 
_chem_comp.type 
_chem_comp.mon_nstd_flag 
_chem_comp.name 
_chem_comp.pdbx_synonyms 
_chem_comp.formula 
_chem_comp.formula_weight 
ALA 'L-peptide linking' y ALANINE         ? 'C3 H7 N O2'     89.093  
ARG 'L-peptide linking' y ARGININE        ? 'C6 H15 N4 O2 1' 175.209 
ASN 'L-peptide linking' y ASPARAGINE      ? 'C4 H8 N2 O3'    132.118 
ASP 'L-peptide linking' y 'ASPARTIC ACID' ? 'C4 H7 N O4'     133.103 
CA  non-polymer         . 'CALCIUM ION'   ? 'Ca 2'           40.078  
CYS 'L-peptide linking' y CYSTEINE        ? 'C3 H7 N O2 S'   121.158 
GLN 'L-peptide linking' y GLUTAMINE       ? 'C5 H10 N2 O3'   146.144 
GLU 'L-peptide linking' y 'GLUTAMIC ACID' ? 'C5 H9 N O4'     147.129 
GLY 'peptide linking'   y GLYCINE         ? 'C2 H5 N O2'     75.067  
HIS 'L-peptide linking' y HISTIDINE       ? 'C6 H10 N3 O2 1' 156.162 
HOH non-polymer         . WATER           ? 'H2 O'           18.015  
ILE 'L-peptide linking' y ISOLEUCINE      ? 'C6 H13 N O2'    131.173 
LEU 'L-peptide linking' y LEUCINE         ? 'C6 H13 N O2'    131.173 
LYS 'L-peptide linking' y LYSINE          ? 'C6 H15 N2 O2 1' 147.195 
MET 'L-peptide linking' y METHIONINE      ? 'C5 H11 N O2 S'  149.211 
PHE 'L-peptide linking' y PHENYLALANINE   ? 'C9 H11 N O2'    165.189 
PRO 'L-peptide linking' y PROLINE         ? 'C5 H9 N O2'     115.130 
SER 'L-peptide linking' y SERINE          ? 'C3 H7 N O3'     105.093 
THR 'L-peptide linking' y THREONINE       ? 'C4 H9 N O3'     119.119 
TRP 'L-peptide linking' y TRYPTOPHAN      ? 'C11 H12 N2 O2'  204.225 
TYR 'L-peptide linking' y TYROSINE        ? 'C9 H11 N O3'    181.189 
VAL 'L-peptide linking' y VALINE          ? 'C5 H11 N O2'    117.146 
# 
loop_
_pdbx_poly_seq_scheme.asym_id 
_pdbx_poly_seq_scheme.entity_id 
_pdbx_poly_seq_scheme.seq_id 
_pdbx_poly_seq_scheme.mon_id 
_pdbx_poly_seq_scheme.ndb_seq_num 
_pdbx_poly_seq_scheme.pdb_seq_num 
_pdbx_poly_seq_scheme.auth_seq_num 
_pdbx_poly_seq_scheme.pdb_mon_id 
_pdbx_poly_seq_scheme.auth_mon_id 
_pdbx_poly_seq_scheme.pdb_strand_id 
_pdbx_poly_seq_scheme.pdb_ins_code 
_pdbx_poly_seq_scheme.hetero 
A 1 1  ASP 1  2  2  ASP ASP A . n 
A 1 2  SER 2  3  3  SER SER A . n 
A 1 3  PHE 3  4  4  PHE PHE A . n 
A 1 4  ILE 4  5  5  ILE ILE A . n 
A 1 5  ASN 5  6  6  ASN ASN A . n 
A 1 6  ILE 6  7  7  ILE ILE A . n 
A 1 7  PHE 7  8  8  PHE PHE A . n 
A 1 8  VAL 8  9  9  VAL VAL A . n 
A 1 9  SER 9  10 10 SER SER A . n 
A 1 10 ILE 10 11 11 ILE ILE A . n 
A 1 11 ASP 11 12 12 ASP ASP A . n 
A 1 12 LYS 12 13 13 LYS LYS A . n 
A 1 13 ASP 13 14 14 ASP ASP A . n 
A 1 14 GLY 14 15 15 GLY GLY A . n 
A 1 15 THR 15 16 16 THR THR A . n 
A 1 16 ASN 16 17 17 ASN ASN A . n 
A 1 17 VAL 17 18 18 VAL VAL A . n 
A 1 18 ILE 18 19 19 ILE ILE A . n 
A 1 19 SER 19 20 20 SER SER A . n 
A 1 20 TYR 20 21 21 TYR TYR A . n 
A 1 21 PRO 21 22 22 PRO PRO A . n 
A 1 22 GLU 22 23 23 GLU GLU A . n 
A 1 23 LEU 23 24 24 LEU LEU A . n 
A 1 24 GLU 24 25 25 GLU GLU A . n 
A 1 25 GLN 25 26 26 GLN GLN A . n 
A 1 26 TYR 26 27 27 TYR TYR A . n 
A 1 27 VAL 27 28 28 VAL VAL A . n 
A 1 28 ALA 28 29 29 ALA ALA A . n 
A 1 29 GLU 29 30 30 GLU GLU A . n 
A 1 30 ASN 30 31 31 ASN ASN A . n 
A 1 31 ASN 31 32 32 ASN ASN A . n 
A 1 32 LEU 32 33 33 LEU LEU A . n 
A 1 33 ASP 33 34 34 ASP ASP A . n 
A 1 34 PRO 34 35 35 PRO PRO A . n 
A 1 35 SER 35 36 36 SER SER A . n 
A 1 36 MET 36 37 37 MET MET A . n 
A 1 37 VAL 37 38 38 VAL VAL A . n 
A 1 38 GLU 38 39 39 GLU GLU A . n 
A 1 39 LYS 39 40 40 LYS LYS A . n 
A 1 40 TRP 40 41 41 TRP TRP A . n 
A 1 41 LYS 41 42 42 LYS LYS A . n 
A 1 42 GLN 42 43 43 GLN GLN A . n 
A 1 43 LEU 43 44 44 LEU LEU A . n 
A 1 44 PHE 44 45 45 PHE PHE A . n 
A 1 45 ASP 45 46 46 ASP ASP A . n 
A 1 46 PRO 46 47 47 PRO PRO A . n 
A 1 47 ASP 47 48 48 ASP ASP A . n 
A 1 48 ASN 48 49 49 ASN ASN A . n 
A 1 49 THR 49 50 50 THR THR A . n 
A 1 50 GLY 50 51 51 GLY GLY A . n 
A 1 51 SER 51 52 52 SER SER A . n 
A 1 52 ILE 52 53 53 ILE ILE A . n 
A 1 53 THR 53 54 54 THR THR A . n 
A 1 54 LEU 54 55 55 LEU LEU A . n 
A 1 55 GLU 55 56 56 GLU GLU A . n 
A 1 56 THR 56 57 57 THR THR A . n 
A 1 57 PHE 57 58 58 PHE PHE A . n 
A 1 58 CYS 58 59 59 CYS CYS A . n 
A 1 59 SER 59 60 60 SER SER A . n 
A 1 60 LYS 60 61 61 LYS LYS A . n 
A 1 61 LEU 61 62 62 LEU LEU A . n 
A 1 62 GLY 62 63 63 GLY GLY A . n 
A 1 63 LEU 63 64 64 LEU LEU A . n 
A 1 64 LYS 64 65 65 LYS LYS A . n 
A 1 65 PRO 65 66 66 PRO PRO A . n 
A 1 66 ALA 66 67 67 ALA ALA A . n 
A 1 67 GLU 67 68 68 GLU GLU A . n 
A 1 68 ILE 68 69 69 ILE ILE A . n 
A 1 69 ILE 69 70 70 ILE ILE A . n 
A 1 70 ASP 70 71 71 ASP ASP A . n 
A 1 71 PHE 71 72 72 PHE PHE A . n 
A 1 72 ARG 72 73 73 ARG ARG A . n 
A 1 73 GLU 73 74 74 GLU GLU A . n 
A 1 74 GLN 74 75 75 GLN GLN A . n 
A 1 75 LYS 75 76 76 LYS LYS A . n 
A 1 76 GLY 76 77 77 GLY GLY A . n 
A 1 77 LEU 77 78 78 LEU LEU A . n 
A 1 78 HIS 78 79 79 HIS HIS A . n 
A 1 79 ALA 79 80 80 ALA ALA A . n 
A 1 80 ALA 80 81 81 ALA ALA A . n 
# 
loop_
_pdbx_nonpoly_scheme.asym_id 
_pdbx_nonpoly_scheme.entity_id 
_pdbx_nonpoly_scheme.mon_id 
_pdbx_nonpoly_scheme.ndb_seq_num 
_pdbx_nonpoly_scheme.pdb_seq_num 
_pdbx_nonpoly_scheme.auth_seq_num 
_pdbx_nonpoly_scheme.pdb_mon_id 
_pdbx_nonpoly_scheme.auth_mon_id 
_pdbx_nonpoly_scheme.pdb_strand_id 
_pdbx_nonpoly_scheme.pdb_ins_code 
B 2 CA  1   101 1   CA  CA  A . 
C 3 HOH 1   201 100 HOH HOH A . 
C 3 HOH 2   202 64  HOH HOH A . 
C 3 HOH 3   203 43  HOH HOH A . 
C 3 HOH 4   204 72  HOH HOH A . 
C 3 HOH 5   205 118 HOH HOH A . 
C 3 HOH 6   206 48  HOH HOH A . 
C 3 HOH 7   207 30  HOH HOH A . 
C 3 HOH 8   208 40  HOH HOH A . 
C 3 HOH 9   209 101 HOH HOH A . 
C 3 HOH 10  210 90  HOH HOH A . 
C 3 HOH 11  211 47  HOH HOH A . 
C 3 HOH 12  212 17  HOH HOH A . 
C 3 HOH 13  213 69  HOH HOH A . 
C 3 HOH 14  214 46  HOH HOH A . 
C 3 HOH 15  215 112 HOH HOH A . 
C 3 HOH 16  216 50  HOH HOH A . 
C 3 HOH 17  217 82  HOH HOH A . 
C 3 HOH 18  218 10  HOH HOH A . 
C 3 HOH 19  219 83  HOH HOH A . 
C 3 HOH 20  220 9   HOH HOH A . 
C 3 HOH 21  221 71  HOH HOH A . 
C 3 HOH 22  222 39  HOH HOH A . 
C 3 HOH 23  223 60  HOH HOH A . 
C 3 HOH 24  224 107 HOH HOH A . 
C 3 HOH 25  225 6   HOH HOH A . 
C 3 HOH 26  226 91  HOH HOH A . 
C 3 HOH 27  227 67  HOH HOH A . 
C 3 HOH 28  228 94  HOH HOH A . 
C 3 HOH 29  229 18  HOH HOH A . 
C 3 HOH 30  230 58  HOH HOH A . 
C 3 HOH 31  231 76  HOH HOH A . 
C 3 HOH 32  232 53  HOH HOH A . 
C 3 HOH 33  233 5   HOH HOH A . 
C 3 HOH 34  234 24  HOH HOH A . 
C 3 HOH 35  235 3   HOH HOH A . 
C 3 HOH 36  236 109 HOH HOH A . 
C 3 HOH 37  237 38  HOH HOH A . 
C 3 HOH 38  238 26  HOH HOH A . 
C 3 HOH 39  239 37  HOH HOH A . 
C 3 HOH 40  240 52  HOH HOH A . 
C 3 HOH 41  241 49  HOH HOH A . 
C 3 HOH 42  242 8   HOH HOH A . 
C 3 HOH 43  243 103 HOH HOH A . 
C 3 HOH 44  244 113 HOH HOH A . 
C 3 HOH 45  245 19  HOH HOH A . 
C 3 HOH 46  246 4   HOH HOH A . 
C 3 HOH 47  247 33  HOH HOH A . 
C 3 HOH 48  248 108 HOH HOH A . 
C 3 HOH 49  249 41  HOH HOH A . 
C 3 HOH 50  250 116 HOH HOH A . 
C 3 HOH 51  251 14  HOH HOH A . 
C 3 HOH 52  252 22  HOH HOH A . 
C 3 HOH 53  253 25  HOH HOH A . 
C 3 HOH 54  254 93  HOH HOH A . 
C 3 HOH 55  255 1   HOH HOH A . 
C 3 HOH 56  256 97  HOH HOH A . 
C 3 HOH 57  257 16  HOH HOH A . 
C 3 HOH 58  258 13  HOH HOH A . 
C 3 HOH 59  259 31  HOH HOH A . 
C 3 HOH 60  260 78  HOH HOH A . 
C 3 HOH 61  261 114 HOH HOH A . 
C 3 HOH 62  262 2   HOH HOH A . 
C 3 HOH 63  263 57  HOH HOH A . 
C 3 HOH 64  264 54  HOH HOH A . 
C 3 HOH 65  265 106 HOH HOH A . 
C 3 HOH 66  266 85  HOH HOH A . 
C 3 HOH 67  267 80  HOH HOH A . 
C 3 HOH 68  268 87  HOH HOH A . 
C 3 HOH 69  269 15  HOH HOH A . 
C 3 HOH 70  270 74  HOH HOH A . 
C 3 HOH 71  271 84  HOH HOH A . 
C 3 HOH 72  272 68  HOH HOH A . 
C 3 HOH 73  273 88  HOH HOH A . 
C 3 HOH 74  274 29  HOH HOH A . 
C 3 HOH 75  275 102 HOH HOH A . 
C 3 HOH 76  276 98  HOH HOH A . 
C 3 HOH 77  277 86  HOH HOH A . 
C 3 HOH 78  278 44  HOH HOH A . 
C 3 HOH 79  279 56  HOH HOH A . 
C 3 HOH 80  280 28  HOH HOH A . 
C 3 HOH 81  281 79  HOH HOH A . 
C 3 HOH 82  282 42  HOH HOH A . 
C 3 HOH 83  283 75  HOH HOH A . 
C 3 HOH 84  284 23  HOH HOH A . 
C 3 HOH 85  285 27  HOH HOH A . 
C 3 HOH 86  286 95  HOH HOH A . 
C 3 HOH 87  287 77  HOH HOH A . 
C 3 HOH 88  288 11  HOH HOH A . 
C 3 HOH 89  289 21  HOH HOH A . 
C 3 HOH 90  290 7   HOH HOH A . 
C 3 HOH 91  291 65  HOH HOH A . 
C 3 HOH 92  292 51  HOH HOH A . 
C 3 HOH 93  293 119 HOH HOH A . 
C 3 HOH 94  294 20  HOH HOH A . 
C 3 HOH 95  295 61  HOH HOH A . 
C 3 HOH 96  296 45  HOH HOH A . 
C 3 HOH 97  297 105 HOH HOH A . 
C 3 HOH 98  298 34  HOH HOH A . 
C 3 HOH 99  299 12  HOH HOH A . 
C 3 HOH 100 300 92  HOH HOH A . 
C 3 HOH 101 301 120 HOH HOH A . 
C 3 HOH 102 302 117 HOH HOH A . 
C 3 HOH 103 303 32  HOH HOH A . 
C 3 HOH 104 304 99  HOH HOH A . 
C 3 HOH 105 305 62  HOH HOH A . 
C 3 HOH 106 306 104 HOH HOH A . 
C 3 HOH 107 307 115 HOH HOH A . 
C 3 HOH 108 308 73  HOH HOH A . 
C 3 HOH 109 309 111 HOH HOH A . 
C 3 HOH 110 310 110 HOH HOH A . 
C 3 HOH 111 311 89  HOH HOH A . 
C 3 HOH 112 312 36  HOH HOH A . 
# 
loop_
_software.citation_id 
_software.classification 
_software.compiler_name 
_software.compiler_version 
_software.contact_author 
_software.contact_author_email 
_software.date 
_software.description 
_software.dependencies 
_software.hardware 
_software.language 
_software.location 
_software.mods 
_software.name 
_software.os 
_software.os_version 
_software.type 
_software.version 
_software.pdbx_ordinal 
? refinement       ? ? ? ? ? ? ? ? ? ? ? PHENIX   ? ? ? 1.8.3_1479 1 
? 'data scaling'   ? ? ? ? ? ? ? ? ? ? ? HKL-2000 ? ? ? .          2 
? 'data reduction' ? ? ? ? ? ? ? ? ? ? ? HKL-2000 ? ? ? .          3 
? phasing          ? ? ? ? ? ? ? ? ? ? ? PHENIX   ? ? ? 1.9_1692   4 
# 
_cell.entry_id           5X2E 
_cell.length_a           47.827 
_cell.length_b           47.827 
_cell.length_c           42.537 
_cell.angle_alpha        90.00 
_cell.angle_beta         90.00 
_cell.angle_gamma        90.00 
_cell.Z_PDB              4 
_cell.pdbx_unique_axis   ? 
# 
_symmetry.entry_id                         5X2E 
_symmetry.space_group_name_H-M             'P 41' 
_symmetry.pdbx_full_space_group_name_H-M   ? 
_symmetry.cell_setting                     ? 
_symmetry.Int_Tables_number                76 
# 
_exptl.absorpt_coefficient_mu     ? 
_exptl.absorpt_correction_T_max   ? 
_exptl.absorpt_correction_T_min   ? 
_exptl.absorpt_correction_type    ? 
_exptl.absorpt_process_details    ? 
_exptl.entry_id                   5X2E 
_exptl.crystals_number            1 
_exptl.details                    ? 
_exptl.method                     'X-RAY DIFFRACTION' 
_exptl.method_details             ? 
# 
_exptl_crystal.colour                      ? 
_exptl_crystal.density_diffrn              ? 
_exptl_crystal.density_Matthews            2.63 
_exptl_crystal.density_method              ? 
_exptl_crystal.density_percent_sol         53.21 
_exptl_crystal.description                 ? 
_exptl_crystal.F_000                       ? 
_exptl_crystal.id                          1 
_exptl_crystal.preparation                 ? 
_exptl_crystal.size_max                    ? 
_exptl_crystal.size_mid                    ? 
_exptl_crystal.size_min                    ? 
_exptl_crystal.size_rad                    ? 
_exptl_crystal.colour_lustre               ? 
_exptl_crystal.colour_modifier             ? 
_exptl_crystal.colour_primary              ? 
_exptl_crystal.density_meas                ? 
_exptl_crystal.density_meas_esd            ? 
_exptl_crystal.density_meas_gt             ? 
_exptl_crystal.density_meas_lt             ? 
_exptl_crystal.density_meas_temp           ? 
_exptl_crystal.density_meas_temp_esd       ? 
_exptl_crystal.density_meas_temp_gt        ? 
_exptl_crystal.density_meas_temp_lt        ? 
_exptl_crystal.pdbx_crystal_image_url      ? 
_exptl_crystal.pdbx_crystal_image_format   ? 
_exptl_crystal.pdbx_mosaicity              ? 
_exptl_crystal.pdbx_mosaicity_esd          ? 
# 
_exptl_crystal_grow.apparatus       ? 
_exptl_crystal_grow.atmosphere      ? 
_exptl_crystal_grow.crystal_id      1 
_exptl_crystal_grow.details         ? 
_exptl_crystal_grow.method          'VAPOR DIFFUSION, HANGING DROP' 
_exptl_crystal_grow.method_ref      ? 
_exptl_crystal_grow.pH              7.5 
_exptl_crystal_grow.pressure        ? 
_exptl_crystal_grow.pressure_esd    ? 
_exptl_crystal_grow.seeding         ? 
_exptl_crystal_grow.seeding_ref     ? 
_exptl_crystal_grow.temp            295.15 
_exptl_crystal_grow.temp_details    ? 
_exptl_crystal_grow.temp_esd        ? 
_exptl_crystal_grow.time            ? 
_exptl_crystal_grow.pdbx_details    '90 mM sodium acetate, 3.25 M NaCl' 
_exptl_crystal_grow.pdbx_pH_range   ? 
# 
_diffrn.ambient_environment    ? 
_diffrn.ambient_temp           100 
_diffrn.ambient_temp_details   ? 
_diffrn.ambient_temp_esd       ? 
_diffrn.crystal_id             1 
_diffrn.crystal_support        ? 
_diffrn.crystal_treatment      ? 
_diffrn.details                ? 
_diffrn.id                     1 
_diffrn.ambient_pressure       ? 
_diffrn.ambient_pressure_esd   ? 
_diffrn.ambient_pressure_gt    ? 
_diffrn.ambient_pressure_lt    ? 
_diffrn.ambient_temp_gt        ? 
_diffrn.ambient_temp_lt        ? 
# 
_diffrn_detector.details                      ? 
_diffrn_detector.detector                     CCD 
_diffrn_detector.diffrn_id                    1 
_diffrn_detector.type                         'DECTRIS PILATUS3 S 6M' 
_diffrn_detector.area_resol_mean              ? 
_diffrn_detector.dtime                        ? 
_diffrn_detector.pdbx_frames_total            ? 
_diffrn_detector.pdbx_collection_time_total   ? 
_diffrn_detector.pdbx_collection_date         2014-12-02 
# 
_diffrn_radiation.collimation                      ? 
_diffrn_radiation.diffrn_id                        1 
_diffrn_radiation.filter_edge                      ? 
_diffrn_radiation.inhomogeneity                    ? 
_diffrn_radiation.monochromator                    ? 
_diffrn_radiation.polarisn_norm                    ? 
_diffrn_radiation.polarisn_ratio                   ? 
_diffrn_radiation.probe                            ? 
_diffrn_radiation.type                             ? 
_diffrn_radiation.xray_symbol                      ? 
_diffrn_radiation.wavelength_id                    1 
_diffrn_radiation.pdbx_monochromatic_or_laue_m_l   M 
_diffrn_radiation.pdbx_wavelength_list             ? 
_diffrn_radiation.pdbx_wavelength                  ? 
_diffrn_radiation.pdbx_diffrn_protocol             'SINGLE WAVELENGTH' 
_diffrn_radiation.pdbx_analyzer                    ? 
_diffrn_radiation.pdbx_scattering_type             x-ray 
# 
_diffrn_radiation_wavelength.id           1 
_diffrn_radiation_wavelength.wavelength   0.9800 
_diffrn_radiation_wavelength.wt           1.0 
# 
_diffrn_source.current                     ? 
_diffrn_source.details                     ? 
_diffrn_source.diffrn_id                   1 
_diffrn_source.power                       ? 
_diffrn_source.size                        ? 
_diffrn_source.source                      SYNCHROTRON 
_diffrn_source.target                      ? 
_diffrn_source.type                        'PHOTON FACTORY BEAMLINE BL-17A' 
_diffrn_source.voltage                     ? 
_diffrn_source.take-off_angle              ? 
_diffrn_source.pdbx_wavelength_list        0.9800 
_diffrn_source.pdbx_wavelength             ? 
_diffrn_source.pdbx_synchrotron_beamline   BL-17A 
_diffrn_source.pdbx_synchrotron_site       'Photon Factory' 
# 
_reflns.B_iso_Wilson_estimate            ? 
_reflns.entry_id                         5X2E 
_reflns.data_reduction_details           ? 
_reflns.data_reduction_method            ? 
_reflns.d_resolution_high                1.300 
_reflns.d_resolution_low                 50.000 
_reflns.details                          ? 
_reflns.limit_h_max                      ? 
_reflns.limit_h_min                      ? 
_reflns.limit_k_max                      ? 
_reflns.limit_k_min                      ? 
_reflns.limit_l_max                      ? 
_reflns.limit_l_min                      ? 
_reflns.number_all                       ? 
_reflns.number_obs                       23678 
_reflns.observed_criterion               ? 
_reflns.observed_criterion_F_max         ? 
_reflns.observed_criterion_F_min         ? 
_reflns.observed_criterion_I_max         ? 
_reflns.observed_criterion_I_min         ? 
_reflns.observed_criterion_sigma_F       ? 
_reflns.observed_criterion_sigma_I       ? 
_reflns.percent_possible_obs             99.600 
_reflns.R_free_details                   ? 
_reflns.Rmerge_F_all                     ? 
_reflns.Rmerge_F_obs                     ? 
_reflns.Friedel_coverage                 ? 
_reflns.number_gt                        ? 
_reflns.threshold_expression             ? 
_reflns.pdbx_redundancy                  10.400 
_reflns.pdbx_Rmerge_I_obs                0.033 
_reflns.pdbx_Rmerge_I_all                ? 
_reflns.pdbx_Rsym_value                  ? 
_reflns.pdbx_netI_over_av_sigmaI         ? 
_reflns.pdbx_netI_over_sigmaI            11.200 
_reflns.pdbx_res_netI_over_av_sigmaI_2   ? 
_reflns.pdbx_res_netI_over_sigmaI_2      ? 
_reflns.pdbx_chi_squared                 0.557 
_reflns.pdbx_scaling_rejects             ? 
_reflns.pdbx_d_res_high_opt              ? 
_reflns.pdbx_d_res_low_opt               ? 
_reflns.pdbx_d_res_opt_method            ? 
_reflns.phase_calculation_details        ? 
_reflns.pdbx_Rrim_I_all                  0.035 
_reflns.pdbx_Rpim_I_all                  0.010 
_reflns.pdbx_d_opt                       ? 
_reflns.pdbx_number_measured_all         ? 
_reflns.pdbx_diffrn_id                   1 
_reflns.pdbx_ordinal                     1 
_reflns.pdbx_CC_half                     ? 
_reflns.pdbx_R_split                     ? 
# 
loop_
_reflns_shell.d_res_high 
_reflns_shell.d_res_low 
_reflns_shell.meanI_over_sigI_all 
_reflns_shell.meanI_over_sigI_obs 
_reflns_shell.number_measured_all 
_reflns_shell.number_measured_obs 
_reflns_shell.number_possible 
_reflns_shell.number_unique_all 
_reflns_shell.number_unique_obs 
_reflns_shell.percent_possible_all 
_reflns_shell.percent_possible_obs 
_reflns_shell.Rmerge_F_all 
_reflns_shell.Rmerge_F_obs 
_reflns_shell.Rmerge_I_all 
_reflns_shell.Rmerge_I_obs 
_reflns_shell.meanI_over_sigI_gt 
_reflns_shell.meanI_over_uI_all 
_reflns_shell.meanI_over_uI_gt 
_reflns_shell.number_measured_gt 
_reflns_shell.number_unique_gt 
_reflns_shell.percent_possible_gt 
_reflns_shell.Rmerge_F_gt 
_reflns_shell.Rmerge_I_gt 
_reflns_shell.pdbx_redundancy 
_reflns_shell.pdbx_Rsym_value 
_reflns_shell.pdbx_chi_squared 
_reflns_shell.pdbx_netI_over_sigmaI_all 
_reflns_shell.pdbx_netI_over_sigmaI_obs 
_reflns_shell.pdbx_Rrim_I_all 
_reflns_shell.pdbx_Rpim_I_all 
_reflns_shell.pdbx_rejects 
_reflns_shell.pdbx_ordinal 
_reflns_shell.pdbx_diffrn_id 
_reflns_shell.pdbx_CC_half 
_reflns_shell.pdbx_R_split 
1.300 1.320  ? ? ? ? ? ? ? 99.400  ? ? ? ? 0.392 ? ? ? ? ? ? ? ? 6.500  ? 0.289 ? ? 0.424 0.158 ? 1  1 0.739 ? 
1.320 1.350  ? ? ? ? ? ? ? 99.600  ? ? ? ? 0.366 ? ? ? ? ? ? ? ? 7.100  ? 0.296 ? ? 0.394 0.141 ? 2  1 0.797 ? 
1.350 1.370  ? ? ? ? ? ? ? 99.800  ? ? ? ? 0.319 ? ? ? ? ? ? ? ? 7.100  ? 0.318 ? ? 0.343 0.122 ? 3  1 0.869 ? 
1.370 1.400  ? ? ? ? ? ? ? 99.800  ? ? ? ? 0.293 ? ? ? ? ? ? ? ? 8.300  ? 0.352 ? ? 0.311 0.103 ? 4  1 0.915 ? 
1.400 1.430  ? ? ? ? ? ? ? 99.700  ? ? ? ? 0.264 ? ? ? ? ? ? ? ? 8.400  ? 0.349 ? ? 0.280 0.093 ? 5  1 0.956 ? 
1.430 1.460  ? ? ? ? ? ? ? 99.500  ? ? ? ? 0.220 ? ? ? ? ? ? ? ? 8.500  ? 0.377 ? ? 0.233 0.077 ? 6  1 0.964 ? 
1.460 1.500  ? ? ? ? ? ? ? 100.000 ? ? ? ? 0.182 ? ? ? ? ? ? ? ? 9.800  ? 0.407 ? ? 0.192 0.059 ? 7  1 0.981 ? 
1.500 1.540  ? ? ? ? ? ? ? 100.000 ? ? ? ? 0.153 ? ? ? ? ? ? ? ? 10.000 ? 0.434 ? ? 0.161 0.049 ? 8  1 0.988 ? 
1.540 1.590  ? ? ? ? ? ? ? 99.800  ? ? ? ? 0.127 ? ? ? ? ? ? ? ? 10.000 ? 0.451 ? ? 0.134 0.041 ? 9  1 0.992 ? 
1.590 1.640  ? ? ? ? ? ? ? 99.900  ? ? ? ? 0.099 ? ? ? ? ? ? ? ? 10.300 ? 0.475 ? ? 0.104 0.031 ? 10 1 0.995 ? 
1.640 1.700  ? ? ? ? ? ? ? 100.000 ? ? ? ? 0.083 ? ? ? ? ? ? ? ? 11.200 ? 0.495 ? ? 0.086 0.025 ? 11 1 0.997 ? 
1.700 1.760  ? ? ? ? ? ? ? 99.700  ? ? ? ? 0.066 ? ? ? ? ? ? ? ? 11.100 ? 0.522 ? ? 0.070 0.020 ? 12 1 0.998 ? 
1.760 1.840  ? ? ? ? ? ? ? 99.900  ? ? ? ? 0.056 ? ? ? ? ? ? ? ? 12.000 ? 0.569 ? ? 0.059 0.016 ? 13 1 0.999 ? 
1.840 1.940  ? ? ? ? ? ? ? 100.000 ? ? ? ? 0.048 ? ? ? ? ? ? ? ? 12.500 ? 0.588 ? ? 0.050 0.014 ? 14 1 0.999 ? 
1.940 2.060  ? ? ? ? ? ? ? 99.800  ? ? ? ? 0.039 ? ? ? ? ? ? ? ? 11.900 ? 0.600 ? ? 0.041 0.012 ? 15 1 0.999 ? 
2.060 2.220  ? ? ? ? ? ? ? 100.000 ? ? ? ? 0.034 ? ? ? ? ? ? ? ? 13.100 ? 0.630 ? ? 0.036 0.010 ? 16 1 0.999 ? 
2.220 2.450  ? ? ? ? ? ? ? 99.900  ? ? ? ? 0.031 ? ? ? ? ? ? ? ? 12.400 ? 0.687 ? ? 0.033 0.009 ? 17 1 0.999 ? 
2.450 2.800  ? ? ? ? ? ? ? 100.000 ? ? ? ? 0.030 ? ? ? ? ? ? ? ? 13.400 ? 0.723 ? ? 0.032 0.009 ? 18 1 0.999 ? 
2.800 3.530  ? ? ? ? ? ? ? 99.400  ? ? ? ? 0.029 ? ? ? ? ? ? ? ? 12.700 ? 0.828 ? ? 0.030 0.008 ? 19 1 0.999 ? 
3.530 50.000 ? ? ? ? ? ? ? 95.400  ? ? ? ? 0.031 ? ? ? ? ? ? ? ? 12.400 ? 1.031 ? ? 0.032 0.009 ? 20 1 0.999 ? 
# 
_refine.pdbx_refine_id                           'X-RAY DIFFRACTION' 
_refine.entry_id                                 5X2E 
_refine.pdbx_diffrn_id                           1 
_refine.pdbx_TLS_residual_ADP_flag               ? 
_refine.ls_number_reflns_obs                     23657 
_refine.ls_number_reflns_all                     ? 
_refine.pdbx_ls_sigma_I                          ? 
_refine.pdbx_ls_sigma_F                          1.49 
_refine.pdbx_data_cutoff_high_absF               ? 
_refine.pdbx_data_cutoff_low_absF                ? 
_refine.pdbx_data_cutoff_high_rms_absF           ? 
_refine.ls_d_res_low                             47.827 
_refine.ls_d_res_high                            1.299 
_refine.ls_percent_reflns_obs                    99.54 
_refine.ls_R_factor_obs                          0.1831 
_refine.ls_R_factor_all                          ? 
_refine.ls_R_factor_R_work                       0.1801 
_refine.ls_R_factor_R_free                       0.2158 
_refine.ls_R_factor_R_free_error                 ? 
_refine.ls_R_factor_R_free_error_details         ? 
_refine.ls_percent_reflns_R_free                 8.55 
_refine.ls_number_reflns_R_free                  2022 
_refine.ls_number_parameters                     ? 
_refine.ls_number_restraints                     ? 
_refine.occupancy_min                            ? 
_refine.occupancy_max                            ? 
_refine.correlation_coeff_Fo_to_Fc               ? 
_refine.correlation_coeff_Fo_to_Fc_free          ? 
_refine.B_iso_mean                               ? 
_refine.aniso_B[1][1]                            ? 
_refine.aniso_B[2][2]                            ? 
_refine.aniso_B[3][3]                            ? 
_refine.aniso_B[1][2]                            ? 
_refine.aniso_B[1][3]                            ? 
_refine.aniso_B[2][3]                            ? 
_refine.solvent_model_details                    'FLAT BULK SOLVENT MODEL' 
_refine.solvent_model_param_ksol                 ? 
_refine.solvent_model_param_bsol                 ? 
_refine.pdbx_solvent_vdw_probe_radii             1.11 
_refine.pdbx_solvent_ion_probe_radii             ? 
_refine.pdbx_solvent_shrinkage_radii             0.90 
_refine.pdbx_ls_cross_valid_method               'FREE R-VALUE' 
_refine.details                                  ? 
_refine.pdbx_starting_model                      'SAD structure' 
_refine.pdbx_method_to_determine_struct          'MOLECULAR REPLACEMENT' 
_refine.pdbx_isotropic_thermal_model             ? 
_refine.pdbx_stereochemistry_target_values       ML 
_refine.pdbx_stereochem_target_val_spec_case     ? 
_refine.pdbx_R_Free_selection_details            ? 
_refine.pdbx_overall_ESU_R                       ? 
_refine.pdbx_overall_ESU_R_Free                  ? 
_refine.overall_SU_ML                            0.14 
_refine.pdbx_overall_phase_error                 19.86 
_refine.overall_SU_B                             ? 
_refine.overall_SU_R_Cruickshank_DPI             ? 
_refine.pdbx_overall_SU_R_free_Cruickshank_DPI   ? 
_refine.pdbx_overall_SU_R_Blow_DPI               ? 
_refine.pdbx_overall_SU_R_free_Blow_DPI          ? 
# 
_refine_hist.pdbx_refine_id                   'X-RAY DIFFRACTION' 
_refine_hist.cycle_id                         LAST 
_refine_hist.pdbx_number_atoms_protein        636 
_refine_hist.pdbx_number_atoms_nucleic_acid   0 
_refine_hist.pdbx_number_atoms_ligand         1 
_refine_hist.number_atoms_solvent             112 
_refine_hist.number_atoms_total               749 
_refine_hist.d_res_high                       1.299 
_refine_hist.d_res_low                        47.827 
# 
loop_
_refine_ls_restr.type 
_refine_ls_restr.dev_ideal 
_refine_ls_restr.dev_ideal_target 
_refine_ls_restr.weight 
_refine_ls_restr.number 
_refine_ls_restr.pdbx_refine_id 
_refine_ls_restr.pdbx_restraint_function 
f_bond_d           0.011  ? ? 649 'X-RAY DIFFRACTION' ? 
f_angle_d          1.285  ? ? 879 'X-RAY DIFFRACTION' ? 
f_dihedral_angle_d 14.308 ? ? 240 'X-RAY DIFFRACTION' ? 
f_chiral_restr     0.049  ? ? 98  'X-RAY DIFFRACTION' ? 
f_plane_restr      0.009  ? ? 115 'X-RAY DIFFRACTION' ? 
# 
loop_
_refine_ls_shell.pdbx_refine_id 
_refine_ls_shell.pdbx_total_number_of_bins_used 
_refine_ls_shell.d_res_high 
_refine_ls_shell.d_res_low 
_refine_ls_shell.number_reflns_R_work 
_refine_ls_shell.R_factor_R_work 
_refine_ls_shell.percent_reflns_obs 
_refine_ls_shell.R_factor_R_free 
_refine_ls_shell.R_factor_R_free_error 
_refine_ls_shell.percent_reflns_R_free 
_refine_ls_shell.number_reflns_R_free 
_refine_ls_shell.number_reflns_all 
_refine_ls_shell.R_factor_all 
_refine_ls_shell.R_factor_obs 
_refine_ls_shell.number_reflns_obs 
'X-RAY DIFFRACTION' . 1.2992 1.3316  1534 0.2515 99.00  0.3012 . . 143 . . . . 
'X-RAY DIFFRACTION' . 1.3316 1.3677  1536 0.2254 100.00 0.2617 . . 140 . . . . 
'X-RAY DIFFRACTION' . 1.3677 1.4079  1528 0.2012 100.00 0.2338 . . 145 . . . . 
'X-RAY DIFFRACTION' . 1.4079 1.4533  1549 0.1755 99.00  0.2487 . . 144 . . . . 
'X-RAY DIFFRACTION' . 1.4533 1.5053  1533 0.1575 100.00 0.2215 . . 141 . . . . 
'X-RAY DIFFRACTION' . 1.5053 1.5656  1558 0.1535 100.00 0.2018 . . 143 . . . . 
'X-RAY DIFFRACTION' . 1.5656 1.6368  1528 0.1554 100.00 0.2202 . . 145 . . . . 
'X-RAY DIFFRACTION' . 1.6368 1.7231  1539 0.1537 100.00 0.1835 . . 148 . . . . 
'X-RAY DIFFRACTION' . 1.7231 1.8311  1564 0.1550 100.00 0.2270 . . 143 . . . . 
'X-RAY DIFFRACTION' . 1.8311 1.9725  1535 0.1661 100.00 0.2297 . . 142 . . . . 
'X-RAY DIFFRACTION' . 1.9725 2.1710  1578 0.1624 100.00 0.1985 . . 147 . . . . 
'X-RAY DIFFRACTION' . 2.1710 2.4851  1550 0.1658 100.00 0.1867 . . 145 . . . . 
'X-RAY DIFFRACTION' . 2.4851 3.1309  1554 0.2011 100.00 0.2492 . . 145 . . . . 
'X-RAY DIFFRACTION' . 3.1309 47.8594 1549 0.1883 97.00  0.2078 . . 151 . . . . 
# 
_struct.entry_id                     5X2E 
_struct.title                        'Crystal structure of Calmodulin like domain of CsTAL3 (1-81aa)' 
_struct.pdbx_model_details           ? 
_struct.pdbx_formula_weight          ? 
_struct.pdbx_formula_weight_method   ? 
_struct.pdbx_model_type_details      ? 
_struct.pdbx_CASP_flag               N 
# 
_struct_keywords.entry_id        5X2E 
_struct_keywords.text            'Calcium-binding protein, CsTAL3, Calmodulin, Clonorchis sinensis, CELL ADHESION' 
_struct_keywords.pdbx_keywords   'CELL ADHESION' 
# 
loop_
_struct_asym.id 
_struct_asym.pdbx_blank_PDB_chainid_flag 
_struct_asym.pdbx_modified 
_struct_asym.entity_id 
_struct_asym.details 
A N N 1 ? 
B N N 2 ? 
C N N 3 ? 
# 
_struct_ref.id                         1 
_struct_ref.db_name                    UNP 
_struct_ref.db_code                    Q2PMV7_CLOSI 
_struct_ref.pdbx_db_accession          Q2PMV7 
_struct_ref.pdbx_db_isoform            ? 
_struct_ref.entity_id                  1 
_struct_ref.pdbx_seq_one_letter_code   
;DSFINIFVSIDKDGTNVISYPELEQYVAENNLDPSMVEKWKQLFDPDNTGSITLETFCSKLGLKPAEIIDFREQKGLHAA

;
_struct_ref.pdbx_align_begin           2 
# 
_struct_ref_seq.align_id                      1 
_struct_ref_seq.ref_id                        1 
_struct_ref_seq.pdbx_PDB_id_code              5X2E 
_struct_ref_seq.pdbx_strand_id                A 
_struct_ref_seq.seq_align_beg                 1 
_struct_ref_seq.pdbx_seq_align_beg_ins_code   ? 
_struct_ref_seq.seq_align_end                 80 
_struct_ref_seq.pdbx_seq_align_end_ins_code   ? 
_struct_ref_seq.pdbx_db_accession             Q2PMV7 
_struct_ref_seq.db_align_beg                  2 
_struct_ref_seq.pdbx_db_align_beg_ins_code    ? 
_struct_ref_seq.db_align_end                  81 
_struct_ref_seq.pdbx_db_align_end_ins_code    ? 
_struct_ref_seq.pdbx_auth_seq_align_beg       2 
_struct_ref_seq.pdbx_auth_seq_align_end       81 
# 
_pdbx_struct_assembly.id                   1 
_pdbx_struct_assembly.details              author_and_software_defined_assembly 
_pdbx_struct_assembly.method_details       PISA 
_pdbx_struct_assembly.oligomeric_details   monomeric 
_pdbx_struct_assembly.oligomeric_count     1 
# 
loop_
_pdbx_struct_assembly_prop.biol_id 
_pdbx_struct_assembly_prop.type 
_pdbx_struct_assembly_prop.value 
_pdbx_struct_assembly_prop.details 
1 'ABSA (A^2)' 90   ? 
1 MORE         -12  ? 
1 'SSA (A^2)'  5140 ? 
# 
_pdbx_struct_assembly_gen.assembly_id       1 
_pdbx_struct_assembly_gen.oper_expression   1 
_pdbx_struct_assembly_gen.asym_id_list      A,B,C 
# 
_pdbx_struct_oper_list.id                   1 
_pdbx_struct_oper_list.type                 'identity operation' 
_pdbx_struct_oper_list.name                 1_555 
_pdbx_struct_oper_list.symmetry_operation   x,y,z 
_pdbx_struct_oper_list.matrix[1][1]         1.0000000000 
_pdbx_struct_oper_list.matrix[1][2]         0.0000000000 
_pdbx_struct_oper_list.matrix[1][3]         0.0000000000 
_pdbx_struct_oper_list.vector[1]            0.0000000000 
_pdbx_struct_oper_list.matrix[2][1]         0.0000000000 
_pdbx_struct_oper_list.matrix[2][2]         1.0000000000 
_pdbx_struct_oper_list.matrix[2][3]         0.0000000000 
_pdbx_struct_oper_list.vector[2]            0.0000000000 
_pdbx_struct_oper_list.matrix[3][1]         0.0000000000 
_pdbx_struct_oper_list.matrix[3][2]         0.0000000000 
_pdbx_struct_oper_list.matrix[3][3]         1.0000000000 
_pdbx_struct_oper_list.vector[3]            0.0000000000 
# 
loop_
_struct_conf.conf_type_id 
_struct_conf.id 
_struct_conf.pdbx_PDB_helix_id 
_struct_conf.beg_label_comp_id 
_struct_conf.beg_label_asym_id 
_struct_conf.beg_label_seq_id 
_struct_conf.pdbx_beg_PDB_ins_code 
_struct_conf.end_label_comp_id 
_struct_conf.end_label_asym_id 
_struct_conf.end_label_seq_id 
_struct_conf.pdbx_end_PDB_ins_code 
_struct_conf.beg_auth_comp_id 
_struct_conf.beg_auth_asym_id 
_struct_conf.beg_auth_seq_id 
_struct_conf.end_auth_comp_id 
_struct_conf.end_auth_asym_id 
_struct_conf.end_auth_seq_id 
_struct_conf.pdbx_PDB_helix_class 
_struct_conf.details 
_struct_conf.pdbx_PDB_helix_length 
HELX_P HELX_P1 AA1 SER A 2  ? ASP A 11 ? SER A 3  ASP A 12 1 ? 10 
HELX_P HELX_P2 AA2 TYR A 20 ? ASN A 30 ? TYR A 21 ASN A 31 1 ? 11 
HELX_P HELX_P3 AA3 PRO A 34 ? ASP A 45 ? PRO A 35 ASP A 46 1 ? 12 
HELX_P HELX_P4 AA4 LEU A 54 ? GLY A 62 ? LEU A 55 GLY A 63 1 ? 9  
HELX_P HELX_P5 AA5 LYS A 64 ? ALA A 80 ? LYS A 65 ALA A 81 1 ? 17 
# 
_struct_conf_type.id          HELX_P 
_struct_conf_type.criteria    ? 
_struct_conf_type.reference   ? 
# 
loop_
_struct_conn.id 
_struct_conn.conn_type_id 
_struct_conn.pdbx_leaving_atom_flag 
_struct_conn.pdbx_PDB_id 
_struct_conn.ptnr1_label_asym_id 
_struct_conn.ptnr1_label_comp_id 
_struct_conn.ptnr1_label_seq_id 
_struct_conn.ptnr1_label_atom_id 
_struct_conn.pdbx_ptnr1_label_alt_id 
_struct_conn.pdbx_ptnr1_PDB_ins_code 
_struct_conn.pdbx_ptnr1_standard_comp_id 
_struct_conn.ptnr1_symmetry 
_struct_conn.ptnr2_label_asym_id 
_struct_conn.ptnr2_label_comp_id 
_struct_conn.ptnr2_label_seq_id 
_struct_conn.ptnr2_label_atom_id 
_struct_conn.pdbx_ptnr2_label_alt_id 
_struct_conn.pdbx_ptnr2_PDB_ins_code 
_struct_conn.ptnr1_auth_asym_id 
_struct_conn.ptnr1_auth_comp_id 
_struct_conn.ptnr1_auth_seq_id 
_struct_conn.ptnr2_auth_asym_id 
_struct_conn.ptnr2_auth_comp_id 
_struct_conn.ptnr2_auth_seq_id 
_struct_conn.ptnr2_symmetry 
_struct_conn.pdbx_ptnr3_label_atom_id 
_struct_conn.pdbx_ptnr3_label_seq_id 
_struct_conn.pdbx_ptnr3_label_comp_id 
_struct_conn.pdbx_ptnr3_label_asym_id 
_struct_conn.pdbx_ptnr3_label_alt_id 
_struct_conn.pdbx_ptnr3_PDB_ins_code 
_struct_conn.details 
_struct_conn.pdbx_dist_value 
_struct_conn.pdbx_value_order 
_struct_conn.pdbx_role 
metalc1 metalc ? ? A ASP 11 OD1 ? ? ? 1_555 B CA  . CA ? ? A ASP 12  A CA  101 1_555 ? ? ? ? ? ? ? 2.237 ? ? 
metalc2 metalc ? ? A ASP 13 OD1 ? ? ? 1_555 B CA  . CA ? ? A ASP 14  A CA  101 1_555 ? ? ? ? ? ? ? 2.367 ? ? 
metalc3 metalc ? ? A THR 15 OG1 ? ? ? 1_555 B CA  . CA ? ? A THR 16  A CA  101 1_555 ? ? ? ? ? ? ? 2.730 ? ? 
metalc4 metalc ? ? A VAL 17 O   ? ? ? 1_555 B CA  . CA ? ? A VAL 18  A CA  101 1_555 ? ? ? ? ? ? ? 2.332 ? ? 
metalc5 metalc ? ? A GLU 22 OE1 ? ? ? 1_555 B CA  . CA ? ? A GLU 23  A CA  101 1_555 ? ? ? ? ? ? ? 2.499 ? ? 
metalc6 metalc ? ? A GLU 22 OE2 ? ? ? 1_555 B CA  . CA ? ? A GLU 23  A CA  101 1_555 ? ? ? ? ? ? ? 2.531 ? ? 
metalc7 metalc ? ? B CA  .  CA  ? ? ? 1_555 C HOH . O  ? ? A CA  101 A HOH 262 1_555 ? ? ? ? ? ? ? 2.344 ? ? 
# 
_struct_conn_type.id          metalc 
_struct_conn_type.criteria    ? 
_struct_conn_type.reference   ? 
# 
loop_
_pdbx_struct_conn_angle.id 
_pdbx_struct_conn_angle.ptnr1_label_atom_id 
_pdbx_struct_conn_angle.ptnr1_label_alt_id 
_pdbx_struct_conn_angle.ptnr1_label_asym_id 
_pdbx_struct_conn_angle.ptnr1_label_comp_id 
_pdbx_struct_conn_angle.ptnr1_label_seq_id 
_pdbx_struct_conn_angle.ptnr1_auth_atom_id 
_pdbx_struct_conn_angle.ptnr1_auth_asym_id 
_pdbx_struct_conn_angle.ptnr1_auth_comp_id 
_pdbx_struct_conn_angle.ptnr1_auth_seq_id 
_pdbx_struct_conn_angle.ptnr1_PDB_ins_code 
_pdbx_struct_conn_angle.ptnr1_symmetry 
_pdbx_struct_conn_angle.ptnr2_label_atom_id 
_pdbx_struct_conn_angle.ptnr2_label_alt_id 
_pdbx_struct_conn_angle.ptnr2_label_asym_id 
_pdbx_struct_conn_angle.ptnr2_label_comp_id 
_pdbx_struct_conn_angle.ptnr2_label_seq_id 
_pdbx_struct_conn_angle.ptnr2_auth_atom_id 
_pdbx_struct_conn_angle.ptnr2_auth_asym_id 
_pdbx_struct_conn_angle.ptnr2_auth_comp_id 
_pdbx_struct_conn_angle.ptnr2_auth_seq_id 
_pdbx_struct_conn_angle.ptnr2_PDB_ins_code 
_pdbx_struct_conn_angle.ptnr2_symmetry 
_pdbx_struct_conn_angle.ptnr3_label_atom_id 
_pdbx_struct_conn_angle.ptnr3_label_alt_id 
_pdbx_struct_conn_angle.ptnr3_label_asym_id 
_pdbx_struct_conn_angle.ptnr3_label_comp_id 
_pdbx_struct_conn_angle.ptnr3_label_seq_id 
_pdbx_struct_conn_angle.ptnr3_auth_atom_id 
_pdbx_struct_conn_angle.ptnr3_auth_asym_id 
_pdbx_struct_conn_angle.ptnr3_auth_comp_id 
_pdbx_struct_conn_angle.ptnr3_auth_seq_id 
_pdbx_struct_conn_angle.ptnr3_PDB_ins_code 
_pdbx_struct_conn_angle.ptnr3_symmetry 
_pdbx_struct_conn_angle.value 
_pdbx_struct_conn_angle.value_esd 
1  OD1 ? A ASP 11 ? A ASP 12 ? 1_555 CA ? B CA . ? A CA 101 ? 1_555 OD1 ? A ASP 13 ? A ASP 14  ? 1_555 82.5  ? 
2  OD1 ? A ASP 11 ? A ASP 12 ? 1_555 CA ? B CA . ? A CA 101 ? 1_555 OG1 ? A THR 15 ? A THR 16  ? 1_555 88.2  ? 
3  OD1 ? A ASP 13 ? A ASP 14 ? 1_555 CA ? B CA . ? A CA 101 ? 1_555 OG1 ? A THR 15 ? A THR 16  ? 1_555 76.1  ? 
4  OD1 ? A ASP 11 ? A ASP 12 ? 1_555 CA ? B CA . ? A CA 101 ? 1_555 O   ? A VAL 17 ? A VAL 18  ? 1_555 87.8  ? 
5  OD1 ? A ASP 13 ? A ASP 14 ? 1_555 CA ? B CA . ? A CA 101 ? 1_555 O   ? A VAL 17 ? A VAL 18  ? 1_555 149.7 ? 
6  OG1 ? A THR 15 ? A THR 16 ? 1_555 CA ? B CA . ? A CA 101 ? 1_555 O   ? A VAL 17 ? A VAL 18  ? 1_555 75.0  ? 
7  OD1 ? A ASP 11 ? A ASP 12 ? 1_555 CA ? B CA . ? A CA 101 ? 1_555 OE1 ? A GLU 22 ? A GLU 23  ? 1_555 98.8  ? 
8  OD1 ? A ASP 13 ? A ASP 14 ? 1_555 CA ? B CA . ? A CA 101 ? 1_555 OE1 ? A GLU 22 ? A GLU 23  ? 1_555 127.0 ? 
9  OG1 ? A THR 15 ? A THR 16 ? 1_555 CA ? B CA . ? A CA 101 ? 1_555 OE1 ? A GLU 22 ? A GLU 23  ? 1_555 156.4 ? 
10 O   ? A VAL 17 ? A VAL 18 ? 1_555 CA ? B CA . ? A CA 101 ? 1_555 OE1 ? A GLU 22 ? A GLU 23  ? 1_555 82.7  ? 
11 OD1 ? A ASP 11 ? A ASP 12 ? 1_555 CA ? B CA . ? A CA 101 ? 1_555 OE2 ? A GLU 22 ? A GLU 23  ? 1_555 102.0 ? 
12 OD1 ? A ASP 13 ? A ASP 14 ? 1_555 CA ? B CA . ? A CA 101 ? 1_555 OE2 ? A GLU 22 ? A GLU 23  ? 1_555 76.6  ? 
13 OG1 ? A THR 15 ? A THR 16 ? 1_555 CA ? B CA . ? A CA 101 ? 1_555 OE2 ? A GLU 22 ? A GLU 23  ? 1_555 149.2 ? 
14 O   ? A VAL 17 ? A VAL 18 ? 1_555 CA ? B CA . ? A CA 101 ? 1_555 OE2 ? A GLU 22 ? A GLU 23  ? 1_555 133.6 ? 
15 OE1 ? A GLU 22 ? A GLU 23 ? 1_555 CA ? B CA . ? A CA 101 ? 1_555 OE2 ? A GLU 22 ? A GLU 23  ? 1_555 51.1  ? 
16 OD1 ? A ASP 11 ? A ASP 12 ? 1_555 CA ? B CA . ? A CA 101 ? 1_555 O   ? C HOH .  ? A HOH 262 ? 1_555 170.9 ? 
17 OD1 ? A ASP 13 ? A ASP 14 ? 1_555 CA ? B CA . ? A CA 101 ? 1_555 O   ? C HOH .  ? A HOH 262 ? 1_555 100.9 ? 
18 OG1 ? A THR 15 ? A THR 16 ? 1_555 CA ? B CA . ? A CA 101 ? 1_555 O   ? C HOH .  ? A HOH 262 ? 1_555 84.5  ? 
19 O   ? A VAL 17 ? A VAL 18 ? 1_555 CA ? B CA . ? A CA 101 ? 1_555 O   ? C HOH .  ? A HOH 262 ? 1_555 85.1  ? 
20 OE1 ? A GLU 22 ? A GLU 23 ? 1_555 CA ? B CA . ? A CA 101 ? 1_555 O   ? C HOH .  ? A HOH 262 ? 1_555 85.9  ? 
21 OE2 ? A GLU 22 ? A GLU 23 ? 1_555 CA ? B CA . ? A CA 101 ? 1_555 O   ? C HOH .  ? A HOH 262 ? 1_555 87.0  ? 
# 
_struct_sheet.id               AA1 
_struct_sheet.type             ? 
_struct_sheet.number_strands   2 
_struct_sheet.details          ? 
# 
_struct_sheet_order.sheet_id     AA1 
_struct_sheet_order.range_id_1   1 
_struct_sheet_order.range_id_2   2 
_struct_sheet_order.offset       ? 
_struct_sheet_order.sense        anti-parallel 
# 
loop_
_struct_sheet_range.sheet_id 
_struct_sheet_range.id 
_struct_sheet_range.beg_label_comp_id 
_struct_sheet_range.beg_label_asym_id 
_struct_sheet_range.beg_label_seq_id 
_struct_sheet_range.pdbx_beg_PDB_ins_code 
_struct_sheet_range.end_label_comp_id 
_struct_sheet_range.end_label_asym_id 
_struct_sheet_range.end_label_seq_id 
_struct_sheet_range.pdbx_end_PDB_ins_code 
_struct_sheet_range.beg_auth_comp_id 
_struct_sheet_range.beg_auth_asym_id 
_struct_sheet_range.beg_auth_seq_id 
_struct_sheet_range.end_auth_comp_id 
_struct_sheet_range.end_auth_asym_id 
_struct_sheet_range.end_auth_seq_id 
AA1 1 VAL A 17 ? SER A 19 ? VAL A 18 SER A 20 
AA1 2 SER A 51 ? THR A 53 ? SER A 52 THR A 54 
# 
_pdbx_struct_sheet_hbond.sheet_id                AA1 
_pdbx_struct_sheet_hbond.range_id_1              1 
_pdbx_struct_sheet_hbond.range_id_2              2 
_pdbx_struct_sheet_hbond.range_1_label_atom_id   N 
_pdbx_struct_sheet_hbond.range_1_label_comp_id   ILE 
_pdbx_struct_sheet_hbond.range_1_label_asym_id   A 
_pdbx_struct_sheet_hbond.range_1_label_seq_id    18 
_pdbx_struct_sheet_hbond.range_1_PDB_ins_code    ? 
_pdbx_struct_sheet_hbond.range_1_auth_atom_id    N 
_pdbx_struct_sheet_hbond.range_1_auth_comp_id    ILE 
_pdbx_struct_sheet_hbond.range_1_auth_asym_id    A 
_pdbx_struct_sheet_hbond.range_1_auth_seq_id     19 
_pdbx_struct_sheet_hbond.range_2_label_atom_id   O 
_pdbx_struct_sheet_hbond.range_2_label_comp_id   ILE 
_pdbx_struct_sheet_hbond.range_2_label_asym_id   A 
_pdbx_struct_sheet_hbond.range_2_label_seq_id    52 
_pdbx_struct_sheet_hbond.range_2_PDB_ins_code    ? 
_pdbx_struct_sheet_hbond.range_2_auth_atom_id    O 
_pdbx_struct_sheet_hbond.range_2_auth_comp_id    ILE 
_pdbx_struct_sheet_hbond.range_2_auth_asym_id    A 
_pdbx_struct_sheet_hbond.range_2_auth_seq_id     53 
# 
_struct_site.id                   AC1 
_struct_site.pdbx_evidence_code   Software 
_struct_site.pdbx_auth_asym_id    A 
_struct_site.pdbx_auth_comp_id    CA 
_struct_site.pdbx_auth_seq_id     101 
_struct_site.pdbx_auth_ins_code   ? 
_struct_site.pdbx_num_residues    6 
_struct_site.details              'binding site for residue CA A 101' 
# 
loop_
_struct_site_gen.id 
_struct_site_gen.site_id 
_struct_site_gen.pdbx_num_res 
_struct_site_gen.label_comp_id 
_struct_site_gen.label_asym_id 
_struct_site_gen.label_seq_id 
_struct_site_gen.pdbx_auth_ins_code 
_struct_site_gen.auth_comp_id 
_struct_site_gen.auth_asym_id 
_struct_site_gen.auth_seq_id 
_struct_site_gen.label_atom_id 
_struct_site_gen.label_alt_id 
_struct_site_gen.symmetry 
_struct_site_gen.details 
1 AC1 6 ASP A 11 ? ASP A 12  . ? 1_555 ? 
2 AC1 6 ASP A 13 ? ASP A 14  . ? 1_555 ? 
3 AC1 6 THR A 15 ? THR A 16  . ? 1_555 ? 
4 AC1 6 VAL A 17 ? VAL A 18  . ? 1_555 ? 
5 AC1 6 GLU A 22 ? GLU A 23  . ? 1_555 ? 
6 AC1 6 HOH C .  ? HOH A 262 . ? 1_555 ? 
# 
loop_
_pdbx_validate_close_contact.id 
_pdbx_validate_close_contact.PDB_model_num 
_pdbx_validate_close_contact.auth_atom_id_1 
_pdbx_validate_close_contact.auth_asym_id_1 
_pdbx_validate_close_contact.auth_comp_id_1 
_pdbx_validate_close_contact.auth_seq_id_1 
_pdbx_validate_close_contact.PDB_ins_code_1 
_pdbx_validate_close_contact.label_alt_id_1 
_pdbx_validate_close_contact.auth_atom_id_2 
_pdbx_validate_close_contact.auth_asym_id_2 
_pdbx_validate_close_contact.auth_comp_id_2 
_pdbx_validate_close_contact.auth_seq_id_2 
_pdbx_validate_close_contact.PDB_ins_code_2 
_pdbx_validate_close_contact.label_alt_id_2 
_pdbx_validate_close_contact.dist 
1 1 O A HOH 270 ? ? O A HOH 271 ? ? 2.09 
2 1 O A HOH 274 ? ? O A HOH 285 ? ? 2.18 
# 
_pdbx_validate_symm_contact.id                1 
_pdbx_validate_symm_contact.PDB_model_num     1 
_pdbx_validate_symm_contact.auth_atom_id_1    O 
_pdbx_validate_symm_contact.auth_asym_id_1    A 
_pdbx_validate_symm_contact.auth_comp_id_1    HOH 
_pdbx_validate_symm_contact.auth_seq_id_1     266 
_pdbx_validate_symm_contact.PDB_ins_code_1    ? 
_pdbx_validate_symm_contact.label_alt_id_1    ? 
_pdbx_validate_symm_contact.site_symmetry_1   1_555 
_pdbx_validate_symm_contact.auth_atom_id_2    O 
_pdbx_validate_symm_contact.auth_asym_id_2    A 
_pdbx_validate_symm_contact.auth_comp_id_2    HOH 
_pdbx_validate_symm_contact.auth_seq_id_2     292 
_pdbx_validate_symm_contact.PDB_ins_code_2    ? 
_pdbx_validate_symm_contact.label_alt_id_2    ? 
_pdbx_validate_symm_contact.site_symmetry_2   4_554 
_pdbx_validate_symm_contact.dist              2.19 
# 
loop_
_pdbx_distant_solvent_atoms.id 
_pdbx_distant_solvent_atoms.PDB_model_num 
_pdbx_distant_solvent_atoms.auth_atom_id 
_pdbx_distant_solvent_atoms.label_alt_id 
_pdbx_distant_solvent_atoms.auth_asym_id 
_pdbx_distant_solvent_atoms.auth_comp_id 
_pdbx_distant_solvent_atoms.auth_seq_id 
_pdbx_distant_solvent_atoms.PDB_ins_code 
_pdbx_distant_solvent_atoms.neighbor_macromolecule_distance 
_pdbx_distant_solvent_atoms.neighbor_ligand_distance 
1 1 O ? A HOH 311 ? 5.94 . 
2 1 O ? A HOH 312 ? 6.03 . 
# 
loop_
_chem_comp_atom.comp_id 
_chem_comp_atom.atom_id 
_chem_comp_atom.type_symbol 
_chem_comp_atom.pdbx_aromatic_flag 
_chem_comp_atom.pdbx_stereo_config 
_chem_comp_atom.pdbx_ordinal 
ALA N    N  N N 1   
ALA CA   C  N S 2   
ALA C    C  N N 3   
ALA O    O  N N 4   
ALA CB   C  N N 5   
ALA OXT  O  N N 6   
ALA H    H  N N 7   
ALA H2   H  N N 8   
ALA HA   H  N N 9   
ALA HB1  H  N N 10  
ALA HB2  H  N N 11  
ALA HB3  H  N N 12  
ALA HXT  H  N N 13  
ARG N    N  N N 14  
ARG CA   C  N S 15  
ARG C    C  N N 16  
ARG O    O  N N 17  
ARG CB   C  N N 18  
ARG CG   C  N N 19  
ARG CD   C  N N 20  
ARG NE   N  N N 21  
ARG CZ   C  N N 22  
ARG NH1  N  N N 23  
ARG NH2  N  N N 24  
ARG OXT  O  N N 25  
ARG H    H  N N 26  
ARG H2   H  N N 27  
ARG HA   H  N N 28  
ARG HB2  H  N N 29  
ARG HB3  H  N N 30  
ARG HG2  H  N N 31  
ARG HG3  H  N N 32  
ARG HD2  H  N N 33  
ARG HD3  H  N N 34  
ARG HE   H  N N 35  
ARG HH11 H  N N 36  
ARG HH12 H  N N 37  
ARG HH21 H  N N 38  
ARG HH22 H  N N 39  
ARG HXT  H  N N 40  
ASN N    N  N N 41  
ASN CA   C  N S 42  
ASN C    C  N N 43  
ASN O    O  N N 44  
ASN CB   C  N N 45  
ASN CG   C  N N 46  
ASN OD1  O  N N 47  
ASN ND2  N  N N 48  
ASN OXT  O  N N 49  
ASN H    H  N N 50  
ASN H2   H  N N 51  
ASN HA   H  N N 52  
ASN HB2  H  N N 53  
ASN HB3  H  N N 54  
ASN HD21 H  N N 55  
ASN HD22 H  N N 56  
ASN HXT  H  N N 57  
ASP N    N  N N 58  
ASP CA   C  N S 59  
ASP C    C  N N 60  
ASP O    O  N N 61  
ASP CB   C  N N 62  
ASP CG   C  N N 63  
ASP OD1  O  N N 64  
ASP OD2  O  N N 65  
ASP OXT  O  N N 66  
ASP H    H  N N 67  
ASP H2   H  N N 68  
ASP HA   H  N N 69  
ASP HB2  H  N N 70  
ASP HB3  H  N N 71  
ASP HD2  H  N N 72  
ASP HXT  H  N N 73  
CA  CA   CA N N 74  
CYS N    N  N N 75  
CYS CA   C  N R 76  
CYS C    C  N N 77  
CYS O    O  N N 78  
CYS CB   C  N N 79  
CYS SG   S  N N 80  
CYS OXT  O  N N 81  
CYS H    H  N N 82  
CYS H2   H  N N 83  
CYS HA   H  N N 84  
CYS HB2  H  N N 85  
CYS HB3  H  N N 86  
CYS HG   H  N N 87  
CYS HXT  H  N N 88  
GLN N    N  N N 89  
GLN CA   C  N S 90  
GLN C    C  N N 91  
GLN O    O  N N 92  
GLN CB   C  N N 93  
GLN CG   C  N N 94  
GLN CD   C  N N 95  
GLN OE1  O  N N 96  
GLN NE2  N  N N 97  
GLN OXT  O  N N 98  
GLN H    H  N N 99  
GLN H2   H  N N 100 
GLN HA   H  N N 101 
GLN HB2  H  N N 102 
GLN HB3  H  N N 103 
GLN HG2  H  N N 104 
GLN HG3  H  N N 105 
GLN HE21 H  N N 106 
GLN HE22 H  N N 107 
GLN HXT  H  N N 108 
GLU N    N  N N 109 
GLU CA   C  N S 110 
GLU C    C  N N 111 
GLU O    O  N N 112 
GLU CB   C  N N 113 
GLU CG   C  N N 114 
GLU CD   C  N N 115 
GLU OE1  O  N N 116 
GLU OE2  O  N N 117 
GLU OXT  O  N N 118 
GLU H    H  N N 119 
GLU H2   H  N N 120 
GLU HA   H  N N 121 
GLU HB2  H  N N 122 
GLU HB3  H  N N 123 
GLU HG2  H  N N 124 
GLU HG3  H  N N 125 
GLU HE2  H  N N 126 
GLU HXT  H  N N 127 
GLY N    N  N N 128 
GLY CA   C  N N 129 
GLY C    C  N N 130 
GLY O    O  N N 131 
GLY OXT  O  N N 132 
GLY H    H  N N 133 
GLY H2   H  N N 134 
GLY HA2  H  N N 135 
GLY HA3  H  N N 136 
GLY HXT  H  N N 137 
HIS N    N  N N 138 
HIS CA   C  N S 139 
HIS C    C  N N 140 
HIS O    O  N N 141 
HIS CB   C  N N 142 
HIS CG   C  Y N 143 
HIS ND1  N  Y N 144 
HIS CD2  C  Y N 145 
HIS CE1  C  Y N 146 
HIS NE2  N  Y N 147 
HIS OXT  O  N N 148 
HIS H    H  N N 149 
HIS H2   H  N N 150 
HIS HA   H  N N 151 
HIS HB2  H  N N 152 
HIS HB3  H  N N 153 
HIS HD1  H  N N 154 
HIS HD2  H  N N 155 
HIS HE1  H  N N 156 
HIS HE2  H  N N 157 
HIS HXT  H  N N 158 
HOH O    O  N N 159 
HOH H1   H  N N 160 
HOH H2   H  N N 161 
ILE N    N  N N 162 
ILE CA   C  N S 163 
ILE C    C  N N 164 
ILE O    O  N N 165 
ILE CB   C  N S 166 
ILE CG1  C  N N 167 
ILE CG2  C  N N 168 
ILE CD1  C  N N 169 
ILE OXT  O  N N 170 
ILE H    H  N N 171 
ILE H2   H  N N 172 
ILE HA   H  N N 173 
ILE HB   H  N N 174 
ILE HG12 H  N N 175 
ILE HG13 H  N N 176 
ILE HG21 H  N N 177 
ILE HG22 H  N N 178 
ILE HG23 H  N N 179 
ILE HD11 H  N N 180 
ILE HD12 H  N N 181 
ILE HD13 H  N N 182 
ILE HXT  H  N N 183 
LEU N    N  N N 184 
LEU CA   C  N S 185 
LEU C    C  N N 186 
LEU O    O  N N 187 
LEU CB   C  N N 188 
LEU CG   C  N N 189 
LEU CD1  C  N N 190 
LEU CD2  C  N N 191 
LEU OXT  O  N N 192 
LEU H    H  N N 193 
LEU H2   H  N N 194 
LEU HA   H  N N 195 
LEU HB2  H  N N 196 
LEU HB3  H  N N 197 
LEU HG   H  N N 198 
LEU HD11 H  N N 199 
LEU HD12 H  N N 200 
LEU HD13 H  N N 201 
LEU HD21 H  N N 202 
LEU HD22 H  N N 203 
LEU HD23 H  N N 204 
LEU HXT  H  N N 205 
LYS N    N  N N 206 
LYS CA   C  N S 207 
LYS C    C  N N 208 
LYS O    O  N N 209 
LYS CB   C  N N 210 
LYS CG   C  N N 211 
LYS CD   C  N N 212 
LYS CE   C  N N 213 
LYS NZ   N  N N 214 
LYS OXT  O  N N 215 
LYS H    H  N N 216 
LYS H2   H  N N 217 
LYS HA   H  N N 218 
LYS HB2  H  N N 219 
LYS HB3  H  N N 220 
LYS HG2  H  N N 221 
LYS HG3  H  N N 222 
LYS HD2  H  N N 223 
LYS HD3  H  N N 224 
LYS HE2  H  N N 225 
LYS HE3  H  N N 226 
LYS HZ1  H  N N 227 
LYS HZ2  H  N N 228 
LYS HZ3  H  N N 229 
LYS HXT  H  N N 230 
MET N    N  N N 231 
MET CA   C  N S 232 
MET C    C  N N 233 
MET O    O  N N 234 
MET CB   C  N N 235 
MET CG   C  N N 236 
MET SD   S  N N 237 
MET CE   C  N N 238 
MET OXT  O  N N 239 
MET H    H  N N 240 
MET H2   H  N N 241 
MET HA   H  N N 242 
MET HB2  H  N N 243 
MET HB3  H  N N 244 
MET HG2  H  N N 245 
MET HG3  H  N N 246 
MET HE1  H  N N 247 
MET HE2  H  N N 248 
MET HE3  H  N N 249 
MET HXT  H  N N 250 
PHE N    N  N N 251 
PHE CA   C  N S 252 
PHE C    C  N N 253 
PHE O    O  N N 254 
PHE CB   C  N N 255 
PHE CG   C  Y N 256 
PHE CD1  C  Y N 257 
PHE CD2  C  Y N 258 
PHE CE1  C  Y N 259 
PHE CE2  C  Y N 260 
PHE CZ   C  Y N 261 
PHE OXT  O  N N 262 
PHE H    H  N N 263 
PHE H2   H  N N 264 
PHE HA   H  N N 265 
PHE HB2  H  N N 266 
PHE HB3  H  N N 267 
PHE HD1  H  N N 268 
PHE HD2  H  N N 269 
PHE HE1  H  N N 270 
PHE HE2  H  N N 271 
PHE HZ   H  N N 272 
PHE HXT  H  N N 273 
PRO N    N  N N 274 
PRO CA   C  N S 275 
PRO C    C  N N 276 
PRO O    O  N N 277 
PRO CB   C  N N 278 
PRO CG   C  N N 279 
PRO CD   C  N N 280 
PRO OXT  O  N N 281 
PRO H    H  N N 282 
PRO HA   H  N N 283 
PRO HB2  H  N N 284 
PRO HB3  H  N N 285 
PRO HG2  H  N N 286 
PRO HG3  H  N N 287 
PRO HD2  H  N N 288 
PRO HD3  H  N N 289 
PRO HXT  H  N N 290 
SER N    N  N N 291 
SER CA   C  N S 292 
SER C    C  N N 293 
SER O    O  N N 294 
SER CB   C  N N 295 
SER OG   O  N N 296 
SER OXT  O  N N 297 
SER H    H  N N 298 
SER H2   H  N N 299 
SER HA   H  N N 300 
SER HB2  H  N N 301 
SER HB3  H  N N 302 
SER HG   H  N N 303 
SER HXT  H  N N 304 
THR N    N  N N 305 
THR CA   C  N S 306 
THR C    C  N N 307 
THR O    O  N N 308 
THR CB   C  N R 309 
THR OG1  O  N N 310 
THR CG2  C  N N 311 
THR OXT  O  N N 312 
THR H    H  N N 313 
THR H2   H  N N 314 
THR HA   H  N N 315 
THR HB   H  N N 316 
THR HG1  H  N N 317 
THR HG21 H  N N 318 
THR HG22 H  N N 319 
THR HG23 H  N N 320 
THR HXT  H  N N 321 
TRP N    N  N N 322 
TRP CA   C  N S 323 
TRP C    C  N N 324 
TRP O    O  N N 325 
TRP CB   C  N N 326 
TRP CG   C  Y N 327 
TRP CD1  C  Y N 328 
TRP CD2  C  Y N 329 
TRP NE1  N  Y N 330 
TRP CE2  C  Y N 331 
TRP CE3  C  Y N 332 
TRP CZ2  C  Y N 333 
TRP CZ3  C  Y N 334 
TRP CH2  C  Y N 335 
TRP OXT  O  N N 336 
TRP H    H  N N 337 
TRP H2   H  N N 338 
TRP HA   H  N N 339 
TRP HB2  H  N N 340 
TRP HB3  H  N N 341 
TRP HD1  H  N N 342 
TRP HE1  H  N N 343 
TRP HE3  H  N N 344 
TRP HZ2  H  N N 345 
TRP HZ3  H  N N 346 
TRP HH2  H  N N 347 
TRP HXT  H  N N 348 
TYR N    N  N N 349 
TYR CA   C  N S 350 
TYR C    C  N N 351 
TYR O    O  N N 352 
TYR CB   C  N N 353 
TYR CG   C  Y N 354 
TYR CD1  C  Y N 355 
TYR CD2  C  Y N 356 
TYR CE1  C  Y N 357 
TYR CE2  C  Y N 358 
TYR CZ   C  Y N 359 
TYR OH   O  N N 360 
TYR OXT  O  N N 361 
TYR H    H  N N 362 
TYR H2   H  N N 363 
TYR HA   H  N N 364 
TYR HB2  H  N N 365 
TYR HB3  H  N N 366 
TYR HD1  H  N N 367 
TYR HD2  H  N N 368 
TYR HE1  H  N N 369 
TYR HE2  H  N N 370 
TYR HH   H  N N 371 
TYR HXT  H  N N 372 
VAL N    N  N N 373 
VAL CA   C  N S 374 
VAL C    C  N N 375 
VAL O    O  N N 376 
VAL CB   C  N N 377 
VAL CG1  C  N N 378 
VAL CG2  C  N N 379 
VAL OXT  O  N N 380 
VAL H    H  N N 381 
VAL H2   H  N N 382 
VAL HA   H  N N 383 
VAL HB   H  N N 384 
VAL HG11 H  N N 385 
VAL HG12 H  N N 386 
VAL HG13 H  N N 387 
VAL HG21 H  N N 388 
VAL HG22 H  N N 389 
VAL HG23 H  N N 390 
VAL HXT  H  N N 391 
# 
loop_
_chem_comp_bond.comp_id 
_chem_comp_bond.atom_id_1 
_chem_comp_bond.atom_id_2 
_chem_comp_bond.value_order 
_chem_comp_bond.pdbx_aromatic_flag 
_chem_comp_bond.pdbx_stereo_config 
_chem_comp_bond.pdbx_ordinal 
ALA N   CA   sing N N 1   
ALA N   H    sing N N 2   
ALA N   H2   sing N N 3   
ALA CA  C    sing N N 4   
ALA CA  CB   sing N N 5   
ALA CA  HA   sing N N 6   
ALA C   O    doub N N 7   
ALA C   OXT  sing N N 8   
ALA CB  HB1  sing N N 9   
ALA CB  HB2  sing N N 10  
ALA CB  HB3  sing N N 11  
ALA OXT HXT  sing N N 12  
ARG N   CA   sing N N 13  
ARG N   H    sing N N 14  
ARG N   H2   sing N N 15  
ARG CA  C    sing N N 16  
ARG CA  CB   sing N N 17  
ARG CA  HA   sing N N 18  
ARG C   O    doub N N 19  
ARG C   OXT  sing N N 20  
ARG CB  CG   sing N N 21  
ARG CB  HB2  sing N N 22  
ARG CB  HB3  sing N N 23  
ARG CG  CD   sing N N 24  
ARG CG  HG2  sing N N 25  
ARG CG  HG3  sing N N 26  
ARG CD  NE   sing N N 27  
ARG CD  HD2  sing N N 28  
ARG CD  HD3  sing N N 29  
ARG NE  CZ   sing N N 30  
ARG NE  HE   sing N N 31  
ARG CZ  NH1  sing N N 32  
ARG CZ  NH2  doub N N 33  
ARG NH1 HH11 sing N N 34  
ARG NH1 HH12 sing N N 35  
ARG NH2 HH21 sing N N 36  
ARG NH2 HH22 sing N N 37  
ARG OXT HXT  sing N N 38  
ASN N   CA   sing N N 39  
ASN N   H    sing N N 40  
ASN N   H2   sing N N 41  
ASN CA  C    sing N N 42  
ASN CA  CB   sing N N 43  
ASN CA  HA   sing N N 44  
ASN C   O    doub N N 45  
ASN C   OXT  sing N N 46  
ASN CB  CG   sing N N 47  
ASN CB  HB2  sing N N 48  
ASN CB  HB3  sing N N 49  
ASN CG  OD1  doub N N 50  
ASN CG  ND2  sing N N 51  
ASN ND2 HD21 sing N N 52  
ASN ND2 HD22 sing N N 53  
ASN OXT HXT  sing N N 54  
ASP N   CA   sing N N 55  
ASP N   H    sing N N 56  
ASP N   H2   sing N N 57  
ASP CA  C    sing N N 58  
ASP CA  CB   sing N N 59  
ASP CA  HA   sing N N 60  
ASP C   O    doub N N 61  
ASP C   OXT  sing N N 62  
ASP CB  CG   sing N N 63  
ASP CB  HB2  sing N N 64  
ASP CB  HB3  sing N N 65  
ASP CG  OD1  doub N N 66  
ASP CG  OD2  sing N N 67  
ASP OD2 HD2  sing N N 68  
ASP OXT HXT  sing N N 69  
CYS N   CA   sing N N 70  
CYS N   H    sing N N 71  
CYS N   H2   sing N N 72  
CYS CA  C    sing N N 73  
CYS CA  CB   sing N N 74  
CYS CA  HA   sing N N 75  
CYS C   O    doub N N 76  
CYS C   OXT  sing N N 77  
CYS CB  SG   sing N N 78  
CYS CB  HB2  sing N N 79  
CYS CB  HB3  sing N N 80  
CYS SG  HG   sing N N 81  
CYS OXT HXT  sing N N 82  
GLN N   CA   sing N N 83  
GLN N   H    sing N N 84  
GLN N   H2   sing N N 85  
GLN CA  C    sing N N 86  
GLN CA  CB   sing N N 87  
GLN CA  HA   sing N N 88  
GLN C   O    doub N N 89  
GLN C   OXT  sing N N 90  
GLN CB  CG   sing N N 91  
GLN CB  HB2  sing N N 92  
GLN CB  HB3  sing N N 93  
GLN CG  CD   sing N N 94  
GLN CG  HG2  sing N N 95  
GLN CG  HG3  sing N N 96  
GLN CD  OE1  doub N N 97  
GLN CD  NE2  sing N N 98  
GLN NE2 HE21 sing N N 99  
GLN NE2 HE22 sing N N 100 
GLN OXT HXT  sing N N 101 
GLU N   CA   sing N N 102 
GLU N   H    sing N N 103 
GLU N   H2   sing N N 104 
GLU CA  C    sing N N 105 
GLU CA  CB   sing N N 106 
GLU CA  HA   sing N N 107 
GLU C   O    doub N N 108 
GLU C   OXT  sing N N 109 
GLU CB  CG   sing N N 110 
GLU CB  HB2  sing N N 111 
GLU CB  HB3  sing N N 112 
GLU CG  CD   sing N N 113 
GLU CG  HG2  sing N N 114 
GLU CG  HG3  sing N N 115 
GLU CD  OE1  doub N N 116 
GLU CD  OE2  sing N N 117 
GLU OE2 HE2  sing N N 118 
GLU OXT HXT  sing N N 119 
GLY N   CA   sing N N 120 
GLY N   H    sing N N 121 
GLY N   H2   sing N N 122 
GLY CA  C    sing N N 123 
GLY CA  HA2  sing N N 124 
GLY CA  HA3  sing N N 125 
GLY C   O    doub N N 126 
GLY C   OXT  sing N N 127 
GLY OXT HXT  sing N N 128 
HIS N   CA   sing N N 129 
HIS N   H    sing N N 130 
HIS N   H2   sing N N 131 
HIS CA  C    sing N N 132 
HIS CA  CB   sing N N 133 
HIS CA  HA   sing N N 134 
HIS C   O    doub N N 135 
HIS C   OXT  sing N N 136 
HIS CB  CG   sing N N 137 
HIS CB  HB2  sing N N 138 
HIS CB  HB3  sing N N 139 
HIS CG  ND1  sing Y N 140 
HIS CG  CD2  doub Y N 141 
HIS ND1 CE1  doub Y N 142 
HIS ND1 HD1  sing N N 143 
HIS CD2 NE2  sing Y N 144 
HIS CD2 HD2  sing N N 145 
HIS CE1 NE2  sing Y N 146 
HIS CE1 HE1  sing N N 147 
HIS NE2 HE2  sing N N 148 
HIS OXT HXT  sing N N 149 
HOH O   H1   sing N N 150 
HOH O   H2   sing N N 151 
ILE N   CA   sing N N 152 
ILE N   H    sing N N 153 
ILE N   H2   sing N N 154 
ILE CA  C    sing N N 155 
ILE CA  CB   sing N N 156 
ILE CA  HA   sing N N 157 
ILE C   O    doub N N 158 
ILE C   OXT  sing N N 159 
ILE CB  CG1  sing N N 160 
ILE CB  CG2  sing N N 161 
ILE CB  HB   sing N N 162 
ILE CG1 CD1  sing N N 163 
ILE CG1 HG12 sing N N 164 
ILE CG1 HG13 sing N N 165 
ILE CG2 HG21 sing N N 166 
ILE CG2 HG22 sing N N 167 
ILE CG2 HG23 sing N N 168 
ILE CD1 HD11 sing N N 169 
ILE CD1 HD12 sing N N 170 
ILE CD1 HD13 sing N N 171 
ILE OXT HXT  sing N N 172 
LEU N   CA   sing N N 173 
LEU N   H    sing N N 174 
LEU N   H2   sing N N 175 
LEU CA  C    sing N N 176 
LEU CA  CB   sing N N 177 
LEU CA  HA   sing N N 178 
LEU C   O    doub N N 179 
LEU C   OXT  sing N N 180 
LEU CB  CG   sing N N 181 
LEU CB  HB2  sing N N 182 
LEU CB  HB3  sing N N 183 
LEU CG  CD1  sing N N 184 
LEU CG  CD2  sing N N 185 
LEU CG  HG   sing N N 186 
LEU CD1 HD11 sing N N 187 
LEU CD1 HD12 sing N N 188 
LEU CD1 HD13 sing N N 189 
LEU CD2 HD21 sing N N 190 
LEU CD2 HD22 sing N N 191 
LEU CD2 HD23 sing N N 192 
LEU OXT HXT  sing N N 193 
LYS N   CA   sing N N 194 
LYS N   H    sing N N 195 
LYS N   H2   sing N N 196 
LYS CA  C    sing N N 197 
LYS CA  CB   sing N N 198 
LYS CA  HA   sing N N 199 
LYS C   O    doub N N 200 
LYS C   OXT  sing N N 201 
LYS CB  CG   sing N N 202 
LYS CB  HB2  sing N N 203 
LYS CB  HB3  sing N N 204 
LYS CG  CD   sing N N 205 
LYS CG  HG2  sing N N 206 
LYS CG  HG3  sing N N 207 
LYS CD  CE   sing N N 208 
LYS CD  HD2  sing N N 209 
LYS CD  HD3  sing N N 210 
LYS CE  NZ   sing N N 211 
LYS CE  HE2  sing N N 212 
LYS CE  HE3  sing N N 213 
LYS NZ  HZ1  sing N N 214 
LYS NZ  HZ2  sing N N 215 
LYS NZ  HZ3  sing N N 216 
LYS OXT HXT  sing N N 217 
MET N   CA   sing N N 218 
MET N   H    sing N N 219 
MET N   H2   sing N N 220 
MET CA  C    sing N N 221 
MET CA  CB   sing N N 222 
MET CA  HA   sing N N 223 
MET C   O    doub N N 224 
MET C   OXT  sing N N 225 
MET CB  CG   sing N N 226 
MET CB  HB2  sing N N 227 
MET CB  HB3  sing N N 228 
MET CG  SD   sing N N 229 
MET CG  HG2  sing N N 230 
MET CG  HG3  sing N N 231 
MET SD  CE   sing N N 232 
MET CE  HE1  sing N N 233 
MET CE  HE2  sing N N 234 
MET CE  HE3  sing N N 235 
MET OXT HXT  sing N N 236 
PHE N   CA   sing N N 237 
PHE N   H    sing N N 238 
PHE N   H2   sing N N 239 
PHE CA  C    sing N N 240 
PHE CA  CB   sing N N 241 
PHE CA  HA   sing N N 242 
PHE C   O    doub N N 243 
PHE C   OXT  sing N N 244 
PHE CB  CG   sing N N 245 
PHE CB  HB2  sing N N 246 
PHE CB  HB3  sing N N 247 
PHE CG  CD1  doub Y N 248 
PHE CG  CD2  sing Y N 249 
PHE CD1 CE1  sing Y N 250 
PHE CD1 HD1  sing N N 251 
PHE CD2 CE2  doub Y N 252 
PHE CD2 HD2  sing N N 253 
PHE CE1 CZ   doub Y N 254 
PHE CE1 HE1  sing N N 255 
PHE CE2 CZ   sing Y N 256 
PHE CE2 HE2  sing N N 257 
PHE CZ  HZ   sing N N 258 
PHE OXT HXT  sing N N 259 
PRO N   CA   sing N N 260 
PRO N   CD   sing N N 261 
PRO N   H    sing N N 262 
PRO CA  C    sing N N 263 
PRO CA  CB   sing N N 264 
PRO CA  HA   sing N N 265 
PRO C   O    doub N N 266 
PRO C   OXT  sing N N 267 
PRO CB  CG   sing N N 268 
PRO CB  HB2  sing N N 269 
PRO CB  HB3  sing N N 270 
PRO CG  CD   sing N N 271 
PRO CG  HG2  sing N N 272 
PRO CG  HG3  sing N N 273 
PRO CD  HD2  sing N N 274 
PRO CD  HD3  sing N N 275 
PRO OXT HXT  sing N N 276 
SER N   CA   sing N N 277 
SER N   H    sing N N 278 
SER N   H2   sing N N 279 
SER CA  C    sing N N 280 
SER CA  CB   sing N N 281 
SER CA  HA   sing N N 282 
SER C   O    doub N N 283 
SER C   OXT  sing N N 284 
SER CB  OG   sing N N 285 
SER CB  HB2  sing N N 286 
SER CB  HB3  sing N N 287 
SER OG  HG   sing N N 288 
SER OXT HXT  sing N N 289 
THR N   CA   sing N N 290 
THR N   H    sing N N 291 
THR N   H2   sing N N 292 
THR CA  C    sing N N 293 
THR CA  CB   sing N N 294 
THR CA  HA   sing N N 295 
THR C   O    doub N N 296 
THR C   OXT  sing N N 297 
THR CB  OG1  sing N N 298 
THR CB  CG2  sing N N 299 
THR CB  HB   sing N N 300 
THR OG1 HG1  sing N N 301 
THR CG2 HG21 sing N N 302 
THR CG2 HG22 sing N N 303 
THR CG2 HG23 sing N N 304 
THR OXT HXT  sing N N 305 
TRP N   CA   sing N N 306 
TRP N   H    sing N N 307 
TRP N   H2   sing N N 308 
TRP CA  C    sing N N 309 
TRP CA  CB   sing N N 310 
TRP CA  HA   sing N N 311 
TRP C   O    doub N N 312 
TRP C   OXT  sing N N 313 
TRP CB  CG   sing N N 314 
TRP CB  HB2  sing N N 315 
TRP CB  HB3  sing N N 316 
TRP CG  CD1  doub Y N 317 
TRP CG  CD2  sing Y N 318 
TRP CD1 NE1  sing Y N 319 
TRP CD1 HD1  sing N N 320 
TRP CD2 CE2  doub Y N 321 
TRP CD2 CE3  sing Y N 322 
TRP NE1 CE2  sing Y N 323 
TRP NE1 HE1  sing N N 324 
TRP CE2 CZ2  sing Y N 325 
TRP CE3 CZ3  doub Y N 326 
TRP CE3 HE3  sing N N 327 
TRP CZ2 CH2  doub Y N 328 
TRP CZ2 HZ2  sing N N 329 
TRP CZ3 CH2  sing Y N 330 
TRP CZ3 HZ3  sing N N 331 
TRP CH2 HH2  sing N N 332 
TRP OXT HXT  sing N N 333 
TYR N   CA   sing N N 334 
TYR N   H    sing N N 335 
TYR N   H2   sing N N 336 
TYR CA  C    sing N N 337 
TYR CA  CB   sing N N 338 
TYR CA  HA   sing N N 339 
TYR C   O    doub N N 340 
TYR C   OXT  sing N N 341 
TYR CB  CG   sing N N 342 
TYR CB  HB2  sing N N 343 
TYR CB  HB3  sing N N 344 
TYR CG  CD1  doub Y N 345 
TYR CG  CD2  sing Y N 346 
TYR CD1 CE1  sing Y N 347 
TYR CD1 HD1  sing N N 348 
TYR CD2 CE2  doub Y N 349 
TYR CD2 HD2  sing N N 350 
TYR CE1 CZ   doub Y N 351 
TYR CE1 HE1  sing N N 352 
TYR CE2 CZ   sing Y N 353 
TYR CE2 HE2  sing N N 354 
TYR CZ  OH   sing N N 355 
TYR OH  HH   sing N N 356 
TYR OXT HXT  sing N N 357 
VAL N   CA   sing N N 358 
VAL N   H    sing N N 359 
VAL N   H2   sing N N 360 
VAL CA  C    sing N N 361 
VAL CA  CB   sing N N 362 
VAL CA  HA   sing N N 363 
VAL C   O    doub N N 364 
VAL C   OXT  sing N N 365 
VAL CB  CG1  sing N N 366 
VAL CB  CG2  sing N N 367 
VAL CB  HB   sing N N 368 
VAL CG1 HG11 sing N N 369 
VAL CG1 HG12 sing N N 370 
VAL CG1 HG13 sing N N 371 
VAL CG2 HG21 sing N N 372 
VAL CG2 HG22 sing N N 373 
VAL CG2 HG23 sing N N 374 
VAL OXT HXT  sing N N 375 
# 
_pdbx_audit_support.funding_organization   'National Research Foundation of Korea' 
_pdbx_audit_support.country                'Korea, Republic Of' 
_pdbx_audit_support.grant_number           2013R1A1A2008404 
_pdbx_audit_support.ordinal                1 
# 
_pdbx_initial_refinement_model.accession_code   ? 
_pdbx_initial_refinement_model.id               1 
_pdbx_initial_refinement_model.entity_id_list   ? 
_pdbx_initial_refinement_model.type             'experimental model' 
_pdbx_initial_refinement_model.source_name      Other 
_pdbx_initial_refinement_model.details          'SAD structure' 
# 
_atom_sites.entry_id                    5X2E 
_atom_sites.fract_transf_matrix[1][1]   0.02045145 
_atom_sites.fract_transf_matrix[1][2]   -0.00169432 
_atom_sites.fract_transf_matrix[1][3]   -0.00400673 
_atom_sites.fract_transf_matrix[2][1]   0.00370038 
_atom_sites.fract_transf_matrix[2][2]   -0.00335011 
_atom_sites.fract_transf_matrix[2][3]   0.02030444 
_atom_sites.fract_transf_matrix[3][1]   -0.00257173 
_atom_sites.fract_transf_matrix[3][2]   -0.02312695 
_atom_sites.fract_transf_matrix[3][3]   -0.00334713 
_atom_sites.fract_transf_vector[1]      -0.149879 
_atom_sites.fract_transf_vector[2]      -0.277808 
_atom_sites.fract_transf_vector[3]      0.104131 
# 
loop_
_atom_type.symbol 
C  
CA 
N  
O  
S  
# 
loop_
_atom_site.group_PDB 
_atom_site.id 
_atom_site.type_symbol 
_atom_site.label_atom_id 
_atom_site.label_alt_id 
_atom_site.label_comp_id 
_atom_site.label_asym_id 
_atom_site.label_entity_id 
_atom_site.label_seq_id 
_atom_site.pdbx_PDB_ins_code 
_atom_site.Cartn_x 
_atom_site.Cartn_y 
_atom_site.Cartn_z 
_atom_site.occupancy 
_atom_site.B_iso_or_equiv 
_atom_site.pdbx_formal_charge 
_atom_site.auth_seq_id 
_atom_site.auth_comp_id 
_atom_site.auth_asym_id 
_atom_site.auth_atom_id 
_atom_site.pdbx_PDB_model_num 
ATOM   1   N  N   . ASP A 1 1  ? -8.463  -4.746  -8.721  1.00 50.52 ? 2   ASP A N   1 
ATOM   2   C  CA  . ASP A 1 1  ? -8.792  -4.249  -7.388  1.00 49.40 ? 2   ASP A CA  1 
ATOM   3   C  C   . ASP A 1 1  ? -8.445  -2.776  -7.263  1.00 43.74 ? 2   ASP A C   1 
ATOM   4   O  O   . ASP A 1 1  ? -7.668  -2.250  -8.050  1.00 42.40 ? 2   ASP A O   1 
ATOM   5   C  CB  . ASP A 1 1  ? -8.061  -5.056  -6.316  1.00 53.71 ? 2   ASP A CB  1 
ATOM   6   C  CG  . ASP A 1 1  ? -8.087  -6.538  -6.601  1.00 57.93 ? 2   ASP A CG  1 
ATOM   7   O  OD1 . ASP A 1 1  ? -9.016  -7.209  -6.100  1.00 59.62 ? 2   ASP A OD1 1 
ATOM   8   O  OD2 . ASP A 1 1  ? -7.188  -7.030  -7.326  1.00 59.69 ? 2   ASP A OD2 1 
ATOM   9   N  N   . SER A 1 2  ? -9.059  -2.128  -6.282  1.00 38.94 ? 3   SER A N   1 
ATOM   10  C  CA  . SER A 1 2  ? -8.886  -0.707  -5.996  1.00 35.36 ? 3   SER A CA  1 
ATOM   11  C  C   . SER A 1 2  ? -7.549  -0.409  -5.336  1.00 31.76 ? 3   SER A C   1 
ATOM   12  O  O   . SER A 1 2  ? -6.908  -1.298  -4.787  1.00 31.13 ? 3   SER A O   1 
ATOM   13  C  CB  . SER A 1 2  ? -10.001 -0.227  -5.070  1.00 33.61 ? 3   SER A CB  1 
ATOM   14  O  OG  . SER A 1 2  ? -9.892  -0.891  -3.816  1.00 34.15 ? 3   SER A OG  1 
ATOM   15  N  N   . PHE A 1 3  ? -7.139  0.853   -5.351  1.00 30.85 ? 4   PHE A N   1 
ATOM   16  C  CA  . PHE A 1 3  ? -5.954  1.225   -4.605  1.00 28.62 ? 4   PHE A CA  1 
ATOM   17  C  C   . PHE A 1 3  ? -6.132  0.957   -3.107  1.00 27.48 ? 4   PHE A C   1 
ATOM   18  O  O   . PHE A 1 3  ? -5.163  0.610   -2.435  1.00 26.10 ? 4   PHE A O   1 
ATOM   19  C  CB  . PHE A 1 3  ? -5.606  2.688   -4.842  1.00 30.74 ? 4   PHE A CB  1 
ATOM   20  C  CG  . PHE A 1 3  ? -4.956  2.943   -6.155  1.00 30.83 ? 4   PHE A CG  1 
ATOM   21  C  CD1 . PHE A 1 3  ? -3.768  2.308   -6.487  1.00 32.98 ? 4   PHE A CD1 1 
ATOM   22  C  CD2 . PHE A 1 3  ? -5.504  3.839   -7.048  1.00 32.73 ? 4   PHE A CD2 1 
ATOM   23  C  CE1 . PHE A 1 3  ? -3.140  2.546   -7.702  1.00 34.30 ? 4   PHE A CE1 1 
ATOM   24  C  CE2 . PHE A 1 3  ? -4.873  4.086   -8.258  1.00 33.28 ? 4   PHE A CE2 1 
ATOM   25  C  CZ  . PHE A 1 3  ? -3.693  3.425   -8.578  1.00 33.97 ? 4   PHE A CZ  1 
ATOM   26  N  N   . ILE A 1 4  ? -7.359  1.109   -2.594  1.00 27.99 ? 5   ILE A N   1 
ATOM   27  C  CA  . ILE A 1 4  ? -7.648  0.833   -1.181  1.00 27.23 ? 5   ILE A CA  1 
ATOM   28  C  C   . ILE A 1 4  ? -7.279  -0.616  -0.846  1.00 27.04 ? 5   ILE A C   1 
ATOM   29  O  O   . ILE A 1 4  ? -6.513  -0.901  0.088   1.00 26.98 ? 5   ILE A O   1 
ATOM   30  C  CB  . ILE A 1 4  ? -9.152  1.119   -0.849  1.00 29.79 ? 5   ILE A CB  1 
ATOM   31  C  CG1 . ILE A 1 4  ? -9.432  2.627   -0.947  1.00 32.46 ? 5   ILE A CG1 1 
ATOM   32  C  CG2 . ILE A 1 4  ? -9.483  0.631   0.539   1.00 30.16 ? 5   ILE A CG2 1 
ATOM   33  C  CD1 . ILE A 1 4  ? -10.898 3.030   -1.143  1.00 34.80 ? 5   ILE A CD1 1 
ATOM   34  N  N   . ASN A 1 5  ? -7.792  -1.521  -1.660  1.00 27.94 ? 6   ASN A N   1 
ATOM   35  C  CA  . ASN A 1 5  ? -7.520  -2.938  -1.546  1.00 27.47 ? 6   ASN A CA  1 
ATOM   36  C  C   . ASN A 1 5  ? -6.032  -3.273  -1.683  1.00 26.41 ? 6   ASN A C   1 
ATOM   37  O  O   . ASN A 1 5  ? -5.481  -4.058  -0.908  1.00 25.84 ? 6   ASN A O   1 
ATOM   38  C  CB  . ASN A 1 5  ? -8.312  -3.639  -2.627  1.00 32.79 ? 6   ASN A CB  1 
ATOM   39  C  CG  . ASN A 1 5  ? -8.336  -5.136  -2.499  1.00 41.34 ? 6   ASN A CG  1 
ATOM   40  O  OD1 . ASN A 1 5  ? -7.471  -5.753  -1.899  1.00 45.24 ? 6   ASN A OD1 1 
ATOM   41  N  ND2 . ASN A 1 5  ? -9.340  -5.743  -3.127  1.00 45.97 ? 6   ASN A ND2 1 
ATOM   42  N  N   . ILE A 1 6  ? -5.377  -2.694  -2.686  1.00 25.99 ? 7   ILE A N   1 
ATOM   43  C  CA  . ILE A 1 6  ? -3.976  -3.035  -2.950  1.00 25.75 ? 7   ILE A CA  1 
ATOM   44  C  C   . ILE A 1 6  ? -3.102  -2.565  -1.781  1.00 23.30 ? 7   ILE A C   1 
ATOM   45  O  O   . ILE A 1 6  ? -2.198  -3.291  -1.363  1.00 23.01 ? 7   ILE A O   1 
ATOM   46  C  CB  . ILE A 1 6  ? -3.523  -2.453  -4.315  1.00 27.37 ? 7   ILE A CB  1 
ATOM   47  C  CG1 . ILE A 1 6  ? -4.281  -3.167  -5.452  1.00 30.98 ? 7   ILE A CG1 1 
ATOM   48  C  CG2 . ILE A 1 6  ? -2.002  -2.583  -4.489  1.00 25.97 ? 7   ILE A CG2 1 
ATOM   49  C  CD1 . ILE A 1 6  ? -4.277  -2.430  -6.782  1.00 34.25 ? 7   ILE A CD1 1 
ATOM   50  N  N   . PHE A 1 7  ? -3.393  -1.391  -1.220  1.00 22.81 ? 8   PHE A N   1 
ATOM   51  C  CA  . PHE A 1 7  ? -2.619  -0.902  -0.064  1.00 21.38 ? 8   PHE A CA  1 
ATOM   52  C  C   . PHE A 1 7  ? -2.702  -1.935  1.061   1.00 20.13 ? 8   PHE A C   1 
ATOM   53  O  O   . PHE A 1 7  ? -1.692  -2.316  1.657   1.00 20.05 ? 8   PHE A O   1 
ATOM   54  C  CB  . PHE A 1 7  ? -3.123  0.445   0.473   1.00 20.88 ? 8   PHE A CB  1 
ATOM   55  C  CG  . PHE A 1 7  ? -2.278  0.959   1.592   1.00 20.15 ? 8   PHE A CG  1 
ATOM   56  C  CD1 . PHE A 1 7  ? -1.278  1.881   1.331   1.00 19.88 ? 8   PHE A CD1 1 
ATOM   57  C  CD2 . PHE A 1 7  ? -2.481  0.532   2.913   1.00 20.33 ? 8   PHE A CD2 1 
ATOM   58  C  CE1 . PHE A 1 7  ? -0.454  2.345   2.337   1.00 20.40 ? 8   PHE A CE1 1 
ATOM   59  C  CE2 . PHE A 1 7  ? -1.646  0.982   3.927   1.00 19.68 ? 8   PHE A CE2 1 
ATOM   60  C  CZ  . PHE A 1 7  ? -0.641  1.890   3.640   1.00 19.35 ? 8   PHE A CZ  1 
ATOM   61  N  N   . VAL A 1 8  ? -3.924  -2.330  1.387   1.00 20.76 ? 9   VAL A N   1 
ATOM   62  C  CA  . VAL A 1 8  ? -4.114  -3.308  2.452   1.00 21.84 ? 9   VAL A CA  1 
ATOM   63  C  C   . VAL A 1 8  ? -3.434  -4.631  2.131   1.00 21.74 ? 9   VAL A C   1 
ATOM   64  O  O   . VAL A 1 8  ? -2.775  -5.223  2.990   1.00 22.51 ? 9   VAL A O   1 
ATOM   65  C  CB  . VAL A 1 8  ? -5.610  -3.483  2.751   1.00 22.06 ? 9   VAL A CB  1 
ATOM   66  C  CG1 . VAL A 1 8  ? -5.849  -4.694  3.658   1.00 23.55 ? 9   VAL A CG1 1 
ATOM   67  C  CG2 . VAL A 1 8  ? -6.133  -2.192  3.388   1.00 22.33 ? 9   VAL A CG2 1 
ATOM   68  N  N   . SER A 1 9  ? -3.492  -5.056  0.874   1.00 21.45 ? 10  SER A N   1 
ATOM   69  C  CA  . SER A 1 9  ? -2.789  -6.278  0.487   1.00 22.14 ? 10  SER A CA  1 
ATOM   70  C  C   . SER A 1 9  ? -1.259  -6.210  0.637   1.00 22.22 ? 10  SER A C   1 
ATOM   71  O  O   . SER A 1 9  ? -0.610  -7.159  1.089   1.00 23.49 ? 10  SER A O   1 
ATOM   72  C  CB  . SER A 1 9  ? -3.118  -6.629  -0.944  1.00 26.73 ? 10  SER A CB  1 
ATOM   73  O  OG  . SER A 1 9  ? -2.582  -7.905  -1.214  1.00 32.60 ? 10  SER A OG  1 
ATOM   74  N  N   . ILE A 1 10 ? -0.677  -5.091  0.244   1.00 20.88 ? 11  ILE A N   1 
ATOM   75  C  CA  . ILE A 1 10 ? 0.769   -4.935  0.358   1.00 20.04 ? 11  ILE A CA  1 
ATOM   76  C  C   . ILE A 1 10 ? 1.204   -4.844  1.839   1.00 19.04 ? 11  ILE A C   1 
ATOM   77  O  O   . ILE A 1 10 ? 2.203   -5.445  2.241   1.00 19.04 ? 11  ILE A O   1 
ATOM   78  C  CB  . ILE A 1 10 ? 1.243   -3.698  -0.416  1.00 19.58 ? 11  ILE A CB  1 
ATOM   79  C  CG1 . ILE A 1 10 ? 0.976   -3.866  -1.918  1.00 20.72 ? 11  ILE A CG1 1 
ATOM   80  C  CG2 . ILE A 1 10 ? 2.724   -3.455  -0.154  1.00 19.99 ? 11  ILE A CG2 1 
ATOM   81  C  CD1 . ILE A 1 10 ? 1.138   -2.563  -2.704  1.00 22.46 ? 11  ILE A CD1 1 
ATOM   82  N  N   . ASP A 1 11 ? 0.444   -4.094  2.625   1.00 17.90 ? 12  ASP A N   1 
ATOM   83  C  CA  . ASP A 1 11 ? 0.777   -3.798  4.002   1.00 18.23 ? 12  ASP A CA  1 
ATOM   84  C  C   . ASP A 1 11 ? 0.335   -4.942  4.902   1.00 19.01 ? 12  ASP A C   1 
ATOM   85  O  O   . ASP A 1 11 ? -0.617  -4.835  5.707   1.00 20.32 ? 12  ASP A O   1 
ATOM   86  C  CB  . ASP A 1 11 ? 0.127   -2.488  4.432   1.00 18.88 ? 12  ASP A CB  1 
ATOM   87  C  CG  . ASP A 1 11 ? 0.453   -2.131  5.842   1.00 18.01 ? 12  ASP A CG  1 
ATOM   88  O  OD1 . ASP A 1 11 ? 1.583   -2.418  6.300   1.00 18.55 ? 12  ASP A OD1 1 
ATOM   89  O  OD2 . ASP A 1 11 ? -0.448  -1.589  6.523   1.00 17.96 ? 12  ASP A OD2 1 
ATOM   90  N  N   . LYS A 1 12 ? 1.018   -6.068  4.754   1.00 20.60 ? 13  LYS A N   1 
ATOM   91  C  CA  . LYS A 1 12 ? 0.528   -7.325  5.303   1.00 23.11 ? 13  LYS A CA  1 
ATOM   92  C  C   . LYS A 1 12 ? 0.563   -7.360  6.826   1.00 22.63 ? 13  LYS A C   1 
ATOM   93  O  O   . LYS A 1 12 ? -0.159  -8.134  7.426   1.00 25.23 ? 13  LYS A O   1 
ATOM   94  C  CB  . LYS A 1 12 ? 1.349   -8.483  4.748   1.00 25.50 ? 13  LYS A CB  1 
ATOM   95  C  CG  . LYS A 1 12 ? 2.813   -8.306  4.949   1.00 30.20 ? 13  LYS A CG  1 
ATOM   96  C  CD  . LYS A 1 12 ? 3.573   -9.425  4.282   1.00 35.89 ? 13  LYS A CD  1 
ATOM   97  C  CE  . LYS A 1 12 ? 4.925   -9.548  4.900   1.00 38.31 ? 13  LYS A CE  1 
ATOM   98  N  NZ  . LYS A 1 12 ? 5.497   -10.881 4.616   1.00 40.64 ? 13  LYS A NZ  1 
ATOM   99  N  N   . ASP A 1 13 ? 1.408   -6.537  7.451   1.00 21.05 ? 14  ASP A N   1 
ATOM   100 C  CA  . ASP A 1 13 ? 1.439   -6.508  8.918   1.00 21.91 ? 14  ASP A CA  1 
ATOM   101 C  C   . ASP A 1 13 ? 0.535   -5.433  9.525   1.00 21.15 ? 14  ASP A C   1 
ATOM   102 O  O   . ASP A 1 13 ? 0.458   -5.296  10.750  1.00 22.74 ? 14  ASP A O   1 
ATOM   103 C  CB  . ASP A 1 13 ? 2.863   -6.373  9.439   1.00 22.64 ? 14  ASP A CB  1 
ATOM   104 C  CG  . ASP A 1 13 ? 3.532   -5.104  9.001   1.00 21.18 ? 14  ASP A CG  1 
ATOM   105 O  OD1 . ASP A 1 13 ? 2.896   -4.197  8.383   1.00 20.39 ? 14  ASP A OD1 1 
ATOM   106 O  OD2 . ASP A 1 13 ? 4.729   -4.974  9.321   1.00 23.89 ? 14  ASP A OD2 1 
ATOM   107 N  N   . GLY A 1 14 ? -0.221  -4.709  8.691   1.00 19.62 ? 15  GLY A N   1 
ATOM   108 C  CA  . GLY A 1 14 ? -1.186  -3.759  9.209   1.00 20.38 ? 15  GLY A CA  1 
ATOM   109 C  C   . GLY A 1 14 ? -0.590  -2.518  9.853   1.00 18.74 ? 15  GLY A C   1 
ATOM   110 O  O   . GLY A 1 14 ? -1.312  -1.799  10.543  1.00 19.04 ? 15  GLY A O   1 
ATOM   111 N  N   . THR A 1 15 ? 0.686   -2.208  9.631   1.00 17.42 ? 16  THR A N   1 
ATOM   112 C  CA  . THR A 1 15 ? 1.243   -1.038  10.317  1.00 17.57 ? 16  THR A CA  1 
ATOM   113 C  C   . THR A 1 15 ? 0.847   0.275   9.662   1.00 17.44 ? 16  THR A C   1 
ATOM   114 O  O   . THR A 1 15 ? 1.141   1.342   10.217  1.00 18.51 ? 16  THR A O   1 
ATOM   115 C  CB  . THR A 1 15 ? 2.791   -1.110  10.379  1.00 18.40 ? 16  THR A CB  1 
ATOM   116 O  OG1 . THR A 1 15 ? 3.313   -1.138  9.028   1.00 18.24 ? 16  THR A OG1 1 
ATOM   117 C  CG2 . THR A 1 15 ? 3.251   -2.340  11.169  1.00 20.18 ? 16  THR A CG2 1 
ATOM   118 N  N   . ASN A 1 16 ? 0.227   0.200   8.479   1.00 16.43 ? 17  ASN A N   1 
ATOM   119 C  CA  . ASN A 1 16 ? -0.089  1.398   7.686   1.00 16.22 ? 17  ASN A CA  1 
ATOM   120 C  C   . ASN A 1 16 ? 1.155   2.159   7.230   1.00 17.18 ? 17  ASN A C   1 
ATOM   121 O  O   . ASN A 1 16 ? 1.096   3.330   6.830   1.00 18.91 ? 17  ASN A O   1 
ATOM   122 C  CB  . ASN A 1 16 ? -1.049  2.321   8.438   1.00 18.22 ? 17  ASN A CB  1 
ATOM   123 C  CG  . ASN A 1 16 ? -2.370  1.657   8.687   1.00 19.71 ? 17  ASN A CG  1 
ATOM   124 O  OD1 . ASN A 1 16 ? -3.011  1.183   7.746   1.00 20.91 ? 17  ASN A OD1 1 
ATOM   125 N  ND2 . ASN A 1 16 ? -2.761  1.554   9.953   1.00 21.02 ? 17  ASN A ND2 1 
ATOM   126 N  N   . VAL A 1 17 ? 2.265   1.435   7.205   1.00 16.71 ? 18  VAL A N   1 
ATOM   127 C  CA  . VAL A 1 17 ? 3.457   1.837   6.503   1.00 17.29 ? 18  VAL A CA  1 
ATOM   128 C  C   . VAL A 1 17 ? 3.837   0.659   5.604   1.00 17.47 ? 18  VAL A C   1 
ATOM   129 O  O   . VAL A 1 17 ? 4.062   -0.456  6.100   1.00 18.00 ? 18  VAL A O   1 
ATOM   130 C  CB  . VAL A 1 17 ? 4.605   2.166   7.449   1.00 18.73 ? 18  VAL A CB  1 
ATOM   131 C  CG1 . VAL A 1 17 ? 5.810   2.626   6.639   1.00 21.38 ? 18  VAL A CG1 1 
ATOM   132 C  CG2 . VAL A 1 17 ? 4.181   3.244   8.470   1.00 20.53 ? 18  VAL A CG2 1 
ATOM   133 N  N   . ILE A 1 18 ? 3.913   0.907   4.303   1.00 16.90 ? 19  ILE A N   1 
ATOM   134 C  CA  . ILE A 1 18 ? 4.398   -0.075  3.353   1.00 17.23 ? 19  ILE A CA  1 
ATOM   135 C  C   . ILE A 1 18 ? 5.929   0.011   3.343   1.00 17.53 ? 19  ILE A C   1 
ATOM   136 O  O   . ILE A 1 18 ? 6.541   1.045   3.011   1.00 18.54 ? 19  ILE A O   1 
ATOM   137 C  CB  . ILE A 1 18 ? 3.801   0.155   1.953   1.00 18.77 ? 19  ILE A CB  1 
ATOM   138 C  CG1 . ILE A 1 18 ? 2.332   -0.287  1.962   1.00 19.90 ? 19  ILE A CG1 1 
ATOM   139 C  CG2 . ILE A 1 18 ? 4.657   -0.554  0.891   1.00 18.06 ? 19  ILE A CG2 1 
ATOM   140 C  CD1 . ILE A 1 18 ? 1.617   -0.011  0.616   1.00 20.58 ? 19  ILE A CD1 1 
ATOM   141 N  N   . SER A 1 19 ? 6.566   -1.058  3.769   1.00 17.75 ? 20  SER A N   1 
ATOM   142 C  CA  . SER A 1 19 ? 8.002   -1.131  3.679   1.00 18.86 ? 20  SER A CA  1 
ATOM   143 C  C   . SER A 1 19 ? 8.418   -1.473  2.253   1.00 18.40 ? 20  SER A C   1 
ATOM   144 O  O   . SER A 1 19 ? 7.647   -2.080  1.475   1.00 18.56 ? 20  SER A O   1 
ATOM   145 C  CB  . SER A 1 19 ? 8.545   -2.188  4.666   1.00 18.81 ? 20  SER A CB  1 
ATOM   146 O  OG  . SER A 1 19 ? 8.279   -3.477  4.141   1.00 18.96 ? 20  SER A OG  1 
ATOM   147 N  N   . TYR A 1 20 ? 9.648   -1.143  1.896   1.00 19.13 ? 21  TYR A N   1 
ATOM   148 C  CA  . TYR A 1 20 ? 10.123  -1.515  0.583   1.00 19.26 ? 21  TYR A CA  1 
ATOM   149 C  C   . TYR A 1 20 ? 10.134  -3.060  0.367   1.00 18.72 ? 21  TYR A C   1 
ATOM   150 O  O   . TYR A 1 20 ? 9.664   -3.533  -0.669  1.00 18.48 ? 21  TYR A O   1 
ATOM   151 C  CB  . TYR A 1 20 ? 11.468  -0.882  0.306   1.00 20.80 ? 21  TYR A CB  1 
ATOM   152 C  CG  . TYR A 1 20 ? 11.495  0.647   0.163   1.00 22.60 ? 21  TYR A CG  1 
ATOM   153 C  CD1 . TYR A 1 20 ? 10.340  1.406   0.055   1.00 23.10 ? 21  TYR A CD1 1 
ATOM   154 C  CD2 . TYR A 1 20 ? 12.720  1.308   0.137   1.00 24.79 ? 21  TYR A CD2 1 
ATOM   155 C  CE1 . TYR A 1 20 ? 10.406  2.794   -0.117  1.00 22.36 ? 21  TYR A CE1 1 
ATOM   156 C  CE2 . TYR A 1 20 ? 12.798  2.673   -0.006  1.00 25.19 ? 21  TYR A CE2 1 
ATOM   157 C  CZ  . TYR A 1 20 ? 11.637  3.424   -0.128  1.00 24.90 ? 21  TYR A CZ  1 
ATOM   158 O  OH  . TYR A 1 20 ? 11.784  4.797   -0.302  1.00 30.18 ? 21  TYR A OH  1 
ATOM   159 N  N   . PRO A 1 21 ? 10.522  -3.873  1.375   1.00 18.87 ? 22  PRO A N   1 
ATOM   160 C  CA  . PRO A 1 21 ? 10.371  -5.334  1.152   1.00 19.07 ? 22  PRO A CA  1 
ATOM   161 C  C   . PRO A 1 21 ? 8.904   -5.763  0.920   1.00 17.28 ? 22  PRO A C   1 
ATOM   162 O  O   . PRO A 1 21 ? 8.678   -6.643  0.073   1.00 18.12 ? 22  PRO A O   1 
ATOM   163 C  CB  . PRO A 1 21 ? 10.934  -5.942  2.450   1.00 20.25 ? 22  PRO A CB  1 
ATOM   164 C  CG  . PRO A 1 21 ? 12.005  -4.909  2.857   1.00 20.20 ? 22  PRO A CG  1 
ATOM   165 C  CD  . PRO A 1 21 ? 11.352  -3.578  2.558   1.00 19.85 ? 22  PRO A CD  1 
ATOM   166 N  N   . GLU A 1 22 ? 7.943   -5.173  1.645   1.00 17.34 ? 23  GLU A N   1 
ATOM   167 C  CA  . GLU A 1 22 ? 6.538   -5.502  1.415   1.00 16.73 ? 23  GLU A CA  1 
ATOM   168 C  C   . GLU A 1 22 ? 6.129   -5.226  -0.025  1.00 17.14 ? 23  GLU A C   1 
ATOM   169 O  O   . GLU A 1 22 ? 5.477   -6.051  -0.651  1.00 18.44 ? 23  GLU A O   1 
ATOM   170 C  CB  . GLU A 1 22 ? 5.630   -4.694  2.373   1.00 17.63 ? 23  GLU A CB  1 
ATOM   171 C  CG  . GLU A 1 22 ? 5.570   -5.274  3.775   1.00 17.70 ? 23  GLU A CG  1 
ATOM   172 C  CD  . GLU A 1 22 ? 4.778   -4.397  4.749   1.00 17.89 ? 23  GLU A CD  1 
ATOM   173 O  OE1 . GLU A 1 22 ? 4.618   -3.173  4.516   1.00 18.76 ? 23  GLU A OE1 1 
ATOM   174 O  OE2 . GLU A 1 22 ? 4.282   -4.909  5.776   1.00 20.32 ? 23  GLU A OE2 1 
ATOM   175 N  N   . LEU A 1 23 ? 6.502   -4.059  -0.532  1.00 17.51 ? 24  LEU A N   1 
ATOM   176 C  CA  . LEU A 1 23 ? 6.189   -3.670  -1.892  1.00 18.58 ? 24  LEU A CA  1 
ATOM   177 C  C   . LEU A 1 23 ? 6.860   -4.630  -2.877  1.00 18.45 ? 24  LEU A C   1 
ATOM   178 O  O   . LEU A 1 23 ? 6.237   -5.117  -3.814  1.00 20.03 ? 24  LEU A O   1 
ATOM   179 C  CB  . LEU A 1 23 ? 6.655   -2.224  -2.110  1.00 19.70 ? 24  LEU A CB  1 
ATOM   180 C  CG  . LEU A 1 23 ? 6.574   -1.700  -3.539  1.00 21.40 ? 24  LEU A CG  1 
ATOM   181 C  CD1 . LEU A 1 23 ? 5.112   -1.658  -4.053  1.00 23.24 ? 24  LEU A CD1 1 
ATOM   182 C  CD2 . LEU A 1 23 ? 7.224   -0.330  -3.579  1.00 24.43 ? 24  LEU A CD2 1 
ATOM   183 N  N   . GLU A 1 24 ? 8.129   -4.944  -2.614  1.00 17.67 ? 25  GLU A N   1 
ATOM   184 C  CA  . GLU A 1 24 ? 8.876   -5.804  -3.509  1.00 19.24 ? 25  GLU A CA  1 
ATOM   185 C  C   . GLU A 1 24 ? 8.322   -7.234  -3.524  1.00 18.86 ? 25  GLU A C   1 
ATOM   186 O  O   . GLU A 1 24 ? 8.256   -7.870  -4.592  1.00 19.47 ? 25  GLU A O   1 
ATOM   187 C  CB  . GLU A 1 24 ? 10.357  -5.755  -3.122  1.00 19.50 ? 25  GLU A CB  1 
ATOM   188 C  CG  . GLU A 1 24 ? 10.918  -4.373  -3.471  1.00 21.80 ? 25  GLU A CG  1 
ATOM   189 C  CD  . GLU A 1 24 ? 12.030  -3.852  -2.645  1.00 23.62 ? 25  GLU A CD  1 
ATOM   190 O  OE1 . GLU A 1 24 ? 12.532  -4.523  -1.722  1.00 23.03 ? 25  GLU A OE1 1 
ATOM   191 O  OE2 . GLU A 1 24 ? 12.444  -2.715  -3.008  1.00 25.03 ? 25  GLU A OE2 1 
ATOM   192 N  N   . GLN A 1 25 ? 7.880   -7.723  -2.367  1.00 19.09 ? 26  GLN A N   1 
ATOM   193 C  CA  . GLN A 1 25 ? 7.240   -9.040  -2.308  1.00 19.67 ? 26  GLN A CA  1 
ATOM   194 C  C   . GLN A 1 25 ? 5.927   -9.052  -3.089  1.00 20.05 ? 26  GLN A C   1 
ATOM   195 O  O   . GLN A 1 25 ? 5.645   -9.969  -3.847  1.00 20.89 ? 26  GLN A O   1 
ATOM   196 C  CB  . GLN A 1 25 ? 6.981   -9.450  -0.868  1.00 19.88 ? 26  GLN A CB  1 
ATOM   197 C  CG  . GLN A 1 25 ? 6.266   -10.781 -0.766  1.00 21.20 ? 26  GLN A CG  1 
ATOM   198 C  CD  . GLN A 1 25 ? 6.191   -11.305 0.632   1.00 24.32 ? 26  GLN A CD  1 
ATOM   199 O  OE1 . GLN A 1 25 ? 6.258   -10.550 1.616   1.00 23.26 ? 26  GLN A OE1 1 
ATOM   200 N  NE2 . GLN A 1 25 ? 6.065   -12.620 0.743   1.00 28.64 ? 26  GLN A NE2 1 
ATOM   201 N  N   . TYR A 1 26 ? 5.119   -8.017  -2.933  1.00 18.93 ? 27  TYR A N   1 
ATOM   202 C  CA  . TYR A 1 26 ? 3.885   -7.951  -3.698  1.00 20.49 ? 27  TYR A CA  1 
ATOM   203 C  C   . TYR A 1 26 ? 4.127   -7.946  -5.206  1.00 20.14 ? 27  TYR A C   1 
ATOM   204 O  O   . TYR A 1 26 ? 3.448   -8.644  -5.971  1.00 21.01 ? 27  TYR A O   1 
ATOM   205 C  CB  . TYR A 1 26 ? 3.114   -6.714  -3.283  1.00 21.50 ? 27  TYR A CB  1 
ATOM   206 C  CG  . TYR A 1 26 ? 1.792   -6.582  -3.983  1.00 24.36 ? 27  TYR A CG  1 
ATOM   207 C  CD1 . TYR A 1 26 ? 1.680   -5.842  -5.149  1.00 27.55 ? 27  TYR A CD1 1 
ATOM   208 C  CD2 . TYR A 1 26 ? 0.637   -7.184  -3.469  1.00 27.23 ? 27  TYR A CD2 1 
ATOM   209 C  CE1 . TYR A 1 26 ? 0.448   -5.708  -5.793  1.00 29.26 ? 27  TYR A CE1 1 
ATOM   210 C  CE2 . TYR A 1 26 ? -0.585  -7.064  -4.110  1.00 30.02 ? 27  TYR A CE2 1 
ATOM   211 C  CZ  . TYR A 1 26 ? -0.671  -6.316  -5.265  1.00 30.55 ? 27  TYR A CZ  1 
ATOM   212 O  OH  . TYR A 1 26 ? -1.883  -6.174  -5.875  1.00 33.82 ? 27  TYR A OH  1 
ATOM   213 N  N   . VAL A 1 27 ? 5.115   -7.182  -5.646  1.00 19.88 ? 28  VAL A N   1 
ATOM   214 C  CA  . VAL A 1 27 ? 5.413   -7.100  -7.062  1.00 20.86 ? 28  VAL A CA  1 
ATOM   215 C  C   . VAL A 1 27 ? 5.816   -8.461  -7.584  1.00 21.80 ? 28  VAL A C   1 
ATOM   216 O  O   . VAL A 1 27 ? 5.264   -8.933  -8.591  1.00 22.98 ? 28  VAL A O   1 
ATOM   217 C  CB  . VAL A 1 27 ? 6.499   -6.052  -7.311  1.00 21.32 ? 28  VAL A CB  1 
ATOM   218 C  CG1 . VAL A 1 27 ? 7.102   -6.180  -8.729  1.00 23.33 ? 28  VAL A CG1 1 
ATOM   219 C  CG2 . VAL A 1 27 ? 5.921   -4.652  -7.094  1.00 21.85 ? 28  VAL A CG2 1 
ATOM   220 N  N   . ALA A 1 28 ? 6.741   -9.113  -6.889  1.00 21.06 ? 29  ALA A N   1 
ATOM   221 C  CA  . ALA A 1 28 ? 7.206   -10.392 -7.387  1.00 22.70 ? 29  ALA A CA  1 
ATOM   222 C  C   . ALA A 1 28 ? 6.089   -11.435 -7.335  1.00 23.54 ? 29  ALA A C   1 
ATOM   223 O  O   . ALA A 1 28 ? 5.935   -12.222 -8.262  1.00 25.24 ? 29  ALA A O   1 
ATOM   224 C  CB  . ALA A 1 28 ? 8.423   -10.866 -6.582  1.00 24.59 ? 29  ALA A CB  1 
ATOM   225 N  N   . GLU A 1 29 ? 5.342   -11.480 -6.239  1.00 24.06 ? 30  GLU A N   1 
ATOM   226 C  CA  . GLU A 1 29 ? 4.342   -12.532 -6.054  1.00 28.22 ? 30  GLU A CA  1 
ATOM   227 C  C   . GLU A 1 29 ? 3.193   -12.430 -7.046  1.00 29.04 ? 30  GLU A C   1 
ATOM   228 O  O   . GLU A 1 29 ? 2.509   -13.407 -7.318  1.00 33.21 ? 30  GLU A O   1 
ATOM   229 C  CB  . GLU A 1 29 ? 3.805   -12.489 -4.620  1.00 33.14 ? 30  GLU A CB  1 
ATOM   230 C  CG  . GLU A 1 29 ? 4.423   -13.555 -3.774  1.00 38.09 ? 30  GLU A CG  1 
ATOM   231 C  CD  . GLU A 1 29 ? 4.382   -13.277 -2.299  1.00 41.05 ? 30  GLU A CD  1 
ATOM   232 O  OE1 . GLU A 1 29 ? 3.396   -12.652 -1.825  1.00 39.47 ? 30  GLU A OE1 1 
ATOM   233 O  OE2 . GLU A 1 29 ? 5.372   -13.682 -1.609  1.00 42.57 ? 30  GLU A OE2 1 
ATOM   234 N  N   . ASN A 1 30 ? 2.996   -11.236 -7.589  1.00 28.68 ? 31  ASN A N   1 
ATOM   235 C  CA  . ASN A 1 30 ? 1.945   -10.997 -8.571  1.00 29.41 ? 31  ASN A CA  1 
ATOM   236 C  C   . ASN A 1 30 ? 2.462   -10.854 -9.998  1.00 28.10 ? 31  ASN A C   1 
ATOM   237 O  O   . ASN A 1 30 ? 1.734   -10.428 -10.900 1.00 31.08 ? 31  ASN A O   1 
ATOM   238 C  CB  . ASN A 1 30 ? 1.172   -9.752  -8.155  1.00 29.98 ? 31  ASN A CB  1 
ATOM   239 C  CG  . ASN A 1 30 ? 0.261   -10.026 -6.998  1.00 32.22 ? 31  ASN A CG  1 
ATOM   240 O  OD1 . ASN A 1 30 ? -0.760  -10.704 -7.157  1.00 35.63 ? 31  ASN A OD1 1 
ATOM   241 N  ND2 . ASN A 1 30 ? 0.625   -9.539  -5.821  1.00 31.11 ? 31  ASN A ND2 1 
ATOM   242 N  N   . ASN A 1 31 ? 3.720   -11.238 -10.198 1.00 26.30 ? 32  ASN A N   1 
ATOM   243 C  CA  . ASN A 1 31 ? 4.351   -11.232 -11.511 1.00 26.24 ? 32  ASN A CA  1 
ATOM   244 C  C   . ASN A 1 31 ? 4.270   -9.888  -12.224 1.00 26.42 ? 32  ASN A C   1 
ATOM   245 O  O   . ASN A 1 31 ? 4.109   -9.804  -13.434 1.00 27.64 ? 32  ASN A O   1 
ATOM   246 C  CB  . ASN A 1 31 ? 3.766   -12.359 -12.360 1.00 28.73 ? 32  ASN A CB  1 
ATOM   247 C  CG  . ASN A 1 31 ? 4.237   -13.734 -11.872 1.00 30.94 ? 32  ASN A CG  1 
ATOM   248 O  OD1 . ASN A 1 31 ? 5.419   -13.934 -11.597 1.00 33.24 ? 32  ASN A OD1 1 
ATOM   249 N  ND2 . ASN A 1 31 ? 3.309   -14.642 -11.687 1.00 34.67 ? 32  ASN A ND2 1 
ATOM   250 N  N   . LEU A 1 32 ? 4.456   -8.845  -11.437 1.00 24.89 ? 33  LEU A N   1 
ATOM   251 C  CA  . LEU A 1 32 ? 4.444   -7.502  -11.954 1.00 26.11 ? 33  LEU A CA  1 
ATOM   252 C  C   . LEU A 1 32 ? 5.810   -7.040  -12.386 1.00 26.47 ? 33  LEU A C   1 
ATOM   253 O  O   . LEU A 1 32 ? 6.840   -7.599  -12.019 1.00 26.18 ? 33  LEU A O   1 
ATOM   254 C  CB  . LEU A 1 32 ? 3.894   -6.535  -10.914 1.00 27.69 ? 33  LEU A CB  1 
ATOM   255 C  CG  . LEU A 1 32 ? 2.429   -6.801  -10.573 1.00 30.96 ? 33  LEU A CG  1 
ATOM   256 C  CD1 . LEU A 1 32 ? 2.028   -5.970  -9.373  1.00 31.59 ? 33  LEU A CD1 1 
ATOM   257 C  CD2 . LEU A 1 32 ? 1.502   -6.519  -11.743 1.00 34.44 ? 33  LEU A CD2 1 
ATOM   258 N  N   . ASP A 1 33 ? 5.808   -5.996  -13.186 1.00 30.14 ? 34  ASP A N   1 
ATOM   259 C  CA  . ASP A 1 33 ? 7.041   -5.430  -13.667 1.00 32.09 ? 34  ASP A CA  1 
ATOM   260 C  C   . ASP A 1 33 ? 7.819   -4.815  -12.506 1.00 31.50 ? 34  ASP A C   1 
ATOM   261 O  O   . ASP A 1 33 ? 7.285   -4.012  -11.772 1.00 31.48 ? 34  ASP A O   1 
ATOM   262 C  CB  . ASP A 1 33 ? 6.731   -4.385  -14.724 1.00 36.98 ? 34  ASP A CB  1 
ATOM   263 C  CG  . ASP A 1 33 ? 7.937   -3.985  -15.522 1.00 40.98 ? 34  ASP A CG  1 
ATOM   264 O  OD1 . ASP A 1 33 ? 7.818   -3.872  -16.764 1.00 43.44 ? 34  ASP A OD1 1 
ATOM   265 O  OD2 . ASP A 1 33 ? 8.996   -3.760  -14.920 1.00 41.51 ? 34  ASP A OD2 1 
ATOM   266 N  N   . PRO A 1 34 ? 9.081   -5.201  -12.338 1.00 33.48 ? 35  PRO A N   1 
ATOM   267 C  CA  . PRO A 1 34 ? 9.898   -4.659  -11.245 1.00 34.06 ? 35  PRO A CA  1 
ATOM   268 C  C   . PRO A 1 34 ? 10.032  -3.134  -11.261 1.00 32.41 ? 35  PRO A C   1 
ATOM   269 O  O   . PRO A 1 34 ? 10.304  -2.554  -10.222 1.00 33.41 ? 35  PRO A O   1 
ATOM   270 C  CB  . PRO A 1 34 ? 11.255  -5.323  -11.474 1.00 37.79 ? 35  PRO A CB  1 
ATOM   271 C  CG  . PRO A 1 34 ? 10.934  -6.579  -12.147 1.00 38.67 ? 35  PRO A CG  1 
ATOM   272 C  CD  . PRO A 1 34 ? 9.764   -6.297  -13.042 1.00 36.29 ? 35  PRO A CD  1 
ATOM   273 N  N   . SER A 1 35 ? 9.825   -2.497  -12.407 1.00 32.49 ? 36  SER A N   1 
ATOM   274 C  CA  . SER A 1 35 ? 9.827   -1.035  -12.492 1.00 33.50 ? 36  SER A CA  1 
ATOM   275 C  C   . SER A 1 35 ? 8.721   -0.414  -11.619 1.00 32.40 ? 36  SER A C   1 
ATOM   276 O  O   . SER A 1 35 ? 8.754   0.782   -11.297 1.00 33.63 ? 36  SER A O   1 
ATOM   277 C  CB  . SER A 1 35 ? 9.654   -0.600  -13.946 1.00 37.21 ? 36  SER A CB  1 
ATOM   278 O  OG  . SER A 1 35 ? 8.454   -1.121  -14.459 1.00 40.21 ? 36  SER A OG  1 
ATOM   279 N  N   . MET A 1 36 ? 7.727   -1.231  -11.291 1.00 29.99 ? 37  MET A N   1 
ATOM   280 C  CA  . MET A 1 36 ? 6.630   -0.889  -10.394 1.00 29.06 ? 37  MET A CA  1 
ATOM   281 C  C   . MET A 1 36 ? 7.149   -0.411  -9.048  1.00 27.34 ? 37  MET A C   1 
ATOM   282 O  O   . MET A 1 36 ? 6.546   0.458   -8.404  1.00 26.99 ? 37  MET A O   1 
ATOM   283 C  CB  . MET A 1 36 ? 5.736   -2.128  -10.201 1.00 32.20 ? 37  MET A CB  1 
ATOM   284 C  CG  . MET A 1 36 ? 4.575   -1.939  -9.302  1.00 34.74 ? 37  MET A CG  1 
ATOM   285 S  SD  . MET A 1 36 ? 3.502   -0.747  -10.099 1.00 41.78 ? 37  MET A SD  1 
ATOM   286 C  CE  . MET A 1 36 ? 2.773   -1.807  -11.355 1.00 38.32 ? 37  MET A CE  1 
ATOM   287 N  N   . VAL A 1 37 ? 8.255   -1.003  -8.598  1.00 27.19 ? 38  VAL A N   1 
ATOM   288 C  CA  . VAL A 1 37 ? 8.817   -0.603  -7.311  1.00 24.16 ? 38  VAL A CA  1 
ATOM   289 C  C   . VAL A 1 37 ? 9.236   0.874   -7.362  1.00 24.97 ? 38  VAL A C   1 
ATOM   290 O  O   . VAL A 1 37 ? 8.814   1.684   -6.504  1.00 25.03 ? 38  VAL A O   1 
ATOM   291 C  CB  . VAL A 1 37 ? 10.011  -1.524  -6.903  1.00 22.83 ? 38  VAL A CB  1 
ATOM   292 C  CG1 . VAL A 1 37 ? 10.635  -1.009  -5.619  1.00 24.91 ? 38  VAL A CG1 1 
ATOM   293 C  CG2 . VAL A 1 37 ? 9.572   -2.977  -6.770  1.00 22.67 ? 38  VAL A CG2 1 
ATOM   294 N  N   . GLU A 1 38 ? 10.003  1.231   -8.382  1.00 26.32 ? 39  GLU A N   1 
ATOM   295 C  CA  . GLU A 1 38 ? 10.420  2.625   -8.543  1.00 30.24 ? 39  GLU A CA  1 
ATOM   296 C  C   . GLU A 1 38 ? 9.234   3.572   -8.707  1.00 28.36 ? 39  GLU A C   1 
ATOM   297 O  O   . GLU A 1 38 ? 9.264   4.678   -8.197  1.00 29.70 ? 39  GLU A O   1 
ATOM   298 C  CB  . GLU A 1 38 ? 11.355  2.770   -9.736  1.00 36.86 ? 39  GLU A CB  1 
ATOM   299 C  CG  . GLU A 1 38 ? 12.749  2.251   -9.472  1.00 45.86 ? 39  GLU A CG  1 
ATOM   300 C  CD  . GLU A 1 38 ? 13.706  3.332   -9.022  1.00 53.02 ? 39  GLU A CD  1 
ATOM   301 O  OE1 . GLU A 1 38 ? 14.332  3.956   -9.911  1.00 55.47 ? 39  GLU A OE1 1 
ATOM   302 O  OE2 . GLU A 1 38 ? 13.838  3.553   -7.791  1.00 55.32 ? 39  GLU A OE2 1 
ATOM   303 N  N   . LYS A 1 39 ? 8.190   3.144   -9.412  1.00 28.45 ? 40  LYS A N   1 
ATOM   304 C  CA  . LYS A 1 39 ? 7.030   4.006   -9.625  1.00 28.81 ? 40  LYS A CA  1 
ATOM   305 C  C   . LYS A 1 39 ? 6.318   4.306   -8.301  1.00 26.14 ? 40  LYS A C   1 
ATOM   306 O  O   . LYS A 1 39 ? 5.932   5.447   -8.041  1.00 26.23 ? 40  LYS A O   1 
ATOM   307 C  CB  . LYS A 1 39 ? 6.055   3.375   -10.626 1.00 32.30 ? 40  LYS A CB  1 
ATOM   308 C  CG  . LYS A 1 39 ? 6.614   3.151   -12.023 1.00 38.91 ? 40  LYS A CG  1 
ATOM   309 C  CD  . LYS A 1 39 ? 5.526   2.519   -12.891 1.00 44.05 ? 40  LYS A CD  1 
ATOM   310 C  CE  . LYS A 1 39 ? 6.052   1.362   -13.744 1.00 47.96 ? 40  LYS A CE  1 
ATOM   311 N  NZ  . LYS A 1 39 ? 7.029   1.813   -14.780 1.00 49.33 ? 40  LYS A NZ  1 
ATOM   312 N  N   . TRP A 1 40 ? 6.140   3.294   -7.456  1.00 24.67 ? 41  TRP A N   1 
ATOM   313 C  CA  . TRP A 1 40 ? 5.514   3.496   -6.136  1.00 23.95 ? 41  TRP A CA  1 
ATOM   314 C  C   . TRP A 1 40 ? 6.364   4.411   -5.264  1.00 24.15 ? 41  TRP A C   1 
ATOM   315 O  O   . TRP A 1 40 ? 5.843   5.260   -4.520  1.00 24.68 ? 41  TRP A O   1 
ATOM   316 C  CB  . TRP A 1 40 ? 5.276   2.138   -5.435  1.00 25.05 ? 41  TRP A CB  1 
ATOM   317 C  CG  . TRP A 1 40 ? 3.974   1.503   -5.852  1.00 27.23 ? 41  TRP A CG  1 
ATOM   318 C  CD1 . TRP A 1 40 ? 3.628   1.070   -7.118  1.00 30.01 ? 41  TRP A CD1 1 
ATOM   319 C  CD2 . TRP A 1 40 ? 2.829   1.265   -5.018  1.00 27.66 ? 41  TRP A CD2 1 
ATOM   320 N  NE1 . TRP A 1 40 ? 2.344   0.586   -7.110  1.00 30.98 ? 41  TRP A NE1 1 
ATOM   321 C  CE2 . TRP A 1 40 ? 1.832   0.691   -5.836  1.00 29.83 ? 41  TRP A CE2 1 
ATOM   322 C  CE3 . TRP A 1 40 ? 2.542   1.491   -3.658  1.00 27.42 ? 41  TRP A CE3 1 
ATOM   323 C  CZ2 . TRP A 1 40 ? 0.579   0.340   -5.344  1.00 30.25 ? 41  TRP A CZ2 1 
ATOM   324 C  CZ3 . TRP A 1 40 ? 1.291   1.114   -3.174  1.00 29.03 ? 41  TRP A CZ3 1 
ATOM   325 C  CH2 . TRP A 1 40 ? 0.330   0.556   -4.021  1.00 30.30 ? 41  TRP A CH2 1 
ATOM   326 N  N   . LYS A 1 41 ? 7.672   4.222   -5.315  1.00 24.40 ? 42  LYS A N   1 
ATOM   327 C  CA  . LYS A 1 41 ? 8.558   5.063   -4.510  1.00 24.66 ? 42  LYS A CA  1 
ATOM   328 C  C   . LYS A 1 41 ? 8.432   6.516   -4.982  1.00 24.95 ? 42  LYS A C   1 
ATOM   329 O  O   . LYS A 1 41 ? 8.361   7.438   -4.174  1.00 25.57 ? 42  LYS A O   1 
ATOM   330 C  CB  . LYS A 1 41 ? 10.012  4.595   -4.611  1.00 24.96 ? 42  LYS A CB  1 
ATOM   331 C  CG  . LYS A 1 41 ? 10.344  3.272   -3.938  1.00 26.24 ? 42  LYS A CG  1 
ATOM   332 C  CD  . LYS A 1 41 ? 11.812  2.888   -4.153  1.00 25.97 ? 42  LYS A CD  1 
ATOM   333 C  CE  . LYS A 1 41 ? 12.187  1.599   -3.388  1.00 25.85 ? 42  LYS A CE  1 
ATOM   334 N  NZ  . LYS A 1 41 ? 13.619  1.252   -3.530  1.00 27.75 ? 42  LYS A NZ  1 
ATOM   335 N  N   . GLN A 1 42 ? 8.378   6.719   -6.294  1.00 25.35 ? 43  GLN A N   1 
ATOM   336 C  CA  . GLN A 1 42 ? 8.324   8.062   -6.823  1.00 26.90 ? 43  GLN A CA  1 
ATOM   337 C  C   . GLN A 1 42 ? 6.996   8.749   -6.565  1.00 25.15 ? 43  GLN A C   1 
ATOM   338 O  O   . GLN A 1 42 ? 6.952   9.932   -6.239  1.00 26.16 ? 43  GLN A O   1 
ATOM   339 C  CB  . GLN A 1 42 ? 8.611   8.007   -8.304  1.00 30.05 ? 43  GLN A CB  1 
ATOM   340 C  CG  . GLN A 1 42 ? 10.061  7.687   -8.573  1.00 37.21 ? 43  GLN A CG  1 
ATOM   341 C  CD  . GLN A 1 42 ? 10.419  7.763   -10.047 1.00 44.23 ? 43  GLN A CD  1 
ATOM   342 O  OE1 . GLN A 1 42 ? 9.584   8.116   -10.882 1.00 47.90 ? 43  GLN A OE1 1 
ATOM   343 N  NE2 . GLN A 1 42 ? 11.668  7.433   -10.372 1.00 44.90 ? 43  GLN A NE2 1 
ATOM   344 N  N   . LEU A 1 43 ? 5.908   8.012   -6.710  1.00 25.67 ? 44  LEU A N   1 
ATOM   345 C  CA  . LEU A 1 43 ? 4.585   8.587   -6.477  1.00 27.25 ? 44  LEU A CA  1 
ATOM   346 C  C   . LEU A 1 43 ? 4.261   8.767   -4.978  1.00 27.30 ? 44  LEU A C   1 
ATOM   347 O  O   . LEU A 1 43 ? 3.676   9.783   -4.591  1.00 29.04 ? 44  LEU A O   1 
ATOM   348 C  CB  . LEU A 1 43 ? 3.495   7.720   -7.145  1.00 27.70 ? 44  LEU A CB  1 
ATOM   349 C  CG  . LEU A 1 43 ? 3.484   7.633   -8.684  1.00 27.92 ? 44  LEU A CG  1 
ATOM   350 C  CD1 . LEU A 1 43 ? 2.528   6.557   -9.199  1.00 29.99 ? 44  LEU A CD1 1 
ATOM   351 C  CD2 . LEU A 1 43 ? 3.128   8.962   -9.326  1.00 29.13 ? 44  LEU A CD2 1 
ATOM   352 N  N   . PHE A 1 44 ? 4.680   7.814   -4.136  1.00 26.32 ? 45  PHE A N   1 
ATOM   353 C  CA  . PHE A 1 44 ? 4.192   7.716   -2.746  1.00 25.49 ? 45  PHE A CA  1 
ATOM   354 C  C   . PHE A 1 44 ? 5.260   7.903   -1.683  1.00 26.88 ? 45  PHE A C   1 
ATOM   355 O  O   . PHE A 1 44 ? 4.950   7.954   -0.490  1.00 26.88 ? 45  PHE A O   1 
ATOM   356 C  CB  . PHE A 1 44 ? 3.512   6.371   -2.543  1.00 25.77 ? 45  PHE A CB  1 
ATOM   357 C  CG  . PHE A 1 44 ? 2.412   6.121   -3.510  1.00 26.97 ? 45  PHE A CG  1 
ATOM   358 C  CD1 . PHE A 1 44 ? 1.396   7.047   -3.700  1.00 27.81 ? 45  PHE A CD1 1 
ATOM   359 C  CD2 . PHE A 1 44 ? 2.380   4.922   -4.222  1.00 27.15 ? 45  PHE A CD2 1 
ATOM   360 C  CE1 . PHE A 1 44 ? 0.371   6.803   -4.616  1.00 29.56 ? 45  PHE A CE1 1 
ATOM   361 C  CE2 . PHE A 1 44 ? 1.370   4.671   -5.122  1.00 27.79 ? 45  PHE A CE2 1 
ATOM   362 C  CZ  . PHE A 1 44 ? 0.364   5.612   -5.323  1.00 28.48 ? 45  PHE A CZ  1 
ATOM   363 N  N   . ASP A 1 45 ? 6.514   8.001   -2.115  1.00 25.94 ? 46  ASP A N   1 
ATOM   364 C  CA  . ASP A 1 45 ? 7.606   8.379   -1.199  1.00 25.16 ? 46  ASP A CA  1 
ATOM   365 C  C   . ASP A 1 45 ? 8.472   9.421   -1.892  1.00 28.51 ? 46  ASP A C   1 
ATOM   366 O  O   . ASP A 1 45 ? 9.675   9.221   -2.035  1.00 29.37 ? 46  ASP A O   1 
ATOM   367 C  CB  . ASP A 1 45 ? 8.456   7.156   -0.783  1.00 23.44 ? 46  ASP A CB  1 
ATOM   368 C  CG  . ASP A 1 45 ? 9.441   7.480   0.334   1.00 23.97 ? 46  ASP A CG  1 
ATOM   369 O  OD1 . ASP A 1 45 ? 9.227   8.481   1.075   1.00 24.88 ? 46  ASP A OD1 1 
ATOM   370 O  OD2 . ASP A 1 45 ? 10.439  6.728   0.484   1.00 23.95 ? 46  ASP A OD2 1 
ATOM   371 N  N   . PRO A 1 46 ? 7.864   10.546  -2.329  1.00 29.03 ? 47  PRO A N   1 
ATOM   372 C  CA  . PRO A 1 46 ? 8.625   11.478  -3.158  1.00 32.73 ? 47  PRO A CA  1 
ATOM   373 C  C   . PRO A 1 46 ? 9.804   12.101  -2.435  1.00 34.63 ? 47  PRO A C   1 
ATOM   374 O  O   . PRO A 1 46 ? 10.786  12.437  -3.107  1.00 36.34 ? 47  PRO A O   1 
ATOM   375 C  CB  . PRO A 1 46 ? 7.579   12.548  -3.525  1.00 33.30 ? 47  PRO A CB  1 
ATOM   376 C  CG  . PRO A 1 46 ? 6.565   12.462  -2.411  1.00 32.31 ? 47  PRO A CG  1 
ATOM   377 C  CD  . PRO A 1 46 ? 6.477   11.010  -2.114  1.00 31.02 ? 47  PRO A CD  1 
ATOM   378 N  N   . ASP A 1 47 ? 9.698   12.268  -1.119  1.00 34.79 ? 48  ASP A N   1 
ATOM   379 C  CA  . ASP A 1 47 ? 10.790  12.823  -0.315  1.00 38.05 ? 48  ASP A CA  1 
ATOM   380 C  C   . ASP A 1 47 ? 11.825  11.772  0.109   1.00 36.46 ? 48  ASP A C   1 
ATOM   381 O  O   . ASP A 1 47 ? 12.754  12.079  0.855   1.00 37.24 ? 48  ASP A O   1 
ATOM   382 C  CB  . ASP A 1 47 ? 10.228  13.519  0.922   1.00 42.72 ? 48  ASP A CB  1 
ATOM   383 C  CG  . ASP A 1 47 ? 9.431   14.756  0.574   1.00 47.64 ? 48  ASP A CG  1 
ATOM   384 O  OD1 . ASP A 1 47 ? 8.331   14.942  1.132   1.00 49.42 ? 48  ASP A OD1 1 
ATOM   385 O  OD2 . ASP A 1 47 ? 9.900   15.540  -0.266  1.00 51.08 ? 48  ASP A OD2 1 
ATOM   386 N  N   . ASN A 1 48 ? 11.651  10.530  -0.346  1.00 34.15 ? 49  ASN A N   1 
ATOM   387 C  CA  . ASN A 1 48 ? 12.658  9.498   -0.134  1.00 34.24 ? 49  ASN A CA  1 
ATOM   388 C  C   . ASN A 1 48 ? 12.907  9.242   1.360   1.00 32.26 ? 49  ASN A C   1 
ATOM   389 O  O   . ASN A 1 48 ? 14.038  9.248   1.848   1.00 34.67 ? 49  ASN A O   1 
ATOM   390 C  CB  . ASN A 1 48 ? 13.954  9.888   -0.851  1.00 37.51 ? 49  ASN A CB  1 
ATOM   391 C  CG  . ASN A 1 48 ? 14.877  8.718   -1.064  1.00 41.69 ? 49  ASN A CG  1 
ATOM   392 O  OD1 . ASN A 1 48 ? 14.494  7.563   -0.878  1.00 42.65 ? 49  ASN A OD1 1 
ATOM   393 N  ND2 . ASN A 1 48 ? 16.097  9.006   -1.486  1.00 44.30 ? 49  ASN A ND2 1 
ATOM   394 N  N   . THR A 1 49 ? 11.817  9.028   2.085   1.00 30.05 ? 50  THR A N   1 
ATOM   395 C  CA  . THR A 1 49 ? 11.885  8.775   3.512   1.00 28.59 ? 50  THR A CA  1 
ATOM   396 C  C   . THR A 1 49 ? 12.273  7.330   3.794   1.00 27.47 ? 50  THR A C   1 
ATOM   397 O  O   . THR A 1 49 ? 12.647  6.997   4.909   1.00 29.29 ? 50  THR A O   1 
ATOM   398 C  CB  . THR A 1 49 ? 10.535  9.056   4.211   1.00 29.75 ? 50  THR A CB  1 
ATOM   399 O  OG1 . THR A 1 49 ? 9.553   8.119   3.743   1.00 28.45 ? 50  THR A OG1 1 
ATOM   400 C  CG2 . THR A 1 49 ? 10.061  10.487  3.923   1.00 31.53 ? 50  THR A CG2 1 
ATOM   401 N  N   . GLY A 1 50 ? 12.123  6.458   2.803   1.00 25.17 ? 51  GLY A N   1 
ATOM   402 C  CA  . GLY A 1 50 ? 12.479  5.064   2.968   1.00 25.51 ? 51  GLY A CA  1 
ATOM   403 C  C   . GLY A 1 50 ? 11.306  4.124   3.185   1.00 23.49 ? 51  GLY A C   1 
ATOM   404 O  O   . GLY A 1 50 ? 11.512  2.931   3.399   1.00 25.40 ? 51  GLY A O   1 
ATOM   405 N  N   . SER A 1 51 ? 10.083  4.642   3.138   1.00 21.38 ? 52  SER A N   1 
ATOM   406 C  CA  . SER A 1 51 ? 8.889   3.796   3.264   1.00 20.36 ? 52  SER A CA  1 
ATOM   407 C  C   . SER A 1 51 ? 7.698   4.615   2.782   1.00 20.33 ? 52  SER A C   1 
ATOM   408 O  O   . SER A 1 51 ? 7.833   5.820   2.492   1.00 20.90 ? 52  SER A O   1 
ATOM   409 C  CB  . SER A 1 51 ? 8.666   3.319   4.683   1.00 22.12 ? 52  SER A CB  1 
ATOM   410 O  OG  . SER A 1 51 ? 8.439   4.420   5.542   1.00 25.91 ? 52  SER A OG  1 
ATOM   411 N  N   . ILE A 1 52 ? 6.553   3.964   2.674   1.00 18.87 ? 53  ILE A N   1 
ATOM   412 C  CA  . ILE A 1 52 ? 5.371   4.597   2.124   1.00 19.63 ? 53  ILE A CA  1 
ATOM   413 C  C   . ILE A 1 52 ? 4.279   4.595   3.173   1.00 18.87 ? 53  ILE A C   1 
ATOM   414 O  O   . ILE A 1 52 ? 3.729   3.554   3.513   1.00 19.62 ? 53  ILE A O   1 
ATOM   415 C  CB  . ILE A 1 52 ? 4.911   3.872   0.844   1.00 20.44 ? 53  ILE A CB  1 
ATOM   416 C  CG1 . ILE A 1 52 ? 5.916   4.096   -0.322  1.00 21.32 ? 53  ILE A CG1 1 
ATOM   417 C  CG2 . ILE A 1 52 ? 3.496   4.318   0.468   1.00 22.83 ? 53  ILE A CG2 1 
ATOM   418 C  CD1 . ILE A 1 52 ? 5.788   3.110   -1.464  1.00 22.53 ? 53  ILE A CD1 1 
ATOM   419 N  N   . THR A 1 53 ? 3.924   5.757   3.704   1.00 19.85 ? 54  THR A N   1 
ATOM   420 C  CA  . THR A 1 53 ? 2.890   5.807   4.733   1.00 19.97 ? 54  THR A CA  1 
ATOM   421 C  C   . THR A 1 53 ? 1.499   5.852   4.126   1.00 18.73 ? 54  THR A C   1 
ATOM   422 O  O   . THR A 1 53 ? 1.288   6.327   2.995   1.00 19.75 ? 54  THR A O   1 
ATOM   423 C  CB  . THR A 1 53 ? 3.054   7.042   5.652   1.00 22.42 ? 54  THR A CB  1 
ATOM   424 O  OG1 . THR A 1 53 ? 2.837   8.233   4.884   1.00 24.16 ? 54  THR A OG1 1 
ATOM   425 C  CG2 . THR A 1 53 ? 4.441   7.083   6.257   1.00 25.03 ? 54  THR A CG2 1 
ATOM   426 N  N   . LEU A 1 54 ? 0.539   5.375   4.904   1.00 20.32 ? 55  LEU A N   1 
ATOM   427 C  CA  . LEU A 1 54 ? -0.855  5.487   4.519   1.00 20.52 ? 55  LEU A CA  1 
ATOM   428 C  C   . LEU A 1 54 ? -1.202  6.964   4.222   1.00 22.46 ? 55  LEU A C   1 
ATOM   429 O  O   . LEU A 1 54 ? -1.917  7.245   3.247   1.00 25.98 ? 55  LEU A O   1 
ATOM   430 C  CB  . LEU A 1 54 ? -1.742  4.931   5.631   1.00 20.18 ? 55  LEU A CB  1 
ATOM   431 C  CG  . LEU A 1 54 ? -3.225  5.064   5.355   1.00 21.61 ? 55  LEU A CG  1 
ATOM   432 C  CD1 . LEU A 1 54 ? -3.596  4.363   4.064   1.00 24.08 ? 55  LEU A CD1 1 
ATOM   433 C  CD2 . LEU A 1 54 ? -4.003  4.456   6.539   1.00 22.24 ? 55  LEU A CD2 1 
ATOM   434 N  N   . GLU A 1 55 ? -0.675  7.885   5.043   1.00 21.83 ? 56  GLU A N   1 
ATOM   435 C  CA  . GLU A 1 55 ? -0.959  9.325   4.885   1.00 23.28 ? 56  GLU A CA  1 
ATOM   436 C  C   . GLU A 1 55 ? -0.540  9.845   3.496   1.00 24.54 ? 56  GLU A C   1 
ATOM   437 O  O   . GLU A 1 55 ? -1.280  10.560  2.829   1.00 25.96 ? 56  GLU A O   1 
ATOM   438 C  CB  . GLU A 1 55 ? -0.263  10.158  5.985   1.00 25.56 ? 56  GLU A CB  1 
ATOM   439 C  CG  . GLU A 1 55 ? -0.863  9.996   7.389   1.00 29.75 ? 56  GLU A CG  1 
ATOM   440 C  CD  . GLU A 1 55 ? -2.243  10.621  7.553   1.00 29.70 ? 56  GLU A CD  1 
ATOM   441 O  OE1 . GLU A 1 55 ? -2.615  11.572  6.842   1.00 32.14 ? 56  GLU A OE1 1 
ATOM   442 O  OE2 . GLU A 1 55 ? -2.978  10.165  8.399   1.00 24.78 ? 56  GLU A OE2 1 
ATOM   443 N  N   . THR A 1 56 ? 0.670   9.510   3.067   1.00 24.21 ? 57  THR A N   1 
ATOM   444 C  CA  . THR A 1 56 ? 1.178   10.035  1.800   1.00 24.57 ? 57  THR A CA  1 
ATOM   445 C  C   . THR A 1 56 ? 0.481   9.356   0.622   1.00 23.96 ? 57  THR A C   1 
ATOM   446 O  O   . THR A 1 56 ? 0.168   9.990   -0.384  1.00 26.07 ? 57  THR A O   1 
ATOM   447 C  CB  . THR A 1 56 ? 2.694   9.866   1.724   1.00 27.28 ? 57  THR A CB  1 
ATOM   448 O  OG1 . THR A 1 56 ? 3.288   10.596  2.816   1.00 28.23 ? 57  THR A OG1 1 
ATOM   449 C  CG2 . THR A 1 56 ? 3.217   10.412  0.424   1.00 28.77 ? 57  THR A CG2 1 
ATOM   450 N  N   . PHE A 1 57 ? 0.260   8.055   0.763   1.00 23.79 ? 58  PHE A N   1 
ATOM   451 C  CA  . PHE A 1 57 ? -0.481  7.293   -0.233  1.00 23.87 ? 58  PHE A CA  1 
ATOM   452 C  C   . PHE A 1 57 ? -1.848  7.963   -0.460  1.00 25.58 ? 58  PHE A C   1 
ATOM   453 O  O   . PHE A 1 57 ? -2.232  8.260   -1.599  1.00 26.75 ? 58  PHE A O   1 
ATOM   454 C  CB  . PHE A 1 57 ? -0.621  5.844   0.253   1.00 24.36 ? 58  PHE A CB  1 
ATOM   455 C  CG  . PHE A 1 57 ? -1.355  4.926   -0.668  1.00 25.42 ? 58  PHE A CG  1 
ATOM   456 C  CD1 . PHE A 1 57 ? -2.692  4.623   -0.433  1.00 25.88 ? 58  PHE A CD1 1 
ATOM   457 C  CD2 . PHE A 1 57 ? -0.698  4.291   -1.716  1.00 27.59 ? 58  PHE A CD2 1 
ATOM   458 C  CE1 . PHE A 1 57 ? -3.366  3.714   -1.254  1.00 26.98 ? 58  PHE A CE1 1 
ATOM   459 C  CE2 . PHE A 1 57 ? -1.359  3.389   -2.511  1.00 28.05 ? 58  PHE A CE2 1 
ATOM   460 C  CZ  . PHE A 1 57 ? -2.699  3.096   -2.271  1.00 28.53 ? 58  PHE A CZ  1 
ATOM   461 N  N   . CYS A 1 58 ? -2.543  8.269   0.635   1.00 26.43 ? 59  CYS A N   1 
ATOM   462 C  CA  . CYS A 1 58 ? -3.876  8.839   0.539   1.00 29.20 ? 59  CYS A CA  1 
ATOM   463 C  C   . CYS A 1 58 ? -3.853  10.261  -0.020  1.00 31.15 ? 59  CYS A C   1 
ATOM   464 O  O   . CYS A 1 58 ? -4.703  10.648  -0.827  1.00 32.38 ? 59  CYS A O   1 
ATOM   465 C  CB  . CYS A 1 58 ? -4.568  8.836   1.902   1.00 31.01 ? 59  CYS A CB  1 
ATOM   466 S  SG  . CYS A 1 58 ? -5.117  7.208   2.439   1.00 34.76 ? 59  CYS A SG  1 
ATOM   467 N  N   . SER A 1 59 ? -2.897  11.067  0.429   1.00 30.28 ? 60  SER A N   1 
ATOM   468 C  CA  . SER A 1 59 ? -2.808  12.434  -0.086  1.00 32.38 ? 60  SER A CA  1 
ATOM   469 C  C   . SER A 1 59 ? -2.600  12.461  -1.605  1.00 32.40 ? 60  SER A C   1 
ATOM   470 O  O   . SER A 1 59 ? -3.179  13.287  -2.308  1.00 33.37 ? 60  SER A O   1 
ATOM   471 C  CB  . SER A 1 59 ? -1.689  13.178  0.631   1.00 35.04 ? 60  SER A CB  1 
ATOM   472 O  OG  . SER A 1 59 ? -2.048  13.377  1.989   1.00 39.39 ? 60  SER A OG  1 
ATOM   473 N  N   . LYS A 1 60 ? -1.774  11.553  -2.111  1.00 31.00 ? 61  LYS A N   1 
ATOM   474 C  CA  . LYS A 1 60 ? -1.477  11.524  -3.543  1.00 32.05 ? 61  LYS A CA  1 
ATOM   475 C  C   . LYS A 1 60 ? -2.676  11.060  -4.354  1.00 33.51 ? 61  LYS A C   1 
ATOM   476 O  O   . LYS A 1 60 ? -2.873  11.506  -5.478  1.00 34.71 ? 61  LYS A O   1 
ATOM   477 C  CB  . LYS A 1 60 ? -0.269  10.631  -3.842  1.00 33.30 ? 61  LYS A CB  1 
ATOM   478 C  CG  . LYS A 1 60 ? 1.043   11.165  -3.285  1.00 37.61 ? 61  LYS A CG  1 
ATOM   479 C  CD  . LYS A 1 60 ? 1.501   12.453  -3.978  1.00 42.76 ? 61  LYS A CD  1 
ATOM   480 C  CE  . LYS A 1 60 ? 2.782   12.962  -3.324  1.00 46.46 ? 61  LYS A CE  1 
ATOM   481 N  NZ  . LYS A 1 60 ? 3.345   14.173  -3.984  1.00 48.81 ? 61  LYS A NZ  1 
ATOM   482 N  N   . LEU A 1 61 ? -3.474  10.160  -3.785  1.00 34.31 ? 62  LEU A N   1 
ATOM   483 C  CA  . LEU A 1 61 ? -4.568  9.557   -4.535  1.00 36.62 ? 62  LEU A CA  1 
ATOM   484 C  C   . LEU A 1 61 ? -5.926  10.212  -4.268  1.00 38.44 ? 62  LEU A C   1 
ATOM   485 O  O   . LEU A 1 61 ? -6.913  9.854   -4.898  1.00 41.31 ? 62  LEU A O   1 
ATOM   486 C  CB  . LEU A 1 61 ? -4.653  8.056   -4.212  1.00 36.00 ? 62  LEU A CB  1 
ATOM   487 C  CG  . LEU A 1 61 ? -3.425  7.281   -4.684  1.00 35.33 ? 62  LEU A CG  1 
ATOM   488 C  CD1 . LEU A 1 61 ? -3.437  5.851   -4.163  1.00 35.67 ? 62  LEU A CD1 1 
ATOM   489 C  CD2 . LEU A 1 61 ? -3.390  7.282   -6.195  1.00 35.69 ? 62  LEU A CD2 1 
ATOM   490 N  N   . GLY A 1 62 ? -5.988  11.140  -3.316  1.00 37.96 ? 63  GLY A N   1 
ATOM   491 C  CA  . GLY A 1 62 ? -7.259  11.759  -2.949  1.00 38.09 ? 63  GLY A CA  1 
ATOM   492 C  C   . GLY A 1 62 ? -8.155  10.870  -2.087  1.00 37.55 ? 63  GLY A C   1 
ATOM   493 O  O   . GLY A 1 62 ? -9.378  10.979  -2.154  1.00 39.75 ? 63  GLY A O   1 
ATOM   494 N  N   . LEU A 1 63 ? -7.548  9.991   -1.286  1.00 35.42 ? 64  LEU A N   1 
ATOM   495 C  CA  . LEU A 1 63 ? -8.264  9.116   -0.358  1.00 33.20 ? 64  LEU A CA  1 
ATOM   496 C  C   . LEU A 1 63 ? -8.124  9.646   1.065   1.00 34.33 ? 64  LEU A C   1 
ATOM   497 O  O   . LEU A 1 63 ? -7.304  10.527  1.321   1.00 34.56 ? 64  LEU A O   1 
ATOM   498 C  CB  . LEU A 1 63 ? -7.728  7.683   -0.451  1.00 34.69 ? 64  LEU A CB  1 
ATOM   499 C  CG  . LEU A 1 63 ? -7.766  7.005   -1.827  1.00 35.28 ? 64  LEU A CG  1 
ATOM   500 C  CD1 . LEU A 1 63 ? -6.902  5.732   -1.830  1.00 37.11 ? 64  LEU A CD1 1 
ATOM   501 C  CD2 . LEU A 1 63 ? -9.214  6.730   -2.270  1.00 37.65 ? 64  LEU A CD2 1 
ATOM   502 N  N   . LYS A 1 64 ? -8.920  9.116   1.991   1.00 35.03 ? 65  LYS A N   1 
ATOM   503 C  CA  . LYS A 1 64 ? -8.715  9.408   3.408   1.00 35.48 ? 65  LYS A CA  1 
ATOM   504 C  C   . LYS A 1 64 ? -8.234  8.139   4.096   1.00 32.50 ? 65  LYS A C   1 
ATOM   505 O  O   . LYS A 1 64 ? -8.594  7.050   3.671   1.00 32.29 ? 65  LYS A O   1 
ATOM   506 C  CB  . LYS A 1 64 ? -10.000 9.936   4.048   1.00 38.56 ? 65  LYS A CB  1 
ATOM   507 C  CG  . LYS A 1 64 ? -10.521 11.196  3.362   1.00 44.29 ? 65  LYS A CG  1 
ATOM   508 C  CD  . LYS A 1 64 ? -11.880 11.640  3.876   1.00 49.52 ? 65  LYS A CD  1 
ATOM   509 C  CE  . LYS A 1 64 ? -12.434 12.800  3.039   1.00 53.39 ? 65  LYS A CE  1 
ATOM   510 N  NZ  . LYS A 1 64 ? -12.470 14.095  3.781   1.00 55.22 ? 65  LYS A NZ  1 
ATOM   511 N  N   . PRO A 1 65 ? -7.399  8.269   5.147   1.00 30.23 ? 66  PRO A N   1 
ATOM   512 C  CA  . PRO A 1 65 ? -6.967  7.076   5.898   1.00 28.59 ? 66  PRO A CA  1 
ATOM   513 C  C   . PRO A 1 65 ? -8.161  6.247   6.384   1.00 27.57 ? 66  PRO A C   1 
ATOM   514 O  O   . PRO A 1 65 ? -8.071  5.013   6.365   1.00 28.46 ? 66  PRO A O   1 
ATOM   515 C  CB  . PRO A 1 65 ? -6.163  7.671   7.063   1.00 29.17 ? 66  PRO A CB  1 
ATOM   516 C  CG  . PRO A 1 65 ? -5.555  8.938   6.446   1.00 30.65 ? 66  PRO A CG  1 
ATOM   517 C  CD  . PRO A 1 65 ? -6.636  9.471   5.532   1.00 31.38 ? 66  PRO A CD  1 
ATOM   518 N  N   . ALA A 1 66 ? -9.250  6.896   6.785   1.00 28.21 ? 67  ALA A N   1 
ATOM   519 C  CA  . ALA A 1 66 ? -10.452 6.187   7.222   1.00 29.15 ? 67  ALA A CA  1 
ATOM   520 C  C   . ALA A 1 66 ? -10.949 5.141   6.206   1.00 27.97 ? 67  ALA A C   1 
ATOM   521 O  O   . ALA A 1 66 ? -11.471 4.109   6.612   1.00 28.68 ? 67  ALA A O   1 
ATOM   522 C  CB  . ALA A 1 66 ? -11.573 7.194   7.529   1.00 29.21 ? 67  ALA A CB  1 
ATOM   523 N  N   . GLU A 1 67 ? -10.753 5.381   4.906   1.00 29.54 ? 68  GLU A N   1 
ATOM   524 C  CA  . GLU A 1 67 ? -11.188 4.421   3.863   1.00 30.52 ? 68  GLU A CA  1 
ATOM   525 C  C   . GLU A 1 67 ? -10.387 3.111   3.870   1.00 31.04 ? 68  GLU A C   1 
ATOM   526 O  O   . GLU A 1 67 ? -10.942 2.016   3.695   1.00 30.97 ? 68  GLU A O   1 
ATOM   527 C  CB  . GLU A 1 67 ? -11.098 5.058   2.486   1.00 33.86 ? 68  GLU A CB  1 
ATOM   528 C  CG  . GLU A 1 67 ? -12.087 6.149   2.278   1.00 36.38 ? 68  GLU A CG  1 
ATOM   529 C  CD  . GLU A 1 67 ? -11.961 6.753   0.909   1.00 38.46 ? 68  GLU A CD  1 
ATOM   530 O  OE1 . GLU A 1 67 ? -12.605 6.234   -0.032  1.00 39.68 ? 68  GLU A OE1 1 
ATOM   531 O  OE2 . GLU A 1 67 ? -11.219 7.750   0.776   1.00 39.87 ? 68  GLU A OE2 1 
ATOM   532 N  N   . ILE A 1 68 ? -9.091  3.211   4.100   1.00 29.69 ? 69  ILE A N   1 
ATOM   533 C  CA  . ILE A 1 68 ? -8.282  2.012   4.196   1.00 28.39 ? 69  ILE A CA  1 
ATOM   534 C  C   . ILE A 1 68 ? -8.630  1.287   5.483   1.00 26.91 ? 69  ILE A C   1 
ATOM   535 O  O   . ILE A 1 68 ? -8.706  0.058   5.510   1.00 25.68 ? 69  ILE A O   1 
ATOM   536 C  CB  . ILE A 1 68 ? -6.764  2.342   4.148   1.00 27.95 ? 69  ILE A CB  1 
ATOM   537 C  CG1 . ILE A 1 68 ? -6.260  2.400   2.706   1.00 30.52 ? 69  ILE A CG1 1 
ATOM   538 C  CG2 . ILE A 1 68 ? -5.945  1.293   4.890   1.00 27.74 ? 69  ILE A CG2 1 
ATOM   539 C  CD1 . ILE A 1 68 ? -6.820  3.543   1.935   1.00 32.12 ? 69  ILE A CD1 1 
ATOM   540 N  N   . ILE A 1 69 ? -8.824  2.034   6.562   1.00 24.30 ? 70  ILE A N   1 
ATOM   541 C  CA  . ILE A 1 69 ? -9.147  1.396   7.836   1.00 23.48 ? 70  ILE A CA  1 
ATOM   542 C  C   . ILE A 1 69 ? -10.471 0.620   7.750   1.00 23.96 ? 70  ILE A C   1 
ATOM   543 O  O   . ILE A 1 69 ? -10.580 -0.498  8.252   1.00 22.56 ? 70  ILE A O   1 
ATOM   544 C  CB  . ILE A 1 69 ? -9.193  2.430   8.966   1.00 24.54 ? 70  ILE A CB  1 
ATOM   545 C  CG1 . ILE A 1 69 ? -7.800  3.038   9.189   1.00 26.31 ? 70  ILE A CG1 1 
ATOM   546 C  CG2 . ILE A 1 69 ? -9.716  1.784   10.242  1.00 25.48 ? 70  ILE A CG2 1 
ATOM   547 C  CD1 . ILE A 1 69 ? -7.839  4.249   10.101  1.00 27.24 ? 70  ILE A CD1 1 
ATOM   548 N  N   . ASP A 1 70 ? -11.478 1.215   7.121   1.00 26.20 ? 71  ASP A N   1 
ATOM   549 C  CA  . ASP A 1 70 ? -12.775 0.539   6.952   1.00 28.50 ? 71  ASP A CA  1 
ATOM   550 C  C   . ASP A 1 70 ? -12.584 -0.744  6.187   1.00 27.10 ? 71  ASP A C   1 
ATOM   551 O  O   . ASP A 1 70 ? -13.092 -1.802  6.568   1.00 25.79 ? 71  ASP A O   1 
ATOM   552 C  CB  . ASP A 1 70 ? -13.754 1.431   6.202   1.00 32.01 ? 71  ASP A CB  1 
ATOM   553 C  CG  . ASP A 1 70 ? -14.544 2.305   7.122   1.00 35.69 ? 71  ASP A CG  1 
ATOM   554 O  OD1 . ASP A 1 70 ? -14.602 1.990   8.320   1.00 36.95 ? 71  ASP A OD1 1 
ATOM   555 O  OD2 . ASP A 1 70 ? -15.125 3.294   6.642   1.00 39.78 ? 71  ASP A OD2 1 
ATOM   556 N  N   . PHE A 1 71 ? -11.839 -0.645  5.092   1.00 26.86 ? 72  PHE A N   1 
ATOM   557 C  CA  . PHE A 1 71 ? -11.614 -1.826  4.275   1.00 28.89 ? 72  PHE A CA  1 
ATOM   558 C  C   . PHE A 1 71 ? -10.866 -2.890  5.063   1.00 27.37 ? 72  PHE A C   1 
ATOM   559 O  O   . PHE A 1 71 ? -11.186 -4.060  4.973   1.00 27.89 ? 72  PHE A O   1 
ATOM   560 C  CB  . PHE A 1 71 ? -10.853 -1.488  2.990   1.00 31.71 ? 72  PHE A CB  1 
ATOM   561 C  CG  . PHE A 1 71 ? -10.628 -2.683  2.090   1.00 34.30 ? 72  PHE A CG  1 
ATOM   562 C  CD1 . PHE A 1 71 ? -9.461  -3.439  2.175   1.00 33.20 ? 72  PHE A CD1 1 
ATOM   563 C  CD2 . PHE A 1 71 ? -11.589 -3.047  1.160   1.00 39.67 ? 72  PHE A CD2 1 
ATOM   564 C  CE1 . PHE A 1 71 ? -9.271  -4.546  1.370   1.00 34.26 ? 72  PHE A CE1 1 
ATOM   565 C  CE2 . PHE A 1 71 ? -11.396 -4.149  0.326   1.00 40.03 ? 72  PHE A CE2 1 
ATOM   566 C  CZ  . PHE A 1 71 ? -10.243 -4.895  0.439   1.00 37.41 ? 72  PHE A CZ  1 
ATOM   567 N  N   . ARG A 1 72 ? -9.850  -2.478  5.810   1.00 24.69 ? 73  ARG A N   1 
ATOM   568 C  CA  . ARG A 1 72 ? -9.107  -3.387  6.652   1.00 22.70 ? 73  ARG A CA  1 
ATOM   569 C  C   . ARG A 1 72 ? -9.997  -4.106  7.647   1.00 22.41 ? 73  ARG A C   1 
ATOM   570 O  O   . ARG A 1 72 ? -9.894  -5.318  7.798   1.00 23.79 ? 73  ARG A O   1 
ATOM   571 C  CB  . ARG A 1 72 ? -8.023  -2.599  7.408   1.00 23.79 ? 73  ARG A CB  1 
ATOM   572 C  CG  . ARG A 1 72 ? -7.123  -3.424  8.342   1.00 27.41 ? 73  ARG A CG  1 
ATOM   573 C  CD  . ARG A 1 72 ? -5.814  -3.772  7.701   1.00 26.85 ? 73  ARG A CD  1 
ATOM   574 N  NE  . ARG A 1 72 ? -5.052  -2.602  7.260   1.00 24.38 ? 73  ARG A NE  1 
ATOM   575 C  CZ  . ARG A 1 72 ? -3.856  -2.681  6.675   1.00 21.60 ? 73  ARG A CZ  1 
ATOM   576 N  NH1 . ARG A 1 72 ? -3.325  -3.880  6.416   1.00 21.92 ? 73  ARG A NH1 1 
ATOM   577 N  NH2 . ARG A 1 72 ? -3.193  -1.573  6.327   1.00 21.36 ? 73  ARG A NH2 1 
ATOM   578 N  N   . GLU A 1 73 ? -10.885 -3.373  8.316   1.00 21.08 ? 74  GLU A N   1 
ATOM   579 C  CA  . GLU A 1 73 ? -11.766 -3.983  9.291   1.00 22.43 ? 74  GLU A CA  1 
ATOM   580 C  C   . GLU A 1 73 ? -12.730 -4.947  8.601   1.00 23.83 ? 74  GLU A C   1 
ATOM   581 O  O   . GLU A 1 73 ? -13.020 -6.016  9.124   1.00 26.44 ? 74  GLU A O   1 
ATOM   582 C  CB  . GLU A 1 73 ? -12.539 -2.908  10.068  1.00 21.98 ? 74  GLU A CB  1 
ATOM   583 C  CG  . GLU A 1 73 ? -11.626 -2.093  10.971  1.00 20.94 ? 74  GLU A CG  1 
ATOM   584 C  CD  . GLU A 1 73 ? -12.316 -0.943  11.657  1.00 22.82 ? 74  GLU A CD  1 
ATOM   585 O  OE1 . GLU A 1 73 ? -13.472 -0.639  11.308  1.00 26.00 ? 74  GLU A OE1 1 
ATOM   586 O  OE2 . GLU A 1 73 ? -11.660 -0.354  12.558  1.00 22.69 ? 74  GLU A OE2 1 
ATOM   587 N  N   . GLN A 1 74 ? -13.240 -4.561  7.426   1.00 25.00 ? 75  GLN A N   1 
ATOM   588 C  CA  . GLN A 1 74 ? -14.181 -5.408  6.657   1.00 27.67 ? 75  GLN A CA  1 
ATOM   589 C  C   . GLN A 1 74 ? -13.515 -6.649  6.114   1.00 27.12 ? 75  GLN A C   1 
ATOM   590 O  O   . GLN A 1 74 ? -14.109 -7.715  6.111   1.00 26.15 ? 75  GLN A O   1 
ATOM   591 C  CB  . GLN A 1 74 ? -14.789 -4.662  5.471   1.00 31.97 ? 75  GLN A CB  1 
ATOM   592 C  CG  . GLN A 1 74 ? -15.617 -3.507  5.847   1.00 34.91 ? 75  GLN A CG  1 
ATOM   593 C  CD  . GLN A 1 74 ? -15.985 -2.648  4.662   1.00 39.59 ? 75  GLN A CD  1 
ATOM   594 O  OE1 . GLN A 1 74 ? -15.944 -3.099  3.507   1.00 44.15 ? 75  GLN A OE1 1 
ATOM   595 N  NE2 . GLN A 1 74 ? -16.361 -1.402  4.935   1.00 39.64 ? 75  GLN A NE2 1 
ATOM   596 N  N   . LYS A 1 75 ? -12.283 -6.500  5.626   1.00 28.25 ? 76  LYS A N   1 
ATOM   597 C  CA  . LYS A 1 75 ? -11.552 -7.636  5.066   1.00 28.80 ? 76  LYS A CA  1 
ATOM   598 C  C   . LYS A 1 75 ? -11.338 -8.651  6.162   1.00 28.48 ? 76  LYS A C   1 
ATOM   599 O  O   . LYS A 1 75 ? -11.533 -9.846  5.972   1.00 29.08 ? 76  LYS A O   1 
ATOM   600 C  CB  . LYS A 1 75 ? -10.204 -7.192  4.479   1.00 30.58 ? 76  LYS A CB  1 
ATOM   601 C  CG  . LYS A 1 75 ? -9.358  -8.368  3.944   1.00 34.47 ? 76  LYS A CG  1 
ATOM   602 C  CD  . LYS A 1 75 ? -7.940  -7.895  3.646   1.00 37.11 ? 76  LYS A CD  1 
ATOM   603 C  CE  . LYS A 1 75 ? -7.042  -9.020  3.116   1.00 39.20 ? 76  LYS A CE  1 
ATOM   604 N  NZ  . LYS A 1 75 ? -5.608  -8.610  2.876   1.00 39.55 ? 76  LYS A NZ  1 
ATOM   605 N  N   . GLY A 1 76 ? -10.912 -8.162  7.316   1.00 30.03 ? 77  GLY A N   1 
ATOM   606 C  CA  . GLY A 1 76 ? -10.621 -9.025  8.436   1.00 32.46 ? 77  GLY A CA  1 
ATOM   607 C  C   . GLY A 1 76 ? -11.867 -9.780  8.784   1.00 32.52 ? 77  GLY A C   1 
ATOM   608 O  O   . GLY A 1 76 ? -11.840 -11.003 8.915   1.00 35.42 ? 77  GLY A O   1 
ATOM   609 N  N   . LEU A 1 77 ? -12.976 -9.057  8.901   1.00 29.18 ? 78  LEU A N   1 
ATOM   610 C  CA  . LEU A 1 77 ? -14.232 -9.668  9.283   1.00 29.77 ? 78  LEU A CA  1 
ATOM   611 C  C   . LEU A 1 77 ? -14.710 -10.691 8.242   1.00 28.12 ? 78  LEU A C   1 
ATOM   612 O  O   . LEU A 1 77 ? -15.148 -11.793 8.564   1.00 29.14 ? 78  LEU A O   1 
ATOM   613 C  CB  . LEU A 1 77 ? -15.277 -8.595  9.459   1.00 31.47 ? 78  LEU A CB  1 
ATOM   614 C  CG  . LEU A 1 77 ? -16.489 -9.105  10.207  1.00 33.10 ? 78  LEU A CG  1 
ATOM   615 C  CD1 . LEU A 1 77 ? -16.063 -9.516  11.603  1.00 36.12 ? 78  LEU A CD1 1 
ATOM   616 C  CD2 . LEU A 1 77 ? -17.520 -8.010  10.277  1.00 32.23 ? 78  LEU A CD2 1 
ATOM   617 N  N   . HIS A 1 78 ? -14.621 -10.309 6.978   1.00 26.82 ? 79  HIS A N   1 
ATOM   618 C  CA  . HIS A 1 78 ? -15.030 -11.186 5.920   1.00 29.99 ? 79  HIS A CA  1 
ATOM   619 C  C   . HIS A 1 78 ? -14.197 -12.453 5.916   1.00 29.95 ? 79  HIS A C   1 
ATOM   620 O  O   . HIS A 1 78 ? -14.728 -13.563 5.765   1.00 29.24 ? 79  HIS A O   1 
ATOM   621 C  CB  . HIS A 1 78 ? -14.944 -10.441 4.584   1.00 33.95 ? 79  HIS A CB  1 
ATOM   622 C  CG  . HIS A 1 78 ? -16.079 -10.783 3.685   1.00 43.89 ? 79  HIS A CG  1 
ATOM   623 N  ND1 . HIS A 1 78 ? -17.121 -11.575 4.118   1.00 48.80 ? 79  HIS A ND1 1 
ATOM   624 C  CD2 . HIS A 1 78 ? -16.402 -10.376 2.438   1.00 48.58 ? 79  HIS A CD2 1 
ATOM   625 C  CE1 . HIS A 1 78 ? -18.004 -11.696 3.149   1.00 51.00 ? 79  HIS A CE1 1 
ATOM   626 N  NE2 . HIS A 1 78 ? -17.595 -10.978 2.119   1.00 51.43 ? 79  HIS A NE2 1 
ATOM   627 N  N   . ALA A 1 79 ? -12.899 -12.284 6.121   1.00 32.91 ? 80  ALA A N   1 
ATOM   628 C  CA  . ALA A 1 79 ? -11.966 -13.392 6.054   1.00 37.40 ? 80  ALA A CA  1 
ATOM   629 C  C   . ALA A 1 79 ? -12.320 -14.412 7.102   1.00 40.29 ? 80  ALA A C   1 
ATOM   630 O  O   . ALA A 1 79 ? -12.336 -15.616 6.842   1.00 41.67 ? 80  ALA A O   1 
ATOM   631 C  CB  . ALA A 1 79 ? -10.542 -12.914 6.251   1.00 38.20 ? 80  ALA A CB  1 
ATOM   632 N  N   . ALA A 1 80 ? -12.627 -13.922 8.291   1.00 42.22 ? 81  ALA A N   1 
ATOM   633 C  CA  . ALA A 1 80 ? -13.029 -14.787 9.382   1.00 44.44 ? 81  ALA A CA  1 
ATOM   634 C  C   . ALA A 1 80 ? -14.334 -15.499 9.057   1.00 43.53 ? 81  ALA A C   1 
ATOM   635 O  O   . ALA A 1 80 ? -14.392 -16.730 9.096   1.00 43.76 ? 81  ALA A O   1 
ATOM   636 C  CB  . ALA A 1 80 ? -13.163 -13.987 10.658  1.00 47.92 ? 81  ALA A CB  1 
HETATM 637 CA CA  . CA  B 2 .  ? 3.750   -2.657  6.802   1.00 17.56 2 101 CA  A CA  1 
HETATM 638 O  O   . HOH C 3 .  ? -15.853 -5.048  2.260   1.00 52.69 ? 201 HOH A O   1 
HETATM 639 O  O   . HOH C 3 .  ? 8.732   6.323   -12.155 1.00 34.99 ? 202 HOH A O   1 
HETATM 640 O  O   . HOH C 3 .  ? 13.637  5.631   -2.020  1.00 48.31 ? 203 HOH A O   1 
HETATM 641 O  O   . HOH C 3 .  ? -8.413  -7.992  -1.941  1.00 43.95 ? 204 HOH A O   1 
HETATM 642 O  O   . HOH C 3 .  ? -0.266  13.185  3.644   1.00 59.85 ? 205 HOH A O   1 
HETATM 643 O  O   . HOH C 3 .  ? -6.728  12.815  0.672   1.00 57.49 ? 206 HOH A O   1 
HETATM 644 O  O   . HOH C 3 .  ? -0.894  -6.612  12.361  1.00 50.39 ? 207 HOH A O   1 
HETATM 645 O  O   . HOH C 3 .  ? 5.590   10.042  3.577   1.00 37.68 ? 208 HOH A O   1 
HETATM 646 O  O   . HOH C 3 .  ? 13.571  14.361  1.518   1.00 51.94 ? 209 HOH A O   1 
HETATM 647 O  O   . HOH C 3 .  ? -6.705  -6.719  0.296   1.00 38.09 ? 210 HOH A O   1 
HETATM 648 O  O   . HOH C 3 .  ? -4.904  12.288  5.944   1.00 48.39 ? 211 HOH A O   1 
HETATM 649 O  O   . HOH C 3 .  ? 12.053  -0.684  -9.926  1.00 35.94 ? 212 HOH A O   1 
HETATM 650 O  O   . HOH C 3 .  ? 1.381   -6.226  12.972  1.00 46.06 ? 213 HOH A O   1 
HETATM 651 O  O   . HOH C 3 .  ? -4.267  13.702  -5.870  1.00 59.67 ? 214 HOH A O   1 
HETATM 652 O  O   . HOH C 3 .  ? 11.531  -3.877  -15.643 1.00 60.00 ? 215 HOH A O   1 
HETATM 653 O  O   . HOH C 3 .  ? -12.587 6.996   -2.575  1.00 51.38 ? 216 HOH A O   1 
HETATM 654 O  O   . HOH C 3 .  ? -2.973  15.136  -4.221  1.00 56.42 ? 217 HOH A O   1 
HETATM 655 O  O   . HOH C 3 .  ? 11.161  0.328   3.914   1.00 26.57 ? 218 HOH A O   1 
HETATM 656 O  O   . HOH C 3 .  ? -3.126  -9.501  -6.755  1.00 51.75 ? 219 HOH A O   1 
HETATM 657 O  O   . HOH C 3 .  ? 5.587   -7.079  6.692   1.00 33.10 ? 220 HOH A O   1 
HETATM 658 O  O   . HOH C 3 .  ? 7.723   7.111   5.448   1.00 48.49 ? 221 HOH A O   1 
HETATM 659 O  O   . HOH C 3 .  ? -16.168 -0.906  7.582   1.00 51.59 ? 222 HOH A O   1 
HETATM 660 O  O   . HOH C 3 .  ? 5.864   12.242  -7.117  1.00 41.83 ? 223 HOH A O   1 
HETATM 661 O  O   . HOH C 3 .  ? -5.558  14.443  -1.726  1.00 48.47 ? 224 HOH A O   1 
HETATM 662 O  O   . HOH C 3 .  ? -4.024  -1.578  10.507  1.00 22.73 ? 225 HOH A O   1 
HETATM 663 O  O   . HOH C 3 .  ? 11.153  9.057   -4.318  1.00 37.72 ? 226 HOH A O   1 
HETATM 664 O  O   . HOH C 3 .  ? 6.742   -14.785 -8.772  1.00 37.48 ? 227 HOH A O   1 
HETATM 665 O  O   . HOH C 3 .  ? -0.247  7.219   7.663   1.00 30.99 ? 228 HOH A O   1 
HETATM 666 O  O   . HOH C 3 .  ? 6.729   -16.355 -11.643 1.00 40.57 ? 229 HOH A O   1 
HETATM 667 O  O   . HOH C 3 .  ? 14.143  1.102   -6.239  1.00 34.70 ? 230 HOH A O   1 
HETATM 668 O  O   . HOH C 3 .  ? 5.828   15.385  -3.801  1.00 44.28 ? 231 HOH A O   1 
HETATM 669 O  O   . HOH C 3 .  ? -3.553  11.764  3.862   1.00 56.14 ? 232 HOH A O   1 
HETATM 670 O  O   . HOH C 3 .  ? 3.562   -7.413  0.831   1.00 21.07 ? 233 HOH A O   1 
HETATM 671 O  O   . HOH C 3 .  ? -5.441  -0.148  8.506   1.00 33.45 ? 234 HOH A O   1 
HETATM 672 O  O   . HOH C 3 .  ? 1.940   1.485   12.895  1.00 21.99 ? 235 HOH A O   1 
HETATM 673 O  O   . HOH C 3 .  ? 0.024   -14.485 -6.602  1.00 51.02 ? 236 HOH A O   1 
HETATM 674 O  O   . HOH C 3 .  ? -3.123  -7.658  4.339   1.00 47.67 ? 237 HOH A O   1 
HETATM 675 O  O   . HOH C 3 .  ? 3.761   10.592  6.100   1.00 37.10 ? 238 HOH A O   1 
HETATM 676 O  O   . HOH C 3 .  ? -13.336 1.735   2.236   1.00 38.60 ? 239 HOH A O   1 
HETATM 677 O  O   . HOH C 3 .  ? 14.122  1.916   3.744   1.00 43.04 ? 240 HOH A O   1 
HETATM 678 O  O   . HOH C 3 .  ? -16.830 3.318   9.479   1.00 58.61 ? 241 HOH A O   1 
HETATM 679 O  O   . HOH C 3 .  ? 5.690   7.943   2.253   1.00 26.99 ? 242 HOH A O   1 
HETATM 680 O  O   . HOH C 3 .  ? 5.804   -7.045  10.971  1.00 50.86 ? 243 HOH A O   1 
HETATM 681 O  O   . HOH C 3 .  ? -0.497  -9.761  -0.549  1.00 40.89 ? 244 HOH A O   1 
HETATM 682 O  O   . HOH C 3 .  ? 7.845   10.988  0.838   1.00 31.21 ? 245 HOH A O   1 
HETATM 683 O  O   . HOH C 3 .  ? 9.525   -5.325  5.960   1.00 24.85 ? 246 HOH A O   1 
HETATM 684 O  O   . HOH C 3 .  ? -12.566 -5.487  2.879   1.00 58.99 ? 247 HOH A O   1 
HETATM 685 O  O   . HOH C 3 .  ? -14.512 5.551   4.947   1.00 53.98 ? 248 HOH A O   1 
HETATM 686 O  O   . HOH C 3 .  ? 11.170  5.093   6.506   1.00 42.10 ? 249 HOH A O   1 
HETATM 687 O  O   . HOH C 3 .  ? -7.410  -6.797  7.640   1.00 43.23 ? 250 HOH A O   1 
HETATM 688 O  O   . HOH C 3 .  ? 6.756   -3.215  10.463  1.00 35.93 ? 251 HOH A O   1 
HETATM 689 O  O   . HOH C 3 .  ? 15.174  3.614   -2.725  1.00 35.24 ? 252 HOH A O   1 
HETATM 690 O  O   . HOH C 3 .  ? -10.955 -4.187  -5.039  1.00 55.70 ? 253 HOH A O   1 
HETATM 691 O  O   . HOH C 3 .  ? -1.521  -7.966  10.085  1.00 45.46 ? 254 HOH A O   1 
HETATM 692 O  O   . HOH C 3 .  ? 5.981   -0.118  9.939   1.00 26.87 ? 255 HOH A O   1 
HETATM 693 O  O   . HOH C 3 .  ? -16.060 0.875   11.559  1.00 39.80 ? 256 HOH A O   1 
HETATM 694 O  O   . HOH C 3 .  ? 4.885   -13.712 3.797   1.00 42.14 ? 257 HOH A O   1 
HETATM 695 O  O   . HOH C 3 .  ? -0.899  -10.540 -3.406  1.00 35.62 ? 258 HOH A O   1 
HETATM 696 O  O   . HOH C 3 .  ? -4.254  -10.003 0.522   1.00 46.70 ? 259 HOH A O   1 
HETATM 697 O  O   . HOH C 3 .  ? 15.751  7.796   3.975   1.00 50.78 ? 260 HOH A O   1 
HETATM 698 O  O   . HOH C 3 .  ? 3.158   -14.676 0.561   1.00 60.15 ? 261 HOH A O   1 
HETATM 699 O  O   . HOH C 3 .  ? 6.001   -2.557  7.450   1.00 23.58 ? 262 HOH A O   1 
HETATM 700 O  O   . HOH C 3 .  ? -8.926  2.546   -7.343  1.00 38.64 ? 263 HOH A O   1 
HETATM 701 O  O   . HOH C 3 .  ? -4.491  -6.805  6.763   1.00 27.96 ? 264 HOH A O   1 
HETATM 702 O  O   . HOH C 3 .  ? -11.839 -10.952 12.101  1.00 55.49 ? 265 HOH A O   1 
HETATM 703 O  O   . HOH C 3 .  ? -0.247  13.811  6.969   1.00 60.14 ? 266 HOH A O   1 
HETATM 704 O  O   . HOH C 3 .  ? 8.040   -10.062 6.511   1.00 41.56 ? 267 HOH A O   1 
HETATM 705 O  O   . HOH C 3 .  ? 2.470   12.925  5.092   1.00 49.23 ? 268 HOH A O   1 
HETATM 706 O  O   . HOH C 3 .  ? 7.803   -4.576  7.999   1.00 33.03 ? 269 HOH A O   1 
HETATM 707 O  O   . HOH C 3 .  ? 12.766  15.116  -2.556  1.00 45.79 ? 270 HOH A O   1 
HETATM 708 O  O   . HOH C 3 .  ? 13.944  13.428  -2.215  1.00 46.69 ? 271 HOH A O   1 
HETATM 709 O  O   . HOH C 3 .  ? -2.143  -9.218  -10.013 1.00 42.94 ? 272 HOH A O   1 
HETATM 710 O  O   . HOH C 3 .  ? -5.104  -5.109  -9.676  1.00 48.83 ? 273 HOH A O   1 
HETATM 711 O  O   . HOH C 3 .  ? 2.432   -10.022 8.990   1.00 55.72 ? 274 HOH A O   1 
HETATM 712 O  O   . HOH C 3 .  ? 2.715   -12.162 1.932   1.00 48.00 ? 275 HOH A O   1 
HETATM 713 O  O   . HOH C 3 .  ? -1.336  -6.911  -9.365  1.00 47.97 ? 276 HOH A O   1 
HETATM 714 O  O   . HOH C 3 .  ? 0.142   -13.664 -3.038  1.00 45.74 ? 277 HOH A O   1 
HETATM 715 O  O   . HOH C 3 .  ? 5.142   -4.828  12.944  1.00 58.28 ? 278 HOH A O   1 
HETATM 716 O  O   . HOH C 3 .  ? -18.416 -9.775  -1.251  1.00 51.85 ? 279 HOH A O   1 
HETATM 717 O  O   . HOH C 3 .  ? 2.070   -9.593  0.381   1.00 32.40 ? 280 HOH A O   1 
HETATM 718 O  O   . HOH C 3 .  ? -14.766 -6.990  2.457   1.00 42.81 ? 281 HOH A O   1 
HETATM 719 O  O   . HOH C 3 .  ? -14.292 -17.151 12.881  1.00 52.56 ? 282 HOH A O   1 
HETATM 720 O  O   . HOH C 3 .  ? -3.434  -6.650  9.647   1.00 41.50 ? 283 HOH A O   1 
HETATM 721 O  O   . HOH C 3 .  ? -7.440  -9.880  6.811   1.00 54.34 ? 284 HOH A O   1 
HETATM 722 O  O   . HOH C 3 .  ? 4.301   -9.402  8.044   1.00 42.92 ? 285 HOH A O   1 
HETATM 723 O  O   . HOH C 3 .  ? 2.130   9.760   8.550   1.00 36.20 ? 286 HOH A O   1 
HETATM 724 O  O   . HOH C 3 .  ? 16.113  11.641  -4.545  1.00 45.74 ? 287 HOH A O   1 
HETATM 725 O  O   . HOH C 3 .  ? 7.970   -7.670  5.381   1.00 25.97 ? 288 HOH A O   1 
HETATM 726 O  O   . HOH C 3 .  ? -13.055 -3.384  -4.984  1.00 59.99 ? 289 HOH A O   1 
HETATM 727 O  O   . HOH C 3 .  ? 8.026   -0.013  7.568   1.00 24.13 ? 290 HOH A O   1 
HETATM 728 O  O   . HOH C 3 .  ? 1.492   12.315  7.493   1.00 47.86 ? 291 HOH A O   1 
HETATM 729 O  O   . HOH C 3 .  ? 16.954  2.547   -1.273  1.00 58.77 ? 292 HOH A O   1 
HETATM 730 O  O   . HOH C 3 .  ? 7.569   7.796   8.021   1.00 56.96 ? 293 HOH A O   1 
HETATM 731 O  O   . HOH C 3 .  ? 10.406  0.432   6.691   1.00 42.80 ? 294 HOH A O   1 
HETATM 732 O  O   . HOH C 3 .  ? -13.279 -4.047  -2.885  1.00 41.59 ? 295 HOH A O   1 
HETATM 733 O  O   . HOH C 3 .  ? 2.171   -9.074  11.909  1.00 56.50 ? 296 HOH A O   1 
HETATM 734 O  O   . HOH C 3 .  ? 6.420   10.512  5.773   1.00 48.83 ? 297 HOH A O   1 
HETATM 735 O  O   . HOH C 3 .  ? -4.814  -4.303  11.482  1.00 22.99 ? 298 HOH A O   1 
HETATM 736 O  O   . HOH C 3 .  ? 11.950  -4.260  6.496   1.00 30.16 ? 299 HOH A O   1 
HETATM 737 O  O   . HOH C 3 .  ? 16.189  14.872  1.202   1.00 51.50 ? 300 HOH A O   1 
HETATM 738 O  O   . HOH C 3 .  ? 4.016   -17.853 -0.805  1.00 62.16 ? 301 HOH A O   1 
HETATM 739 O  O   . HOH C 3 .  ? -0.893  -12.285 -0.564  1.00 54.99 ? 302 HOH A O   1 
HETATM 740 O  O   . HOH C 3 .  ? -4.457  -10.494 6.837   1.00 50.37 ? 303 HOH A O   1 
HETATM 741 O  O   . HOH C 3 .  ? -16.186 5.759   2.827   1.00 51.17 ? 304 HOH A O   1 
HETATM 742 O  O   . HOH C 3 .  ? 12.890  -1.694  5.277   1.00 40.14 ? 305 HOH A O   1 
HETATM 743 O  O   . HOH C 3 .  ? -18.163 -6.002  0.199   1.00 53.76 ? 306 HOH A O   1 
HETATM 744 O  O   . HOH C 3 .  ? 19.159  11.902  -4.054  1.00 56.37 ? 307 HOH A O   1 
HETATM 745 O  O   . HOH C 3 .  ? 15.414  10.779  -11.315 1.00 57.35 ? 308 HOH A O   1 
HETATM 746 O  O   . HOH C 3 .  ? -7.136  -12.076 -9.606  1.00 63.56 ? 309 HOH A O   1 
HETATM 747 O  O   . HOH C 3 .  ? 18.226  10.182  -6.537  1.00 57.98 ? 310 HOH A O   1 
HETATM 748 O  O   . HOH C 3 .  ? -12.087 14.528  -6.076  1.00 56.77 ? 311 HOH A O   1 
HETATM 749 O  O   . HOH C 3 .  ? -21.756 -6.992  0.326   1.00 34.28 ? 312 HOH A O   1 
# 
loop_
_atom_site_anisotrop.id 
_atom_site_anisotrop.type_symbol 
_atom_site_anisotrop.pdbx_label_atom_id 
_atom_site_anisotrop.pdbx_label_alt_id 
_atom_site_anisotrop.pdbx_label_comp_id 
_atom_site_anisotrop.pdbx_label_asym_id 
_atom_site_anisotrop.pdbx_label_seq_id 
_atom_site_anisotrop.pdbx_PDB_ins_code 
_atom_site_anisotrop.U[1][1] 
_atom_site_anisotrop.U[2][2] 
_atom_site_anisotrop.U[3][3] 
_atom_site_anisotrop.U[1][2] 
_atom_site_anisotrop.U[1][3] 
_atom_site_anisotrop.U[2][3] 
_atom_site_anisotrop.pdbx_auth_seq_id 
_atom_site_anisotrop.pdbx_auth_comp_id 
_atom_site_anisotrop.pdbx_auth_asym_id 
_atom_site_anisotrop.pdbx_auth_atom_id 
1   N  N   . ASP A 1  ? 0.6069 0.7632 0.5495 0.0017  0.0155  -0.0167 2   ASP A N   
2   C  CA  . ASP A 1  ? 0.5888 0.7598 0.5284 -0.0207 -0.0235 0.0044  2   ASP A CA  
3   C  C   . ASP A 1  ? 0.4851 0.7323 0.4446 -0.0599 -0.0580 0.0409  2   ASP A C   
4   O  O   . ASP A 1  ? 0.4675 0.7530 0.3905 -0.0321 -0.0525 0.0687  2   ASP A O   
5   C  CB  . ASP A 1  ? 0.6595 0.7900 0.5913 -0.0286 -0.0292 -0.0032 2   ASP A CB  
6   C  CG  . ASP A 1  ? 0.7261 0.8206 0.6542 -0.0295 -0.0265 0.0164  2   ASP A CG  
7   O  OD1 . ASP A 1  ? 0.7498 0.8437 0.6718 -0.0136 -0.0531 0.0088  2   ASP A OD1 
8   O  OD2 . ASP A 1  ? 0.7552 0.8262 0.6865 -0.0414 -0.0102 0.0306  2   ASP A OD2 
9   N  N   . SER A 2  ? 0.4047 0.6738 0.4009 -0.1075 -0.0986 0.0601  3   SER A N   
10  C  CA  . SER A 2  ? 0.3617 0.5985 0.3833 -0.0970 -0.0628 0.1256  3   SER A CA  
11  C  C   . SER A 2  ? 0.3218 0.5453 0.3397 -0.1090 -0.0488 0.1504  3   SER A C   
12  O  O   . SER A 2  ? 0.3309 0.5249 0.3271 -0.1116 -0.0452 0.1191  3   SER A O   
13  C  CB  . SER A 2  ? 0.3243 0.5687 0.3838 -0.0730 -0.0539 0.1415  3   SER A CB  
14  O  OG  . SER A 2  ? 0.3130 0.5690 0.4157 -0.0480 -0.0589 0.1279  3   SER A OG  
15  N  N   . PHE A 3  ? 0.3012 0.5476 0.3234 -0.0717 -0.0747 0.1610  4   PHE A N   
16  C  CA  . PHE A 3  ? 0.2819 0.4867 0.3190 -0.0595 -0.0513 0.1284  4   PHE A CA  
17  C  C   . PHE A 3  ? 0.2817 0.4467 0.3156 -0.0443 -0.0300 0.1234  4   PHE A C   
18  O  O   . PHE A 3  ? 0.2804 0.4034 0.3080 -0.0272 -0.0581 0.0817  4   PHE A O   
19  C  CB  . PHE A 3  ? 0.3552 0.4773 0.3356 -0.0171 -0.0375 0.1201  4   PHE A CB  
20  C  CG  . PHE A 3  ? 0.3834 0.4530 0.3348 -0.0225 -0.0427 0.1333  4   PHE A CG  
21  C  CD1 . PHE A 3  ? 0.4542 0.4735 0.3252 -0.0205 0.0126  0.1078  4   PHE A CD1 
22  C  CD2 . PHE A 3  ? 0.4086 0.4586 0.3766 -0.0428 -0.0524 0.1375  4   PHE A CD2 
23  C  CE1 . PHE A 3  ? 0.4857 0.4762 0.3414 -0.0440 0.0102  0.0875  4   PHE A CE1 
24  C  CE2 . PHE A 3  ? 0.4348 0.4762 0.3535 -0.0796 -0.0416 0.1334  4   PHE A CE2 
25  C  CZ  . PHE A 3  ? 0.4742 0.4835 0.3332 -0.0735 -0.0128 0.1134  4   PHE A CZ  
26  N  N   . ILE A 4  ? 0.2938 0.4526 0.3171 -0.0280 -0.0469 0.1047  5   ILE A N   
27  C  CA  . ILE A 4  ? 0.2957 0.4105 0.3286 -0.0203 -0.0328 0.1261  5   ILE A CA  
28  C  C   . ILE A 4  ? 0.2862 0.4110 0.3301 -0.0274 -0.0423 0.1148  5   ILE A C   
29  O  O   . ILE A 4  ? 0.2818 0.4229 0.3202 -0.0403 -0.0509 0.1084  5   ILE A O   
30  C  CB  . ILE A 4  ? 0.3162 0.4517 0.3640 -0.0018 -0.0195 0.1149  5   ILE A CB  
31  C  CG1 . ILE A 4  ? 0.3243 0.4738 0.4350 0.0306  -0.0603 0.1111  5   ILE A CG1 
32  C  CG2 . ILE A 4  ? 0.3371 0.4623 0.3467 -0.0127 -0.0107 0.1185  5   ILE A CG2 
33  C  CD1 . ILE A 4  ? 0.3548 0.4965 0.4711 0.0240  -0.0468 0.1021  5   ILE A CD1 
34  N  N   . ASN A 5  ? 0.2635 0.4400 0.3581 -0.0275 -0.0641 0.1036  6   ASN A N   
35  C  CA  . ASN A 5  ? 0.2265 0.4522 0.3649 -0.0675 -0.0756 0.0804  6   ASN A CA  
36  C  C   . ASN A 5  ? 0.2330 0.4560 0.3144 -0.0718 -0.0590 0.0405  6   ASN A C   
37  O  O   . ASN A 5  ? 0.2584 0.4202 0.3034 -0.0715 -0.0573 0.0225  6   ASN A O   
38  C  CB  . ASN A 5  ? 0.2445 0.5313 0.4701 -0.0930 -0.1230 0.0682  6   ASN A CB  
39  C  CG  . ASN A 5  ? 0.3552 0.6402 0.5754 -0.1407 -0.1208 0.0477  6   ASN A CG  
40  O  OD1 . ASN A 5  ? 0.4249 0.6727 0.6214 -0.1783 -0.1169 0.0025  6   ASN A OD1 
41  N  ND2 . ASN A 5  ? 0.4126 0.7086 0.6256 -0.1362 -0.1373 0.0467  6   ASN A ND2 
42  N  N   . ILE A 6  ? 0.2434 0.4433 0.3007 -0.0811 -0.0393 0.0392  7   ILE A N   
43  C  CA  . ILE A 6  ? 0.2381 0.4512 0.2889 -0.0876 -0.0480 0.0358  7   ILE A CA  
44  C  C   . ILE A 6  ? 0.2144 0.3805 0.2902 -0.0602 -0.0394 0.0431  7   ILE A C   
45  O  O   . ILE A 6  ? 0.2339 0.3481 0.2923 -0.0387 -0.0424 0.0477  7   ILE A O   
46  C  CB  . ILE A 6  ? 0.2806 0.4846 0.2747 -0.0578 -0.0536 -0.0093 7   ILE A CB  
47  C  CG1 . ILE A 6  ? 0.3290 0.5616 0.2865 -0.0601 -0.0478 -0.0301 7   ILE A CG1 
48  C  CG2 . ILE A 6  ? 0.2686 0.4456 0.2723 -0.0357 -0.0203 0.0231  7   ILE A CG2 
49  C  CD1 . ILE A 6  ? 0.3892 0.6051 0.3073 -0.0706 -0.0256 -0.0378 7   ILE A CD1 
50  N  N   . PHE A 7  ? 0.2291 0.3637 0.2741 -0.0588 -0.0323 0.0566  8   PHE A N   
51  C  CA  . PHE A 7  ? 0.2403 0.2894 0.2824 -0.0220 -0.0365 0.0523  8   PHE A CA  
52  C  C   . PHE A 7  ? 0.2155 0.2672 0.2822 -0.0392 -0.0448 0.0421  8   PHE A C   
53  O  O   . PHE A 7  ? 0.2365 0.2403 0.2849 -0.0322 -0.0454 0.0435  8   PHE A O   
54  C  CB  . PHE A 7  ? 0.2393 0.2837 0.2701 -0.0055 -0.0260 0.0544  8   PHE A CB  
55  C  CG  . PHE A 7  ? 0.2177 0.2688 0.2793 -0.0019 -0.0399 0.0571  8   PHE A CG  
56  C  CD1 . PHE A 7  ? 0.2026 0.2640 0.2886 -0.0061 -0.0217 0.0491  8   PHE A CD1 
57  C  CD2 . PHE A 7  ? 0.2234 0.2813 0.2678 -0.0207 -0.0241 0.0440  8   PHE A CD2 
58  C  CE1 . PHE A 7  ? 0.2228 0.2539 0.2984 0.0006  -0.0190 0.0644  8   PHE A CE1 
59  C  CE2 . PHE A 7  ? 0.2298 0.2407 0.2772 0.0077  -0.0029 0.0258  8   PHE A CE2 
60  C  CZ  . PHE A 7  ? 0.2278 0.2187 0.2888 0.0022  -0.0028 0.0675  8   PHE A CZ  
61  N  N   . VAL A 8  ? 0.2265 0.2888 0.2734 -0.0577 -0.0091 0.0518  9   VAL A N   
62  C  CA  . VAL A 8  ? 0.2277 0.2880 0.3140 -0.0687 -0.0249 0.0269  9   VAL A CA  
63  C  C   . VAL A 8  ? 0.2191 0.2991 0.3080 -0.0580 -0.0454 0.0423  9   VAL A C   
64  O  O   . VAL A 8  ? 0.2546 0.2918 0.3090 -0.0512 -0.0216 0.0545  9   VAL A O   
65  C  CB  . VAL A 8  ? 0.2263 0.2664 0.3454 -0.0476 -0.0039 0.0270  9   VAL A CB  
66  C  CG1 . VAL A 8  ? 0.2117 0.3133 0.3699 -0.0830 -0.0176 0.0117  9   VAL A CG1 
67  C  CG2 . VAL A 8  ? 0.2327 0.2747 0.3410 -0.0236 -0.0165 0.0313  9   VAL A CG2 
68  N  N   . SER A 9  ? 0.2351 0.2586 0.3211 -0.0670 -0.0239 0.0415  10  SER A N   
69  C  CA  . SER A 9  ? 0.2270 0.2981 0.3161 -0.0645 -0.0361 0.0335  10  SER A CA  
70  C  C   . SER A 9  ? 0.2544 0.2902 0.2995 -0.0446 -0.0150 0.0351  10  SER A C   
71  O  O   . SER A 9  ? 0.2673 0.2870 0.3383 -0.0384 -0.0219 0.0505  10  SER A O   
72  C  CB  . SER A 9  ? 0.2629 0.3778 0.3749 -0.0518 -0.0536 0.0227  10  SER A CB  
73  O  OG  . SER A 9  ? 0.3360 0.4671 0.4355 -0.0376 -0.0270 -0.0055 10  SER A OG  
74  N  N   . ILE A 10 ? 0.2213 0.2934 0.2785 -0.0708 -0.0243 0.0111  11  ILE A N   
75  C  CA  . ILE A 10 ? 0.2346 0.2574 0.2694 -0.0558 -0.0102 0.0040  11  ILE A CA  
76  C  C   . ILE A 10 ? 0.2263 0.2283 0.2688 -0.0465 -0.0146 0.0053  11  ILE A C   
77  O  O   . ILE A 10 ? 0.2446 0.2043 0.2745 -0.0106 -0.0218 -0.0048 11  ILE A O   
78  C  CB  . ILE A 10 ? 0.2484 0.2429 0.2528 -0.0547 -0.0094 0.0015  11  ILE A CB  
79  C  CG1 . ILE A 10 ? 0.2780 0.2619 0.2472 -0.0258 0.0033  0.0096  11  ILE A CG1 
80  C  CG2 . ILE A 10 ? 0.2229 0.2655 0.2712 -0.0509 -0.0055 -0.0032 11  ILE A CG2 
81  C  CD1 . ILE A 10 ? 0.2621 0.2997 0.2916 -0.0643 0.0174  0.0369  11  ILE A CD1 
82  N  N   . ASP A 11 ? 0.2330 0.2019 0.2451 -0.0353 -0.0186 0.0222  12  ASP A N   
83  C  CA  . ASP A 11 ? 0.2382 0.1984 0.2562 -0.0125 -0.0061 0.0344  12  ASP A CA  
84  C  C   . ASP A 11 ? 0.2301 0.2033 0.2890 -0.0416 -0.0246 0.0231  12  ASP A C   
85  O  O   . ASP A 11 ? 0.2294 0.2337 0.3091 -0.0396 -0.0007 0.0308  12  ASP A O   
86  C  CB  . ASP A 11 ? 0.2236 0.2208 0.2729 -0.0128 -0.0183 0.0207  12  ASP A CB  
87  C  CG  . ASP A 11 ? 0.2267 0.1904 0.2673 -0.0411 -0.0312 0.0239  12  ASP A CG  
88  O  OD1 . ASP A 11 ? 0.2373 0.1917 0.2760 -0.0130 -0.0393 0.0109  12  ASP A OD1 
89  O  OD2 . ASP A 11 ? 0.2226 0.2029 0.2569 -0.0232 -0.0062 0.0132  12  ASP A OD2 
90  N  N   . LYS A 12 ? 0.3064 0.1887 0.2875 -0.0118 -0.0101 0.0197  13  LYS A N   
91  C  CA  . LYS A 12 ? 0.3568 0.2065 0.3148 -0.0137 0.0093  0.0355  13  LYS A CA  
92  C  C   . LYS A 12 ? 0.3625 0.2054 0.2919 -0.0226 0.0276  0.0414  13  LYS A C   
93  O  O   . LYS A 12 ? 0.3962 0.2377 0.3248 -0.0573 0.0428  0.0396  13  LYS A O   
94  C  CB  . LYS A 12 ? 0.3529 0.2286 0.3875 0.0303  0.0128  0.0152  13  LYS A CB  
95  C  CG  . LYS A 12 ? 0.3791 0.2946 0.4739 0.0988  0.0555  0.0251  13  LYS A CG  
96  C  CD  . LYS A 12 ? 0.4116 0.3795 0.5725 0.1168  0.0888  0.0506  13  LYS A CD  
97  C  CE  . LYS A 12 ? 0.3924 0.4505 0.6125 0.1436  0.1686  0.0601  13  LYS A CE  
98  N  NZ  . LYS A 12 ? 0.4063 0.4939 0.6440 0.1897  0.1874  0.0519  13  LYS A NZ  
99  N  N   . ASP A 13 ? 0.3530 0.1652 0.2815 -0.0042 0.0101  0.0236  14  ASP A N   
100 C  CA  . ASP A 13 ? 0.3542 0.1871 0.2912 0.0096  0.0005  0.0238  14  ASP A CA  
101 C  C   . ASP A 13 ? 0.3491 0.1686 0.2859 -0.0030 0.0246  0.0434  14  ASP A C   
102 O  O   . ASP A 13 ? 0.3879 0.2150 0.2613 0.0131  0.0125  0.0382  14  ASP A O   
103 C  CB  . ASP A 13 ? 0.3445 0.2173 0.2985 0.0055  0.0112  0.0320  14  ASP A CB  
104 C  CG  . ASP A 13 ? 0.3165 0.2084 0.2798 -0.0045 -0.0178 0.0059  14  ASP A CG  
105 O  OD1 . ASP A 13 ? 0.3085 0.2106 0.2555 0.0159  0.0022  0.0231  14  ASP A OD1 
106 O  OD2 . ASP A 13 ? 0.3258 0.2342 0.3477 0.0113  0.0045  -0.0036 14  ASP A OD2 
107 N  N   . GLY A 14 ? 0.2784 0.1708 0.2960 -0.0008 0.0229  0.0455  15  GLY A N   
108 C  CA  . GLY A 14 ? 0.2707 0.1846 0.3189 -0.0511 0.0227  0.0599  15  GLY A CA  
109 C  C   . GLY A 14 ? 0.2439 0.2029 0.2653 -0.0352 0.0046  0.0393  15  GLY A C   
110 O  O   . GLY A 14 ? 0.2307 0.2439 0.2489 -0.0134 0.0115  0.0270  15  GLY A O   
111 N  N   . THR A 15 ? 0.2451 0.1697 0.2469 -0.0171 -0.0128 0.0347  16  THR A N   
112 C  CA  . THR A 15 ? 0.2462 0.1739 0.2476 -0.0270 -0.0199 0.0495  16  THR A CA  
113 C  C   . THR A 15 ? 0.2471 0.1951 0.2204 -0.0028 0.0074  0.0423  16  THR A C   
114 O  O   . THR A 15 ? 0.2642 0.2008 0.2385 0.0070  -0.0026 0.0200  16  THR A O   
115 C  CB  . THR A 15 ? 0.2541 0.2147 0.2303 0.0048  -0.0011 0.0455  16  THR A CB  
116 O  OG1 . THR A 15 ? 0.2420 0.2053 0.2456 0.0098  -0.0176 0.0181  16  THR A OG1 
117 C  CG2 . THR A 15 ? 0.2783 0.2295 0.2590 0.0266  -0.0253 0.0390  16  THR A CG2 
118 N  N   . ASN A 16 ? 0.2216 0.1632 0.2392 0.0006  0.0010  0.0441  17  ASN A N   
119 C  CA  . ASN A 16 ? 0.2037 0.1640 0.2488 0.0021  -0.0018 0.0447  17  ASN A CA  
120 C  C   . ASN A 16 ? 0.2186 0.2025 0.2316 -0.0211 0.0119  0.0388  17  ASN A C   
121 O  O   . ASN A 16 ? 0.2577 0.2194 0.2417 -0.0190 0.0080  0.0410  17  ASN A O   
122 C  CB  . ASN A 16 ? 0.2226 0.2169 0.2527 0.0017  0.0194  0.0352  17  ASN A CB  
123 C  CG  . ASN A 16 ? 0.2393 0.2334 0.2763 0.0250  0.0127  0.0539  17  ASN A CG  
124 O  OD1 . ASN A 16 ? 0.2397 0.2468 0.3080 0.0010  0.0011  0.0514  17  ASN A OD1 
125 N  ND2 . ASN A 16 ? 0.2783 0.2420 0.2785 0.0163  0.0344  0.0455  17  ASN A ND2 
126 N  N   . VAL A 17 ? 0.1976 0.1956 0.2415 -0.0202 0.0135  0.0181  18  VAL A N   
127 C  CA  . VAL A 17 ? 0.2242 0.1848 0.2477 -0.0196 0.0093  0.0075  18  VAL A CA  
128 C  C   . VAL A 17 ? 0.2451 0.1856 0.2330 -0.0117 0.0063  0.0242  18  VAL A C   
129 O  O   . VAL A 17 ? 0.2560 0.1853 0.2424 0.0195  0.0118  0.0252  18  VAL A O   
130 C  CB  . VAL A 17 ? 0.2260 0.2136 0.2719 -0.0457 0.0150  -0.0115 18  VAL A CB  
131 C  CG1 . VAL A 17 ? 0.2407 0.2532 0.3184 -0.0472 -0.0125 -0.0250 18  VAL A CG1 
132 C  CG2 . VAL A 17 ? 0.2631 0.1970 0.3198 -0.0229 0.0188  -0.0363 18  VAL A CG2 
133 N  N   . ILE A 18 ? 0.2428 0.1514 0.2479 -0.0104 -0.0054 0.0049  19  ILE A N   
134 C  CA  . ILE A 18 ? 0.2361 0.1764 0.2421 -0.0133 -0.0145 0.0088  19  ILE A CA  
135 C  C   . ILE A 18 ? 0.2216 0.2004 0.2442 -0.0286 -0.0073 0.0110  19  ILE A C   
136 O  O   . ILE A 18 ? 0.2311 0.1872 0.2859 -0.0209 -0.0011 0.0335  19  ILE A O   
137 C  CB  . ILE A 18 ? 0.2348 0.2372 0.2412 -0.0311 -0.0047 -0.0137 19  ILE A CB  
138 C  CG1 . ILE A 18 ? 0.2166 0.2547 0.2848 -0.0201 -0.0124 -0.0020 19  ILE A CG1 
139 C  CG2 . ILE A 18 ? 0.2488 0.1850 0.2525 -0.0274 -0.0063 -0.0062 19  ILE A CG2 
140 C  CD1 . ILE A 18 ? 0.2433 0.2442 0.2944 0.0061  -0.0195 0.0222  19  ILE A CD1 
141 N  N   . SER A 19 ? 0.2144 0.2091 0.2511 -0.0306 -0.0273 0.0215  20  SER A N   
142 C  CA  . SER A 19 ? 0.2361 0.2133 0.2671 -0.0146 -0.0412 0.0289  20  SER A CA  
143 C  C   . SER A 19 ? 0.2231 0.1897 0.2865 -0.0245 -0.0256 0.0405  20  SER A C   
144 O  O   . SER A 19 ? 0.2278 0.2050 0.2724 -0.0276 -0.0320 0.0141  20  SER A O   
145 C  CB  . SER A 19 ? 0.2460 0.1923 0.2766 -0.0259 -0.0518 0.0300  20  SER A CB  
146 O  OG  . SER A 19 ? 0.2480 0.2011 0.2713 -0.0363 -0.0466 0.0132  20  SER A OG  
147 N  N   . TYR A 20 ? 0.2215 0.2230 0.2822 -0.0454 -0.0371 0.0496  21  TYR A N   
148 C  CA  . TYR A 20 ? 0.2070 0.2402 0.2847 -0.0393 -0.0116 0.0197  21  TYR A CA  
149 C  C   . TYR A 20 ? 0.1969 0.2360 0.2783 -0.0215 -0.0402 -0.0044 21  TYR A C   
150 O  O   . TYR A 20 ? 0.2349 0.2284 0.2390 -0.0517 -0.0329 -0.0017 21  TYR A O   
151 C  CB  . TYR A 20 ? 0.2310 0.2428 0.3162 -0.0400 0.0253  0.0481  21  TYR A CB  
152 C  CG  . TYR A 20 ? 0.2686 0.2591 0.3312 -0.0091 0.0247  0.0372  21  TYR A CG  
153 C  CD1 . TYR A 20 ? 0.3198 0.2499 0.3079 -0.0435 0.0041  0.0328  21  TYR A CD1 
154 C  CD2 . TYR A 20 ? 0.3184 0.2556 0.3680 -0.0231 0.0207  0.0080  21  TYR A CD2 
155 C  CE1 . TYR A 20 ? 0.3125 0.2021 0.3348 -0.0545 0.0120  -0.0034 21  TYR A CE1 
156 C  CE2 . TYR A 20 ? 0.3293 0.2453 0.3826 -0.0268 -0.0092 0.0072  21  TYR A CE2 
157 C  CZ  . TYR A 20 ? 0.3294 0.2254 0.3911 -0.0614 0.0146  0.0309  21  TYR A CZ  
158 O  OH  . TYR A 20 ? 0.4102 0.2859 0.4507 -0.0925 0.0594  0.0330  21  TYR A OH  
159 N  N   . PRO A 21 ? 0.2267 0.2170 0.2732 -0.0381 -0.0440 -0.0027 22  PRO A N   
160 C  CA  . PRO A 21 ? 0.2367 0.2216 0.2661 -0.0176 -0.0567 -0.0012 22  PRO A CA  
161 C  C   . PRO A 21 ? 0.2117 0.2004 0.2445 -0.0354 -0.0227 0.0172  22  PRO A C   
162 O  O   . PRO A 21 ? 0.2219 0.2050 0.2615 -0.0353 -0.0341 0.0233  22  PRO A O   
163 C  CB  . PRO A 21 ? 0.2610 0.2112 0.2971 -0.0098 -0.0736 0.0030  22  PRO A CB  
164 C  CG  . PRO A 21 ? 0.2457 0.2009 0.3209 -0.0242 -0.0795 0.0028  22  PRO A CG  
165 C  CD  . PRO A 21 ? 0.2488 0.2161 0.2895 -0.0144 -0.0855 0.0100  22  PRO A CD  
166 N  N   . GLU A 22 ? 0.2178 0.1935 0.2475 -0.0316 -0.0230 0.0199  23  GLU A N   
167 C  CA  . GLU A 22 ? 0.1977 0.1997 0.2383 -0.0339 -0.0291 -0.0044 23  GLU A CA  
168 C  C   . GLU A 22 ? 0.2058 0.2033 0.2423 -0.0321 -0.0272 0.0158  23  GLU A C   
169 O  O   . GLU A 22 ? 0.2271 0.2331 0.2403 -0.0410 -0.0262 0.0024  23  GLU A O   
170 C  CB  . GLU A 22 ? 0.2250 0.2085 0.2363 -0.0183 0.0037  0.0058  23  GLU A CB  
171 C  CG  . GLU A 22 ? 0.2473 0.1974 0.2277 -0.0291 -0.0164 0.0188  23  GLU A CG  
172 C  CD  . GLU A 22 ? 0.2389 0.1940 0.2470 -0.0244 -0.0264 0.0339  23  GLU A CD  
173 O  OE1 . GLU A 22 ? 0.2493 0.1967 0.2669 -0.0218 -0.0203 0.0425  23  GLU A OE1 
174 O  OE2 . GLU A 22 ? 0.2832 0.2148 0.2739 0.0000  0.0044  0.0520  23  GLU A OE2 
175 N  N   . LEU A 23 ? 0.2068 0.2204 0.2381 -0.0282 -0.0120 0.0205  24  LEU A N   
176 C  CA  . LEU A 23 ? 0.2352 0.2194 0.2516 -0.0157 -0.0208 0.0228  24  LEU A CA  
177 C  C   . LEU A 23 ? 0.2335 0.2288 0.2388 -0.0236 -0.0203 0.0337  24  LEU A C   
178 O  O   . LEU A 23 ? 0.2542 0.2399 0.2671 -0.0451 -0.0555 0.0221  24  LEU A O   
179 C  CB  . LEU A 23 ? 0.2684 0.2378 0.2422 -0.0352 -0.0321 0.0015  24  LEU A CB  
180 C  CG  . LEU A 23 ? 0.3045 0.2568 0.2518 0.0178  -0.0112 0.0255  24  LEU A CG  
181 C  CD1 . LEU A 23 ? 0.2961 0.3118 0.2752 0.0272  -0.0459 0.0254  24  LEU A CD1 
182 C  CD2 . LEU A 23 ? 0.3799 0.2596 0.2888 0.0133  0.0346  0.0422  24  LEU A CD2 
183 N  N   . GLU A 24 ? 0.2172 0.2269 0.2271 -0.0153 -0.0157 -0.0110 25  GLU A N   
184 C  CA  . GLU A 24 ? 0.2365 0.2410 0.2535 -0.0411 -0.0044 0.0079  25  GLU A CA  
185 C  C   . GLU A 24 ? 0.2350 0.2362 0.2455 -0.0474 -0.0110 -0.0148 25  GLU A C   
186 O  O   . GLU A 24 ? 0.2556 0.2170 0.2673 -0.0392 -0.0387 -0.0088 25  GLU A O   
187 C  CB  . GLU A 24 ? 0.2169 0.2503 0.2738 -0.0680 -0.0092 0.0295  25  GLU A CB  
188 C  CG  . GLU A 24 ? 0.2448 0.2996 0.2840 -0.0929 -0.0135 0.0317  25  GLU A CG  
189 C  CD  . GLU A 24 ? 0.2723 0.3243 0.3009 -0.0586 0.0156  0.0179  25  GLU A CD  
190 O  OE1 . GLU A 24 ? 0.2386 0.3403 0.2961 -0.0415 -0.0005 -0.0179 25  GLU A OE1 
191 O  OE2 . GLU A 24 ? 0.2982 0.3209 0.3320 -0.0784 -0.0193 0.0362  25  GLU A OE2 
192 N  N   . GLN A 25 ? 0.2230 0.2387 0.2637 -0.0342 -0.0184 0.0231  26  GLN A N   
193 C  CA  . GLN A 25 ? 0.2400 0.2568 0.2506 -0.0355 0.0004  0.0041  26  GLN A CA  
194 C  C   . GLN A 25 ? 0.2416 0.2406 0.2794 -0.0458 -0.0089 -0.0129 26  GLN A C   
195 O  O   . GLN A 25 ? 0.2778 0.2199 0.2959 -0.0622 -0.0469 -0.0036 26  GLN A O   
196 C  CB  . GLN A 25 ? 0.2281 0.2504 0.2768 -0.0540 -0.0205 0.0329  26  GLN A CB  
197 C  CG  . GLN A 25 ? 0.2277 0.2647 0.3131 -0.0868 -0.0282 0.0453  26  GLN A CG  
198 C  CD  . GLN A 25 ? 0.2855 0.2927 0.3460 -0.0954 -0.0233 0.0581  26  GLN A CD  
199 O  OE1 . GLN A 25 ? 0.2823 0.2899 0.3116 -0.0443 0.0010  0.0368  26  GLN A OE1 
200 N  NE2 . GLN A 25 ? 0.3514 0.3521 0.3849 -0.0975 -0.0241 0.0720  26  GLN A NE2 
201 N  N   . TYR A 26 ? 0.2074 0.2419 0.2697 -0.0360 -0.0179 -0.0116 27  TYR A N   
202 C  CA  . TYR A 26 ? 0.2340 0.2503 0.2943 -0.0328 -0.0236 -0.0041 27  TYR A CA  
203 C  C   . TYR A 26 ? 0.2447 0.2356 0.2849 -0.0304 -0.0329 -0.0122 27  TYR A C   
204 O  O   . TYR A 26 ? 0.2431 0.2499 0.3054 -0.0371 -0.0601 -0.0339 27  TYR A O   
205 C  CB  . TYR A 26 ? 0.2348 0.2371 0.3450 -0.0149 -0.0823 -0.0235 27  TYR A CB  
206 C  CG  . TYR A 26 ? 0.2506 0.2533 0.4216 -0.0091 -0.1243 -0.0509 27  TYR A CG  
207 C  CD1 . TYR A 26 ? 0.3347 0.2451 0.4668 0.0349  -0.1485 -0.0338 27  TYR A CD1 
208 C  CD2 . TYR A 26 ? 0.2697 0.2962 0.4686 -0.0282 -0.1253 -0.1018 27  TYR A CD2 
209 C  CE1 . TYR A 26 ? 0.3218 0.2933 0.4967 0.0286  -0.1843 -0.0871 27  TYR A CE1 
210 C  CE2 . TYR A 26 ? 0.3040 0.3235 0.5129 0.0109  -0.1517 -0.1020 27  TYR A CE2 
211 C  CZ  . TYR A 26 ? 0.3152 0.3146 0.5311 0.0524  -0.1822 -0.0997 27  TYR A CZ  
212 O  OH  . TYR A 26 ? 0.3397 0.3501 0.5953 0.0380  -0.2067 -0.1183 27  TYR A OH  
213 N  N   . VAL A 27 ? 0.2793 0.2212 0.2549 -0.0217 -0.0189 -0.0193 28  VAL A N   
214 C  CA  . VAL A 27 ? 0.2919 0.2435 0.2572 -0.0338 -0.0193 -0.0431 28  VAL A CA  
215 C  C   . VAL A 27 ? 0.2722 0.2585 0.2975 -0.0150 -0.0487 -0.0054 28  VAL A C   
216 O  O   . VAL A 27 ? 0.2781 0.2708 0.3243 -0.0169 -0.0728 -0.0352 28  VAL A O   
217 C  CB  . VAL A 27 ? 0.3130 0.2480 0.2492 -0.0600 -0.0480 -0.0039 28  VAL A CB  
218 C  CG1 . VAL A 27 ? 0.3432 0.3131 0.2300 -0.0571 -0.0626 -0.0007 28  VAL A CG1 
219 C  CG2 . VAL A 27 ? 0.3240 0.2319 0.2743 -0.0382 -0.0429 0.0040  28  VAL A CG2 
220 N  N   . ALA A 28 ? 0.2605 0.2671 0.2727 -0.0224 -0.0153 -0.0102 29  ALA A N   
221 C  CA  . ALA A 28 ? 0.2612 0.2799 0.3212 -0.0020 -0.0127 0.0082  29  ALA A CA  
222 C  C   . ALA A 28 ? 0.2890 0.2489 0.3565 0.0142  0.0090  -0.0127 29  ALA A C   
223 O  O   . ALA A 28 ? 0.3249 0.2770 0.3572 0.0277  0.0059  -0.0437 29  ALA A O   
224 C  CB  . ALA A 28 ? 0.2690 0.3143 0.3510 0.0038  -0.0412 0.0446  29  ALA A CB  
225 N  N   . GLU A 29 ? 0.3076 0.2264 0.3803 -0.0464 0.0370  -0.0204 30  GLU A N   
226 C  CA  . GLU A 29 ? 0.3708 0.2911 0.4102 -0.1090 0.0652  -0.0757 30  GLU A CA  
227 C  C   . GLU A 29 ? 0.3621 0.3061 0.4353 -0.1280 0.0490  -0.1348 30  GLU A C   
228 O  O   . GLU A 29 ? 0.4498 0.3209 0.4912 -0.1443 0.0473  -0.1467 30  GLU A O   
229 C  CB  . GLU A 29 ? 0.4452 0.3727 0.4412 -0.1591 0.0887  -0.0900 30  GLU A CB  
230 C  CG  . GLU A 29 ? 0.5195 0.4949 0.4329 -0.1938 0.0767  -0.0910 30  GLU A CG  
231 C  CD  . GLU A 29 ? 0.5702 0.5653 0.4241 -0.2322 0.0616  -0.0617 30  GLU A CD  
232 O  OE1 . GLU A 29 ? 0.5449 0.5618 0.3929 -0.2607 0.0849  -0.0847 30  GLU A OE1 
233 O  OE2 . GLU A 29 ? 0.6109 0.5680 0.4387 -0.2318 0.0290  -0.0104 30  GLU A OE2 
234 N  N   . ASN A 30 ? 0.3110 0.3436 0.4351 -0.0819 -0.0045 -0.1583 31  ASN A N   
235 C  CA  . ASN A 30 ? 0.3044 0.3485 0.4646 -0.0571 -0.0401 -0.1838 31  ASN A CA  
236 C  C   . ASN A 30 ? 0.2691 0.3521 0.4463 -0.0215 -0.0754 -0.1931 31  ASN A C   
237 O  O   . ASN A 30 ? 0.3080 0.4302 0.4427 0.0204  -0.0824 -0.2379 31  ASN A O   
238 C  CB  . ASN A 30 ? 0.2859 0.3937 0.4595 -0.0401 -0.0517 -0.2143 31  ASN A CB  
239 C  CG  . ASN A 30 ? 0.2712 0.4381 0.5150 -0.0733 -0.0639 -0.2000 31  ASN A CG  
240 O  OD1 . ASN A 30 ? 0.2951 0.5059 0.5528 -0.1194 -0.0448 -0.2064 31  ASN A OD1 
241 N  ND2 . ASN A 30 ? 0.2644 0.3971 0.5207 -0.0546 -0.0666 -0.1704 31  ASN A ND2 
242 N  N   . ASN A 31 ? 0.2571 0.2854 0.4567 -0.0123 -0.0510 -0.1264 32  ASN A N   
243 C  CA  . ASN A 31 ? 0.3126 0.2408 0.4436 -0.0193 -0.0508 -0.1013 32  ASN A CA  
244 C  C   . ASN A 31 ? 0.3274 0.2697 0.4067 0.0060  -0.0997 -0.0799 32  ASN A C   
245 O  O   . ASN A 31 ? 0.3675 0.2846 0.3980 -0.0024 -0.1198 -0.1084 32  ASN A O   
246 C  CB  . ASN A 31 ? 0.3751 0.2623 0.4542 0.0102  -0.0058 -0.1043 32  ASN A CB  
247 C  CG  . ASN A 31 ? 0.4445 0.2497 0.4814 0.0295  0.0160  -0.0799 32  ASN A CG  
248 O  OD1 . ASN A 31 ? 0.5149 0.2497 0.4983 0.0391  0.0325  -0.0247 32  ASN A OD1 
249 N  ND2 . ASN A 31 ? 0.4987 0.2983 0.5203 0.0024  -0.0119 -0.0725 32  ASN A ND2 
250 N  N   . LEU A 32 ? 0.3342 0.2489 0.3626 0.0134  -0.1096 -0.0793 33  LEU A N   
251 C  CA  . LEU A 32 ? 0.3982 0.2770 0.3170 0.0245  -0.1429 -0.0617 33  LEU A CA  
252 C  C   . LEU A 32 ? 0.4654 0.2571 0.2831 -0.0221 -0.1121 -0.0243 33  LEU A C   
253 O  O   . LEU A 32 ? 0.4416 0.2727 0.2806 -0.0355 -0.1011 -0.0071 33  LEU A O   
254 C  CB  . LEU A 32 ? 0.4138 0.3024 0.3357 0.0196  -0.1433 -0.0747 33  LEU A CB  
255 C  CG  . LEU A 32 ? 0.3981 0.3688 0.4093 0.0602  -0.1588 -0.1201 33  LEU A CG  
256 C  CD1 . LEU A 32 ? 0.4010 0.3843 0.4148 0.0850  -0.1293 -0.0959 33  LEU A CD1 
257 C  CD2 . LEU A 32 ? 0.4215 0.4407 0.4464 0.0516  -0.1672 -0.1747 33  LEU A CD2 
258 N  N   . ASP A 33 ? 0.5729 0.2811 0.2908 -0.0490 -0.1020 -0.0218 34  ASP A N   
259 C  CA  . ASP A 33 ? 0.6234 0.3162 0.2796 -0.0974 -0.0770 -0.0075 34  ASP A CA  
260 C  C   . ASP A 33 ? 0.6386 0.3077 0.2504 -0.1263 -0.0140 0.0009  34  ASP A C   
261 O  O   . ASP A 33 ? 0.6545 0.2777 0.2640 -0.1514 0.0124  -0.0122 34  ASP A O   
262 C  CB  . ASP A 33 ? 0.6798 0.4213 0.3040 -0.0894 -0.0963 0.0297  34  ASP A CB  
263 C  CG  . ASP A 33 ? 0.7242 0.5264 0.3065 -0.1046 -0.0886 0.0427  34  ASP A CG  
264 O  OD1 . ASP A 33 ? 0.7269 0.5963 0.3273 -0.1421 -0.0677 0.0390  34  ASP A OD1 
265 O  OD2 . ASP A 33 ? 0.7688 0.5309 0.2775 -0.0608 -0.0851 0.0650  34  ASP A OD2 
266 N  N   . PRO A 34 ? 0.6416 0.3488 0.2818 -0.1232 -0.0266 -0.0053 35  PRO A N   
267 C  CA  . PRO A 34 ? 0.6243 0.3631 0.3066 -0.1577 -0.0181 -0.0333 35  PRO A CA  
268 C  C   . PRO A 34 ? 0.6077 0.3407 0.2832 -0.1766 0.0115  -0.0445 35  PRO A C   
269 O  O   . PRO A 34 ? 0.5886 0.3912 0.2896 -0.1933 0.0038  -0.0279 35  PRO A O   
270 C  CB  . PRO A 34 ? 0.6388 0.4302 0.3667 -0.1139 -0.0521 -0.0179 35  PRO A CB  
271 C  CG  . PRO A 34 ? 0.6625 0.4384 0.3685 -0.0615 -0.0386 -0.0069 35  PRO A CG  
272 C  CD  . PRO A 34 ? 0.6615 0.3921 0.3252 -0.0608 -0.0339 0.0128  35  PRO A CD  
273 N  N   . SER A 35 ? 0.6097 0.3536 0.2711 -0.1826 0.0299  -0.0243 36  SER A N   
274 C  CA  . SER A 35 ? 0.6289 0.3471 0.2970 -0.1499 0.0085  0.0272  36  SER A CA  
275 C  C   . SER A 35 ? 0.6099 0.3149 0.3062 -0.1145 -0.0034 0.0214  36  SER A C   
276 O  O   . SER A 35 ? 0.6310 0.3265 0.3202 -0.1112 -0.0018 0.0000  36  SER A O   
277 C  CB  . SER A 35 ? 0.6820 0.3833 0.3485 -0.1414 -0.0022 0.0849  36  SER A CB  
278 O  OG  . SER A 35 ? 0.7288 0.4405 0.3585 -0.1012 -0.0316 0.0967  36  SER A OG  
279 N  N   . MET A 36 ? 0.5724 0.2935 0.2738 -0.0977 -0.0313 0.0073  37  MET A N   
280 C  CA  . MET A 36 ? 0.5470 0.2629 0.2943 -0.0983 -0.0794 -0.0217 37  MET A CA  
281 C  C   . MET A 36 ? 0.5068 0.2649 0.2670 -0.0749 -0.0788 -0.0142 37  MET A C   
282 O  O   . MET A 36 ? 0.4907 0.2168 0.3180 -0.0638 -0.0842 0.0122  37  MET A O   
283 C  CB  . MET A 36 ? 0.5655 0.2921 0.3657 -0.0745 -0.0936 -0.0070 37  MET A CB  
284 C  CG  . MET A 36 ? 0.6090 0.3000 0.4109 0.0214  -0.1066 0.0348  37  MET A CG  
285 S  SD  . MET A 36 ? 0.6587 0.4189 0.5098 0.0090  -0.1078 -0.0303 37  MET A SD  
286 C  CE  . MET A 36 ? 0.5863 0.4165 0.4535 -0.0062 -0.1462 -0.0830 37  MET A CE  
287 N  N   . VAL A 37 ? 0.4843 0.2750 0.2739 -0.0775 -0.0845 -0.0065 38  VAL A N   
288 C  CA  . VAL A 37 ? 0.4383 0.1907 0.2889 -0.0446 -0.0349 0.0338  38  VAL A CA  
289 C  C   . VAL A 37 ? 0.4412 0.2278 0.2800 -0.0566 -0.0152 0.0503  38  VAL A C   
290 O  O   . VAL A 37 ? 0.4169 0.2473 0.2868 -0.0322 -0.0430 -0.0140 38  VAL A O   
291 C  CB  . VAL A 37 ? 0.3796 0.1966 0.2911 -0.0226 -0.0212 -0.0008 38  VAL A CB  
292 C  CG1 . VAL A 37 ? 0.3931 0.2553 0.2981 -0.0237 -0.0357 -0.0258 38  VAL A CG1 
293 C  CG2 . VAL A 37 ? 0.3854 0.1651 0.3109 -0.0211 0.0020  -0.0077 38  VAL A CG2 
294 N  N   . GLU A 38 ? 0.4400 0.2508 0.3094 -0.0944 -0.0047 0.0495  39  GLU A N   
295 C  CA  . GLU A 38 ? 0.4986 0.3018 0.3486 -0.0920 0.0166  0.0603  39  GLU A CA  
296 C  C   . GLU A 38 ? 0.4931 0.2660 0.3186 -0.0708 -0.0289 0.0595  39  GLU A C   
297 O  O   . GLU A 38 ? 0.4993 0.2685 0.3606 -0.0621 -0.0525 0.0725  39  GLU A O   
298 C  CB  . GLU A 38 ? 0.5647 0.4014 0.4343 -0.1089 0.0468  0.0578  39  GLU A CB  
299 C  CG  . GLU A 38 ? 0.6645 0.5353 0.5426 -0.0945 0.0456  0.0314  39  GLU A CG  
300 C  CD  . GLU A 38 ? 0.7402 0.6427 0.6316 -0.0893 0.0387  0.0314  39  GLU A CD  
301 O  OE1 . GLU A 38 ? 0.7701 0.6762 0.6613 -0.0837 0.0370  0.0361  39  GLU A OE1 
302 O  OE2 . GLU A 38 ? 0.7569 0.6866 0.6586 -0.0927 0.0356  0.0367  39  GLU A OE2 
303 N  N   . LYS A 39 ? 0.4964 0.2746 0.3101 -0.0730 -0.0231 0.0357  40  LYS A N   
304 C  CA  . LYS A 39 ? 0.4942 0.3006 0.2999 -0.0746 -0.0367 0.0285  40  LYS A CA  
305 C  C   . LYS A 39 ? 0.4500 0.2683 0.2749 -0.0472 -0.0656 0.0377  40  LYS A C   
306 O  O   . LYS A 39 ? 0.4294 0.2806 0.2865 -0.0182 -0.0573 0.0477  40  LYS A O   
307 C  CB  . LYS A 39 ? 0.5535 0.3715 0.3023 -0.0926 -0.0190 -0.0114 40  LYS A CB  
308 C  CG  . LYS A 39 ? 0.5954 0.4905 0.3926 -0.0977 -0.0474 -0.0116 40  LYS A CG  
309 C  CD  . LYS A 39 ? 0.6252 0.6018 0.4467 -0.0901 -0.0738 -0.0154 40  LYS A CD  
310 C  CE  . LYS A 39 ? 0.6548 0.6788 0.4887 -0.0721 -0.0788 -0.0101 40  LYS A CE  
311 N  NZ  . LYS A 39 ? 0.6789 0.7002 0.4951 -0.0756 -0.0591 0.0024  40  LYS A NZ  
312 N  N   . TRP A 40 ? 0.4320 0.2341 0.2713 -0.0263 -0.0841 0.0391  41  TRP A N   
313 C  CA  . TRP A 40 ? 0.4262 0.2261 0.2576 -0.0317 -0.0764 0.0389  41  TRP A CA  
314 C  C   . TRP A 40 ? 0.4181 0.2277 0.2718 -0.0044 -0.0595 0.0332  41  TRP A C   
315 O  O   . TRP A 40 ? 0.4260 0.2241 0.2877 0.0159  -0.0491 0.0280  41  TRP A O   
316 C  CB  . TRP A 40 ? 0.4435 0.2155 0.2929 -0.0282 -0.0760 0.0488  41  TRP A CB  
317 C  CG  . TRP A 40 ? 0.4578 0.2991 0.2779 -0.0551 -0.0808 0.0171  41  TRP A CG  
318 C  CD1 . TRP A 40 ? 0.4827 0.3778 0.2801 -0.0964 -0.0507 0.0025  41  TRP A CD1 
319 C  CD2 . TRP A 40 ? 0.4535 0.3148 0.2825 -0.0970 -0.0891 0.0474  41  TRP A CD2 
320 N  NE1 . TRP A 40 ? 0.4867 0.3936 0.2967 -0.1289 -0.0622 0.0194  41  TRP A NE1 
321 C  CE2 . TRP A 40 ? 0.4714 0.3535 0.3086 -0.1362 -0.0764 0.0592  41  TRP A CE2 
322 C  CE3 . TRP A 40 ? 0.4381 0.2947 0.3089 -0.1294 -0.0783 0.0307  41  TRP A CE3 
323 C  CZ2 . TRP A 40 ? 0.4762 0.3190 0.3541 -0.1373 -0.0880 0.0896  41  TRP A CZ2 
324 C  CZ3 . TRP A 40 ? 0.4500 0.3100 0.3428 -0.1350 -0.1030 0.0488  41  TRP A CZ3 
325 C  CH2 . TRP A 40 ? 0.4782 0.3011 0.3721 -0.1319 -0.0911 0.0812  41  TRP A CH2 
326 N  N   . LYS A 41 ? 0.4099 0.2347 0.2824 -0.0195 -0.0786 0.0283  42  LYS A N   
327 C  CA  . LYS A 41 ? 0.4191 0.2151 0.3029 0.0063  -0.0943 0.0372  42  LYS A CA  
328 C  C   . LYS A 41 ? 0.4208 0.2191 0.3080 -0.0213 -0.0887 0.0323  42  LYS A C   
329 O  O   . LYS A 41 ? 0.4200 0.2174 0.3342 -0.0296 -0.0639 0.0217  42  LYS A O   
330 C  CB  . LYS A 41 ? 0.4102 0.2250 0.3131 0.0022  -0.0594 0.0296  42  LYS A CB  
331 C  CG  . LYS A 41 ? 0.4018 0.2570 0.3381 0.0322  -0.0498 0.0438  42  LYS A CG  
332 C  CD  . LYS A 41 ? 0.3734 0.2608 0.3527 0.0081  -0.0122 0.0556  42  LYS A CD  
333 C  CE  . LYS A 41 ? 0.3445 0.2886 0.3490 -0.0074 0.0022  0.0464  42  LYS A CE  
334 N  NZ  . LYS A 41 ? 0.3531 0.3067 0.3944 -0.0242 -0.0114 0.0376  42  LYS A NZ  
335 N  N   . GLN A 42 ? 0.4222 0.2110 0.3300 -0.0502 -0.0938 0.0742  43  GLN A N   
336 C  CA  . GLN A 42 ? 0.4321 0.2338 0.3562 -0.0327 -0.0822 0.1009  43  GLN A CA  
337 C  C   . GLN A 42 ? 0.3920 0.2187 0.3451 -0.0273 -0.1046 0.0655  43  GLN A C   
338 O  O   . GLN A 42 ? 0.4203 0.2057 0.3679 -0.0327 -0.0691 0.0415  43  GLN A O   
339 C  CB  . GLN A 42 ? 0.4760 0.2666 0.3991 -0.0111 -0.0716 0.1620  43  GLN A CB  
340 C  CG  . GLN A 42 ? 0.5257 0.3840 0.5040 -0.0059 -0.0340 0.1148  43  GLN A CG  
341 C  CD  . GLN A 42 ? 0.5740 0.5150 0.5914 -0.0007 -0.0066 0.0636  43  GLN A CD  
342 O  OE1 . GLN A 42 ? 0.6046 0.5569 0.6585 0.0061  -0.0193 0.0623  43  GLN A OE1 
343 N  NE2 . GLN A 42 ? 0.5538 0.5524 0.5996 -0.0024 0.0093  0.0561  43  GLN A NE2 
344 N  N   . LEU A 43 ? 0.3973 0.2352 0.3428 -0.0232 -0.0938 0.0960  44  LEU A N   
345 C  CA  . LEU A 43 ? 0.4074 0.2595 0.3684 -0.0038 -0.0733 0.0964  44  LEU A CA  
346 C  C   . LEU A 43 ? 0.4140 0.2630 0.3602 0.0416  -0.0635 0.0831  44  LEU A C   
347 O  O   . LEU A 43 ? 0.4416 0.2820 0.3798 0.0583  -0.0311 0.1009  44  LEU A O   
348 C  CB  . LEU A 43 ? 0.4082 0.2757 0.3686 -0.0321 -0.0854 0.0794  44  LEU A CB  
349 C  CG  . LEU A 43 ? 0.3773 0.3126 0.3709 -0.0119 -0.1226 0.0555  44  LEU A CG  
350 C  CD1 . LEU A 43 ? 0.4081 0.3459 0.3853 -0.0645 -0.1119 0.0441  44  LEU A CD1 
351 C  CD2 . LEU A 43 ? 0.3728 0.3427 0.3914 0.0272  -0.0953 0.0608  44  LEU A CD2 
352 N  N   . PHE A 44 ? 0.4134 0.2319 0.3547 0.0089  -0.0351 0.1036  45  PHE A N   
353 C  CA  . PHE A 44 ? 0.4002 0.2334 0.3350 -0.0241 -0.0492 0.0919  45  PHE A CA  
354 C  C   . PHE A 44 ? 0.4094 0.2625 0.3496 -0.0207 -0.0502 0.0508  45  PHE A C   
355 O  O   . PHE A 44 ? 0.4093 0.2663 0.3458 -0.0432 -0.0249 0.0579  45  PHE A O   
356 C  CB  . PHE A 44 ? 0.4123 0.2302 0.3368 -0.0473 -0.0239 0.0653  45  PHE A CB  
357 C  CG  . PHE A 44 ? 0.4500 0.2394 0.3355 -0.0341 -0.0144 0.0891  45  PHE A CG  
358 C  CD1 . PHE A 44 ? 0.4508 0.2838 0.3219 -0.0454 0.0181  0.1072  45  PHE A CD1 
359 C  CD2 . PHE A 44 ? 0.4639 0.2426 0.3252 -0.0372 -0.0203 0.0582  45  PHE A CD2 
360 C  CE1 . PHE A 44 ? 0.4598 0.2996 0.3639 -0.0322 0.0255  0.0819  45  PHE A CE1 
361 C  CE2 . PHE A 44 ? 0.4500 0.2717 0.3343 -0.0519 -0.0110 0.0790  45  PHE A CE2 
362 C  CZ  . PHE A 44 ? 0.4454 0.2846 0.3519 -0.0410 0.0286  0.0561  45  PHE A CZ  
363 N  N   . ASP A 45 ? 0.3854 0.2446 0.3554 -0.0444 -0.0748 0.0192  46  ASP A N   
364 C  CA  . ASP A 45 ? 0.3882 0.2125 0.3553 -0.0410 -0.0796 0.0235  46  ASP A CA  
365 C  C   . ASP A 45 ? 0.4417 0.2674 0.3742 -0.0346 -0.0396 0.0371  46  ASP A C   
366 O  O   . ASP A 45 ? 0.4320 0.2979 0.3858 -0.0350 -0.0476 0.0400  46  ASP A O   
367 C  CB  . ASP A 45 ? 0.3711 0.1980 0.3214 -0.0264 -0.0809 -0.0154 46  ASP A CB  
368 C  CG  . ASP A 45 ? 0.3706 0.2282 0.3121 -0.0353 -0.0562 -0.0135 46  ASP A CG  
369 O  OD1 . ASP A 45 ? 0.3609 0.2443 0.3402 -0.0544 -0.0489 -0.0058 46  ASP A OD1 
370 O  OD2 . ASP A 45 ? 0.3228 0.2237 0.3634 -0.0526 -0.0775 0.0167  46  ASP A OD2 
371 N  N   . PRO A 46 ? 0.4586 0.2531 0.3915 -0.0471 0.0066  0.0414  47  PRO A N   
372 C  CA  . PRO A 46 ? 0.5008 0.3109 0.4320 -0.0864 0.0063  0.0548  47  PRO A CA  
373 C  C   . PRO A 46 ? 0.5436 0.3092 0.4632 -0.1231 0.0133  0.0633  47  PRO A C   
374 O  O   . PRO A 46 ? 0.5579 0.3663 0.4566 -0.1543 0.0314  0.0961  47  PRO A O   
375 C  CB  . PRO A 46 ? 0.5177 0.3138 0.4336 -0.0364 0.0172  0.0481  47  PRO A CB  
376 C  CG  . PRO A 46 ? 0.5142 0.2752 0.4382 -0.0146 0.0380  0.0439  47  PRO A CG  
377 C  CD  . PRO A 46 ? 0.4908 0.2563 0.4313 -0.0066 0.0263  0.0498  47  PRO A CD  
378 N  N   . ASP A 47 ? 0.5480 0.2877 0.4860 -0.1153 0.0121  0.0416  48  ASP A N   
379 C  CA  . ASP A 47 ? 0.5718 0.3536 0.5204 -0.1023 0.0356  0.0255  48  ASP A CA  
380 C  C   . ASP A 47 ? 0.5375 0.3435 0.5042 -0.1365 -0.0005 0.0406  48  ASP A C   
381 O  O   . ASP A 47 ? 0.5289 0.3626 0.5233 -0.1692 -0.0217 0.0266  48  ASP A O   
382 C  CB  . ASP A 47 ? 0.6397 0.4190 0.5643 -0.0852 0.0967  0.0069  48  ASP A CB  
383 C  CG  . ASP A 47 ? 0.7163 0.4847 0.6091 -0.0754 0.1544  -0.0063 48  ASP A CG  
384 O  OD1 . ASP A 47 ? 0.7535 0.5070 0.6174 -0.0617 0.1716  -0.0244 48  ASP A OD1 
385 O  OD2 . ASP A 47 ? 0.7511 0.5392 0.6506 -0.0592 0.1565  -0.0124 48  ASP A OD2 
386 N  N   . ASN A 48 ? 0.5068 0.3226 0.4680 -0.1493 0.0077  0.0503  49  ASN A N   
387 C  CA  . ASN A 48 ? 0.4608 0.3822 0.4580 -0.1692 -0.0026 0.0373  49  ASN A CA  
388 C  C   . ASN A 48 ? 0.4049 0.4056 0.4151 -0.1859 -0.0479 0.0094  49  ASN A C   
389 O  O   . ASN A 48 ? 0.4290 0.4324 0.4559 -0.1872 -0.0293 0.0169  49  ASN A O   
390 C  CB  . ASN A 48 ? 0.4815 0.4093 0.5344 -0.1605 0.0141  0.0344  49  ASN A CB  
391 C  CG  . ASN A 48 ? 0.5135 0.4584 0.6123 -0.1053 -0.0084 0.0318  49  ASN A CG  
392 O  OD1 . ASN A 48 ? 0.5136 0.4641 0.6428 -0.0502 -0.0253 0.0325  49  ASN A OD1 
393 N  ND2 . ASN A 48 ? 0.5537 0.4870 0.6424 -0.0730 -0.0153 0.0272  49  ASN A ND2 
394 N  N   . THR A 49 ? 0.3917 0.3858 0.3646 -0.1622 -0.0435 0.0177  50  THR A N   
395 C  CA  . THR A 49 ? 0.3618 0.3642 0.3601 -0.1423 -0.0630 0.0003  50  THR A CA  
396 C  C   . THR A 49 ? 0.3265 0.3582 0.3592 -0.1287 -0.0633 -0.0011 50  THR A C   
397 O  O   . THR A 49 ? 0.3576 0.4021 0.3532 -0.0916 -0.0652 -0.0067 50  THR A O   
398 C  CB  . THR A 49 ? 0.4061 0.3491 0.3753 -0.0739 -0.0554 -0.0290 50  THR A CB  
399 O  OG1 . THR A 49 ? 0.3841 0.3467 0.3501 -0.0810 -0.0648 -0.0319 50  THR A OG1 
400 C  CG2 . THR A 49 ? 0.4499 0.3406 0.4076 -0.0253 -0.0712 -0.0180 50  THR A CG2 
401 N  N   . GLY A 50 ? 0.2956 0.3054 0.3555 -0.1205 -0.0479 0.0085  51  GLY A N   
402 C  CA  . GLY A 50 ? 0.2548 0.3377 0.3767 -0.0937 -0.0460 0.0127  51  GLY A CA  
403 C  C   . GLY A 50 ? 0.2418 0.3353 0.3155 -0.0770 -0.0271 0.0098  51  GLY A C   
404 O  O   . GLY A 50 ? 0.2701 0.3568 0.3381 -0.0539 -0.0202 0.0388  51  GLY A O   
405 N  N   . SER A 51 ? 0.2281 0.3102 0.2741 -0.0975 -0.0103 0.0042  52  SER A N   
406 C  CA  . SER A 51 ? 0.2122 0.2931 0.2684 -0.0626 -0.0047 0.0274  52  SER A CA  
407 C  C   . SER A 51 ? 0.2312 0.2605 0.2806 -0.0589 0.0098  0.0077  52  SER A C   
408 O  O   . SER A 51 ? 0.2750 0.2280 0.2912 -0.0766 0.0087  -0.0212 52  SER A O   
409 C  CB  . SER A 51 ? 0.2814 0.3007 0.2586 -0.0310 -0.0088 -0.0048 52  SER A CB  
410 O  OG  . SER A 51 ? 0.3697 0.2933 0.3216 -0.0811 0.0354  -0.0179 52  SER A OG  
411 N  N   . ILE A 52 ? 0.2040 0.2570 0.2558 -0.0299 0.0027  0.0224  53  ILE A N   
412 C  CA  . ILE A 52 ? 0.2347 0.2598 0.2514 -0.0252 -0.0100 0.0118  53  ILE A CA  
413 C  C   . ILE A 52 ? 0.2470 0.2157 0.2544 -0.0070 0.0151  0.0193  53  ILE A C   
414 O  O   . ILE A 52 ? 0.2718 0.1882 0.2853 0.0081  0.0218  0.0599  53  ILE A O   
415 C  CB  . ILE A 52 ? 0.2550 0.2670 0.2546 -0.0412 -0.0209 0.0294  53  ILE A CB  
416 C  CG1 . ILE A 52 ? 0.2948 0.2620 0.2533 -0.0493 0.0254  -0.0031 53  ILE A CG1 
417 C  CG2 . ILE A 52 ? 0.2396 0.3374 0.2902 -0.0446 -0.0437 0.0777  53  ILE A CG2 
418 C  CD1 . ILE A 52 ? 0.3170 0.2449 0.2941 -0.0674 0.0262  -0.0148 53  ILE A CD1 
419 N  N   . THR A 53 ? 0.2515 0.2154 0.2875 -0.0212 0.0065  0.0262  54  THR A N   
420 C  CA  . THR A 53 ? 0.2722 0.2275 0.2589 -0.0094 0.0038  -0.0007 54  THR A CA  
421 C  C   . THR A 53 ? 0.2606 0.2258 0.2254 0.0237  0.0294  0.0287  54  THR A C   
422 O  O   . THR A 53 ? 0.2695 0.2334 0.2474 0.0036  0.0214  0.0548  54  THR A O   
423 C  CB  . THR A 53 ? 0.3368 0.2419 0.2733 -0.0132 -0.0107 -0.0040 54  THR A CB  
424 O  OG1 . THR A 53 ? 0.3745 0.2210 0.3227 0.0315  -0.0188 -0.0019 54  THR A OG1 
425 C  CG2 . THR A 53 ? 0.3577 0.2869 0.3062 -0.0147 -0.0314 -0.0133 54  THR A CG2 
426 N  N   . LEU A 54 ? 0.2595 0.2364 0.2762 0.0229  0.0382  0.0464  55  LEU A N   
427 C  CA  . LEU A 54 ? 0.2654 0.2122 0.3019 0.0149  0.0349  0.1038  55  LEU A CA  
428 C  C   . LEU A 54 ? 0.3073 0.2307 0.3155 0.0117  0.0377  0.0999  55  LEU A C   
429 O  O   . LEU A 54 ? 0.2938 0.3152 0.3782 0.0333  0.0453  0.1605  55  LEU A O   
430 C  CB  . LEU A 54 ? 0.2526 0.2134 0.3007 0.0332  0.0336  0.0849  55  LEU A CB  
431 C  CG  . LEU A 54 ? 0.2697 0.2739 0.2776 0.0104  0.0067  0.0536  55  LEU A CG  
432 C  CD1 . LEU A 54 ? 0.2935 0.3274 0.2940 -0.0094 -0.0176 0.0534  55  LEU A CD1 
433 C  CD2 . LEU A 54 ? 0.2676 0.2995 0.2778 0.0072  0.0284  0.0745  55  LEU A CD2 
434 N  N   . GLU A 55 ? 0.3334 0.1775 0.3182 0.0430  0.0481  0.0677  56  GLU A N   
435 C  CA  . GLU A 55 ? 0.4020 0.2157 0.2669 0.0194  0.0411  0.0574  56  GLU A CA  
436 C  C   . GLU A 55 ? 0.3810 0.2667 0.2845 0.0549  0.0359  0.0816  56  GLU A C   
437 O  O   . GLU A 55 ? 0.3663 0.2903 0.3295 0.0697  0.0564  0.1051  56  GLU A O   
438 C  CB  . GLU A 55 ? 0.4453 0.2364 0.2896 0.0209  0.0430  0.0553  56  GLU A CB  
439 C  CG  . GLU A 55 ? 0.4542 0.3077 0.3686 0.0431  0.0071  0.0345  56  GLU A CG  
440 C  CD  . GLU A 55 ? 0.4423 0.2900 0.3961 0.0424  -0.0101 0.0322  56  GLU A CD  
441 O  OE1 . GLU A 55 ? 0.4833 0.2947 0.4433 0.0731  -0.0027 0.0713  56  GLU A OE1 
442 O  OE2 . GLU A 55 ? 0.3642 0.2253 0.3519 -0.0148 -0.0327 0.0338  56  GLU A OE2 
443 N  N   . THR A 56 ? 0.3598 0.2758 0.2841 0.0407  0.0600  0.0796  57  THR A N   
444 C  CA  . THR A 56 ? 0.3412 0.3074 0.2849 0.0194  0.0299  0.0579  57  THR A CA  
445 C  C   . THR A 56 ? 0.3233 0.2970 0.2902 0.0138  0.0208  0.1046  57  THR A C   
446 O  O   . THR A 56 ? 0.3594 0.3152 0.3159 0.0145  0.0340  0.1237  57  THR A O   
447 C  CB  . THR A 56 ? 0.3485 0.3625 0.3256 -0.0080 0.0161  0.0241  57  THR A CB  
448 O  OG1 . THR A 56 ? 0.3658 0.3786 0.3283 -0.0138 0.0058  0.0167  57  THR A OG1 
449 C  CG2 . THR A 56 ? 0.3332 0.4177 0.3423 -0.0331 0.0197  0.0065  57  THR A CG2 
450 N  N   . PHE A 57 ? 0.2874 0.3012 0.3150 0.0061  -0.0083 0.1135  58  PHE A N   
451 C  CA  . PHE A 57 ? 0.2791 0.3271 0.3007 -0.0183 -0.0126 0.1407  58  PHE A CA  
452 C  C   . PHE A 57 ? 0.3036 0.3198 0.3486 -0.0054 0.0027  0.1660  58  PHE A C   
453 O  O   . PHE A 57 ? 0.3222 0.3180 0.3762 -0.0283 -0.0277 0.1503  58  PHE A O   
454 C  CB  . PHE A 57 ? 0.2623 0.3329 0.3303 -0.0347 -0.0425 0.1592  58  PHE A CB  
455 C  CG  . PHE A 57 ? 0.2832 0.3619 0.3206 -0.0539 -0.0467 0.1682  58  PHE A CG  
456 C  CD1 . PHE A 57 ? 0.2541 0.4038 0.3257 -0.0691 -0.0876 0.1807  58  PHE A CD1 
457 C  CD2 . PHE A 57 ? 0.3157 0.4226 0.3100 -0.1003 -0.0587 0.1429  58  PHE A CD2 
458 C  CE1 . PHE A 57 ? 0.2873 0.4100 0.3277 -0.0745 -0.0861 0.1694  58  PHE A CE1 
459 C  CE2 . PHE A 57 ? 0.3233 0.4275 0.3151 -0.0965 -0.0845 0.1306  58  PHE A CE2 
460 C  CZ  . PHE A 57 ? 0.3251 0.4234 0.3356 -0.0750 -0.0805 0.1491  58  PHE A CZ  
461 N  N   . CYS A 58 ? 0.2864 0.3285 0.3892 0.0219  0.0173  0.1551  59  CYS A N   
462 C  CA  . CYS A 58 ? 0.3097 0.3716 0.4282 0.0563  0.0203  0.2286  59  CYS A CA  
463 C  C   . CYS A 58 ? 0.3535 0.3746 0.4554 0.0630  0.0265  0.2382  59  CYS A C   
464 O  O   . CYS A 58 ? 0.3566 0.3879 0.4859 0.0717  0.0272  0.2464  59  CYS A O   
465 C  CB  . CYS A 58 ? 0.2989 0.4164 0.4630 0.0525  0.0511  0.2592  59  CYS A CB  
466 S  SG  . CYS A 58 ? 0.2928 0.5100 0.5180 0.0632  0.0383  0.3023  59  CYS A SG  
467 N  N   . SER A 59 ? 0.3836 0.3568 0.4100 0.0564  0.0530  0.2216  60  SER A N   
468 C  CA  . SER A 59 ? 0.4315 0.3515 0.4472 0.0707  0.0429  0.2172  60  SER A CA  
469 C  C   . SER A 59 ? 0.4226 0.3808 0.4277 0.0599  0.0424  0.2024  60  SER A C   
470 O  O   . SER A 59 ? 0.4517 0.3827 0.4332 0.0848  0.0587  0.1922  60  SER A O   
471 C  CB  . SER A 59 ? 0.4892 0.3402 0.5018 0.0465  0.0577  0.2208  60  SER A CB  
472 O  OG  . SER A 59 ? 0.5396 0.3833 0.5738 0.0390  0.0443  0.2029  60  SER A OG  
473 N  N   . LYS A 60 ? 0.4037 0.3667 0.4075 0.0601  0.0368  0.1899  61  LYS A N   
474 C  CA  . LYS A 60 ? 0.4141 0.3790 0.4246 0.0467  0.0202  0.2099  61  LYS A CA  
475 C  C   . LYS A 60 ? 0.4575 0.3976 0.4182 0.0078  0.0098  0.2417  61  LYS A C   
476 O  O   . LYS A 60 ? 0.4817 0.4349 0.4021 0.0078  0.0000  0.2460  61  LYS A O   
477 C  CB  . LYS A 60 ? 0.3836 0.3927 0.4888 0.0681  -0.0058 0.2044  61  LYS A CB  
478 C  CG  . LYS A 60 ? 0.4297 0.4343 0.5650 0.0483  -0.0031 0.2146  61  LYS A CG  
479 C  CD  . LYS A 60 ? 0.4965 0.4858 0.6421 0.0164  -0.0106 0.2066  61  LYS A CD  
480 C  CE  . LYS A 60 ? 0.5438 0.5389 0.6826 -0.0242 -0.0212 0.1900  61  LYS A CE  
481 N  NZ  . LYS A 60 ? 0.5880 0.5640 0.7028 -0.0288 -0.0410 0.1869  61  LYS A NZ  
482 N  N   . LEU A 61 ? 0.4702 0.3859 0.4476 0.0096  -0.0090 0.2426  62  LEU A N   
483 C  CA  . LEU A 61 ? 0.4858 0.4410 0.4648 -0.0011 -0.0404 0.2435  62  LEU A CA  
484 C  C   . LEU A 61 ? 0.4792 0.5029 0.4786 0.0130  -0.0376 0.2522  62  LEU A C   
485 O  O   . LEU A 61 ? 0.5219 0.5954 0.4523 -0.0349 -0.0393 0.2475  62  LEU A O   
486 C  CB  . LEU A 61 ? 0.5046 0.4307 0.4324 -0.0399 -0.0644 0.2311  62  LEU A CB  
487 C  CG  . LEU A 61 ? 0.5282 0.4253 0.3889 -0.0430 -0.0817 0.2246  62  LEU A CG  
488 C  CD1 . LEU A 61 ? 0.5360 0.4030 0.4163 -0.0302 -0.0774 0.2057  62  LEU A CD1 
489 C  CD2 . LEU A 61 ? 0.5428 0.4615 0.3517 -0.0953 -0.0901 0.2000  62  LEU A CD2 
490 N  N   . GLY A 62 ? 0.4492 0.4683 0.5250 0.0477  -0.0327 0.2567  63  GLY A N   
491 C  CA  . GLY A 62 ? 0.4262 0.4787 0.5426 0.0619  -0.0187 0.2350  63  GLY A CA  
492 C  C   . GLY A 62 ? 0.3731 0.4933 0.5603 0.0506  -0.0236 0.2249  63  GLY A C   
493 O  O   . GLY A 62 ? 0.3719 0.5326 0.6056 0.0313  -0.0408 0.1980  63  GLY A O   
494 N  N   . LEU A 63 ? 0.3475 0.4633 0.5351 0.0591  0.0051  0.2457  64  LEU A N   
495 C  CA  . LEU A 63 ? 0.3228 0.4421 0.4967 0.0738  -0.0053 0.2433  64  LEU A CA  
496 C  C   . LEU A 63 ? 0.3525 0.4287 0.5232 0.0584  -0.0034 0.1906  64  LEU A C   
497 O  O   . LEU A 63 ? 0.3844 0.4008 0.5279 0.0727  0.0078  0.1951  64  LEU A O   
498 C  CB  . LEU A 63 ? 0.3186 0.5191 0.4802 0.0486  -0.0357 0.2466  64  LEU A CB  
499 C  CG  . LEU A 63 ? 0.3161 0.5469 0.4776 0.0210  -0.0384 0.2625  64  LEU A CG  
500 C  CD1 . LEU A 63 ? 0.3479 0.5671 0.4948 0.0009  -0.0628 0.2524  64  LEU A CD1 
501 C  CD2 . LEU A 63 ? 0.3478 0.5968 0.4859 0.0554  -0.0316 0.2332  64  LEU A CD2 
502 N  N   . LYS A 64 ? 0.3854 0.4459 0.4996 0.0360  0.0116  0.1367  65  LYS A N   
503 C  CA  . LYS A 64 ? 0.4144 0.4238 0.5098 0.0523  0.0274  0.1213  65  LYS A CA  
504 C  C   . LYS A 64 ? 0.3767 0.3576 0.5005 0.0442  0.0111  0.1168  65  LYS A C   
505 O  O   . LYS A 64 ? 0.3521 0.3829 0.4917 0.0183  0.0390  0.0954  65  LYS A O   
506 C  CB  . LYS A 64 ? 0.4930 0.4491 0.5229 0.1102  0.0698  0.1126  65  LYS A CB  
507 C  CG  . LYS A 64 ? 0.5592 0.5251 0.5986 0.1433  0.0639  0.0964  65  LYS A CG  
508 C  CD  . LYS A 64 ? 0.6238 0.5993 0.6584 0.1458  0.0573  0.0841  65  LYS A CD  
509 C  CE  . LYS A 64 ? 0.6686 0.6584 0.7016 0.1407  0.0473  0.0685  65  LYS A CE  
510 N  NZ  . LYS A 64 ? 0.6894 0.6882 0.7206 0.1365  0.0417  0.0572  65  LYS A NZ  
511 N  N   . PRO A 65 ? 0.3543 0.2845 0.5097 0.0128  -0.0201 0.0877  66  PRO A N   
512 C  CA  . PRO A 65 ? 0.3309 0.2638 0.4918 0.0022  -0.0276 0.0509  66  PRO A CA  
513 C  C   . PRO A 65 ? 0.3114 0.2731 0.4629 0.0320  -0.0133 0.0286  66  PRO A C   
514 O  O   . PRO A 65 ? 0.3447 0.2702 0.4664 0.0354  -0.0066 0.0399  66  PRO A O   
515 C  CB  . PRO A 65 ? 0.3449 0.2424 0.5210 -0.0430 -0.0297 0.0523  66  PRO A CB  
516 C  CG  . PRO A 65 ? 0.3661 0.2566 0.5419 -0.0239 -0.0207 0.0766  66  PRO A CG  
517 C  CD  . PRO A 65 ? 0.3778 0.2853 0.5293 -0.0204 -0.0192 0.0897  66  PRO A CD  
518 N  N   . ALA A 66 ? 0.3047 0.3045 0.4626 0.0314  -0.0150 0.0316  67  ALA A N   
519 C  CA  . ALA A 66 ? 0.3046 0.3428 0.4602 0.0127  0.0042  0.0135  67  ALA A CA  
520 C  C   . ALA A 66 ? 0.2790 0.3245 0.4595 -0.0082 0.0074  0.0531  67  ALA A C   
521 O  O   . ALA A 66 ? 0.3054 0.2941 0.4901 -0.0279 -0.0222 0.1036  67  ALA A O   
522 C  CB  . ALA A 66 ? 0.3047 0.3475 0.4577 0.0329  0.0114  -0.0212 67  ALA A CB  
523 N  N   . GLU A 67 ? 0.2997 0.3607 0.4620 0.0260  -0.0091 0.0798  68  GLU A N   
524 C  CA  . GLU A 67 ? 0.2833 0.4231 0.4531 -0.0048 -0.0175 0.1380  68  GLU A CA  
525 C  C   . GLU A 67 ? 0.2872 0.4606 0.4317 -0.0043 0.0079  0.1345  68  GLU A C   
526 O  O   . GLU A 67 ? 0.2672 0.4783 0.4314 -0.0191 -0.0330 0.1247  68  GLU A O   
527 C  CB  . GLU A 67 ? 0.3179 0.4693 0.4991 -0.0017 -0.0212 0.1580  68  GLU A CB  
528 C  CG  . GLU A 67 ? 0.3544 0.5160 0.5120 0.0293  -0.0312 0.1704  68  GLU A CG  
529 C  CD  . GLU A 67 ? 0.3938 0.5444 0.5232 0.0094  -0.0460 0.1804  68  GLU A CD  
530 O  OE1 . GLU A 67 ? 0.4414 0.5621 0.5043 0.0053  -0.0858 0.1580  68  GLU A OE1 
531 O  OE2 . GLU A 67 ? 0.4041 0.5665 0.5441 -0.0126 -0.0168 0.1878  68  GLU A OE2 
532 N  N   . ILE A 68 ? 0.2845 0.4313 0.4124 0.0142  0.0592  0.1441  69  ILE A N   
533 C  CA  . ILE A 68 ? 0.2728 0.4294 0.3765 -0.0242 0.0367  0.1084  69  ILE A CA  
534 C  C   . ILE A 68 ? 0.2437 0.4125 0.3661 -0.0423 0.0156  0.0614  69  ILE A C   
535 O  O   . ILE A 68 ? 0.2309 0.3707 0.3742 -0.0507 -0.0035 0.0504  69  ILE A O   
536 C  CB  . ILE A 68 ? 0.2541 0.4369 0.3709 -0.0566 0.0204  0.1488  69  ILE A CB  
537 C  CG1 . ILE A 68 ? 0.2716 0.5118 0.3764 -0.0241 -0.0121 0.1264  69  ILE A CG1 
538 C  CG2 . ILE A 68 ? 0.2632 0.3859 0.4047 -0.0396 0.0009  0.0999  69  ILE A CG2 
539 C  CD1 . ILE A 68 ? 0.2990 0.5218 0.3998 0.0334  -0.0316 0.1166  69  ILE A CD1 
540 N  N   . ILE A 69 ? 0.2250 0.3566 0.3418 -0.0352 0.0152  0.0649  70  ILE A N   
541 C  CA  . ILE A 69 ? 0.2199 0.3187 0.3533 -0.0477 0.0201  0.0506  70  ILE A CA  
542 C  C   . ILE A 69 ? 0.2343 0.3031 0.3730 -0.0345 0.0258  0.0740  70  ILE A C   
543 O  O   . ILE A 69 ? 0.2400 0.2650 0.3522 -0.0366 0.0282  0.0634  70  ILE A O   
544 C  CB  . ILE A 69 ? 0.2535 0.2960 0.3831 -0.0365 0.0295  0.0363  70  ILE A CB  
545 C  CG1 . ILE A 69 ? 0.2863 0.2888 0.4246 -0.0120 0.0008  0.0169  70  ILE A CG1 
546 C  CG2 . ILE A 69 ? 0.2906 0.2941 0.3835 -0.0524 0.0357  0.0331  70  ILE A CG2 
547 C  CD1 . ILE A 69 ? 0.2959 0.3042 0.4349 -0.0099 0.0099  -0.0008 70  ILE A CD1 
548 N  N   . ASP A 70 ? 0.2232 0.3431 0.4292 -0.0123 -0.0039 0.0944  71  ASP A N   
549 C  CA  . ASP A 70 ? 0.2421 0.3910 0.4497 -0.0175 -0.0187 0.1034  71  ASP A CA  
550 C  C   . ASP A 70 ? 0.2260 0.3955 0.4084 -0.0501 -0.0137 0.0657  71  ASP A C   
551 O  O   . ASP A 70 ? 0.2136 0.3564 0.4100 -0.0394 -0.0295 0.0439  71  ASP A O   
552 C  CB  . ASP A 70 ? 0.2603 0.4330 0.5231 -0.0182 -0.0560 0.1170  71  ASP A CB  
553 C  CG  . ASP A 70 ? 0.2885 0.4379 0.6296 -0.0233 -0.0752 0.1061  71  ASP A CG  
554 O  OD1 . ASP A 70 ? 0.2986 0.4275 0.6778 -0.0135 -0.0642 0.0708  71  ASP A OD1 
555 O  OD2 . ASP A 70 ? 0.3454 0.4733 0.6928 -0.0374 -0.0850 0.1012  71  ASP A OD2 
556 N  N   . PHE A 71 ? 0.2405 0.4218 0.3585 -0.0683 -0.0087 0.0526  72  PHE A N   
557 C  CA  . PHE A 71 ? 0.2764 0.4430 0.3785 -0.0675 -0.0214 0.0054  72  PHE A CA  
558 C  C   . PHE A 71 ? 0.2414 0.4141 0.3843 -0.0697 -0.0172 -0.0229 72  PHE A C   
559 O  O   . PHE A 71 ? 0.2644 0.4062 0.3891 -0.0926 0.0036  -0.0497 72  PHE A O   
560 C  CB  . PHE A 71 ? 0.3130 0.5076 0.3844 -0.0800 -0.0220 -0.0187 72  PHE A CB  
561 C  CG  . PHE A 71 ? 0.3091 0.5725 0.4216 -0.1196 -0.0524 -0.0587 72  PHE A CG  
562 C  CD1 . PHE A 71 ? 0.2908 0.5982 0.3723 -0.1401 0.0035  -0.0685 72  PHE A CD1 
563 C  CD2 . PHE A 71 ? 0.3942 0.6326 0.4803 -0.0489 -0.0814 -0.0928 72  PHE A CD2 
564 C  CE1 . PHE A 71 ? 0.2906 0.6104 0.4006 -0.1335 0.0091  -0.0719 72  PHE A CE1 
565 C  CE2 . PHE A 71 ? 0.3812 0.6503 0.4893 -0.0269 -0.0687 -0.1149 72  PHE A CE2 
566 C  CZ  . PHE A 71 ? 0.3188 0.6445 0.4583 -0.0618 -0.0146 -0.0999 72  PHE A CZ  
567 N  N   . ARG A 72 ? 0.2004 0.3610 0.3765 -0.0512 0.0031  -0.0204 73  ARG A N   
568 C  CA  . ARG A 72 ? 0.2080 0.2700 0.3846 -0.0381 0.0139  -0.0075 73  ARG A CA  
569 C  C   . ARG A 72 ? 0.1965 0.2527 0.4022 -0.0369 0.0061  -0.0139 73  ARG A C   
570 O  O   . ARG A 72 ? 0.2476 0.2180 0.4383 -0.0437 0.0206  -0.0139 73  ARG A O   
571 C  CB  . ARG A 72 ? 0.2169 0.2815 0.4054 -0.0649 -0.0323 0.0350  73  ARG A CB  
572 C  CG  . ARG A 72 ? 0.2589 0.3551 0.4276 -0.0371 -0.0064 0.0459  73  ARG A CG  
573 C  CD  . ARG A 72 ? 0.2550 0.3995 0.3658 -0.0370 0.0410  0.0919  73  ARG A CD  
574 N  NE  . ARG A 72 ? 0.2204 0.3853 0.3205 -0.0356 -0.0054 0.0601  73  ARG A NE  
575 C  CZ  . ARG A 72 ? 0.2125 0.3096 0.2985 -0.0204 -0.0021 0.0515  73  ARG A CZ  
576 N  NH1 . ARG A 72 ? 0.2443 0.2926 0.2960 -0.0382 -0.0297 0.0192  73  ARG A NH1 
577 N  NH2 . ARG A 72 ? 0.2137 0.2926 0.3053 -0.0479 -0.0086 0.0393  73  ARG A NH2 
578 N  N   . GLU A 73 ? 0.1852 0.2425 0.3732 -0.0065 0.0222  -0.0058 74  GLU A N   
579 C  CA  . GLU A 73 ? 0.2005 0.2541 0.3977 -0.0446 0.0434  -0.0127 74  GLU A CA  
580 C  C   . GLU A 73 ? 0.2051 0.2731 0.4272 -0.0669 0.0500  -0.0422 74  GLU A C   
581 O  O   . GLU A 73 ? 0.2560 0.2722 0.4764 -0.0788 0.0376  -0.0449 74  GLU A O   
582 C  CB  . GLU A 73 ? 0.2161 0.2401 0.3791 -0.0470 0.0344  -0.0288 74  GLU A CB  
583 C  CG  . GLU A 73 ? 0.2162 0.2119 0.3674 -0.0278 0.0220  -0.0178 74  GLU A CG  
584 C  CD  . GLU A 73 ? 0.2373 0.2390 0.3909 -0.0283 0.0255  0.0075  74  GLU A CD  
585 O  OE1 . GLU A 73 ? 0.2879 0.2570 0.4428 -0.0117 0.0049  -0.0150 74  GLU A OE1 
586 O  OE2 . GLU A 73 ? 0.2533 0.2473 0.3616 -0.0161 0.0255  0.0118  74  GLU A OE2 
587 N  N   . GLN A 74 ? 0.2290 0.3043 0.4167 -0.0486 -0.0039 -0.0447 75  GLN A N   
588 C  CA  . GLN A 74 ? 0.2344 0.3602 0.4567 -0.0465 -0.0126 -0.0755 75  GLN A CA  
589 C  C   . GLN A 74 ? 0.2430 0.3156 0.4720 -0.0611 -0.0009 -0.0680 75  GLN A C   
590 O  O   . GLN A 74 ? 0.2697 0.2514 0.4727 -0.0424 -0.0238 -0.0544 75  GLN A O   
591 C  CB  . GLN A 74 ? 0.2598 0.4466 0.5081 -0.0734 -0.0377 -0.0945 75  GLN A CB  
592 C  CG  . GLN A 74 ? 0.2685 0.5088 0.5493 -0.0625 -0.0363 -0.0540 75  GLN A CG  
593 C  CD  . GLN A 74 ? 0.3736 0.5554 0.5754 -0.0523 -0.0279 0.0097  75  GLN A CD  
594 O  OE1 . GLN A 74 ? 0.4991 0.5711 0.6073 0.0270  -0.0302 0.0658  75  GLN A OE1 
595 N  NE2 . GLN A 74 ? 0.3520 0.5671 0.5869 -0.1095 -0.0046 0.0318  75  GLN A NE2 
596 N  N   . LYS A 75 ? 0.2778 0.3208 0.4748 -0.0705 0.0583  -0.0566 76  LYS A N   
597 C  CA  . LYS A 75 ? 0.2875 0.3088 0.4980 -0.0499 0.0896  -0.0634 76  LYS A CA  
598 C  C   . LYS A 75 ? 0.2737 0.2948 0.5137 -0.0285 0.0490  -0.0425 76  LYS A C   
599 O  O   . LYS A 75 ? 0.2714 0.2900 0.5435 -0.0211 0.0366  -0.0093 76  LYS A O   
600 C  CB  . LYS A 75 ? 0.3011 0.3184 0.5424 -0.0726 0.1482  -0.0898 76  LYS A CB  
601 C  CG  . LYS A 75 ? 0.3602 0.3675 0.5820 -0.0698 0.2028  -0.0827 76  LYS A CG  
602 C  CD  . LYS A 75 ? 0.3940 0.4078 0.6083 -0.0829 0.2116  -0.1042 76  LYS A CD  
603 C  CE  . LYS A 75 ? 0.4099 0.4317 0.6478 -0.0694 0.2147  -0.1079 76  LYS A CE  
604 N  NZ  . LYS A 75 ? 0.3995 0.4272 0.6760 -0.0549 0.2311  -0.1082 76  LYS A NZ  
605 N  N   . GLY A 76 ? 0.3256 0.3067 0.5087 -0.0223 0.0128  -0.0125 77  GLY A N   
606 C  CA  . GLY A 76 ? 0.4050 0.3204 0.5079 -0.0393 -0.0085 0.0028  77  GLY A CA  
607 C  C   . GLY A 76 ? 0.4329 0.3078 0.4951 -0.0339 -0.0182 0.0159  77  GLY A C   
608 O  O   . GLY A 76 ? 0.5089 0.2943 0.5426 -0.0126 -0.0306 0.0663  77  GLY A O   
609 N  N   . LEU A 77 ? 0.3897 0.2837 0.4355 -0.0540 0.0139  -0.0118 78  LEU A N   
610 C  CA  . LEU A 77 ? 0.3820 0.3119 0.4374 -0.0537 0.0358  -0.0365 78  LEU A CA  
611 C  C   . LEU A 77 ? 0.3715 0.2695 0.4276 -0.0655 0.0697  -0.0080 78  LEU A C   
612 O  O   . LEU A 77 ? 0.3881 0.2666 0.4523 -0.0601 0.0746  0.0112  78  LEU A O   
613 C  CB  . LEU A 77 ? 0.3692 0.3408 0.4856 -0.0427 0.0649  -0.0336 78  LEU A CB  
614 C  CG  . LEU A 77 ? 0.3476 0.3852 0.5250 -0.0336 0.0965  -0.0015 78  LEU A CG  
615 C  CD1 . LEU A 77 ? 0.4000 0.4285 0.5437 0.0078  0.1093  0.0472  78  LEU A CD1 
616 C  CD2 . LEU A 77 ? 0.3033 0.3712 0.5500 -0.0133 0.0935  -0.0233 78  LEU A CD2 
617 N  N   . HIS A 78 ? 0.3477 0.2555 0.4160 -0.0237 0.0730  -0.0142 79  HIS A N   
618 C  CA  . HIS A 78 ? 0.3649 0.2731 0.5015 -0.0139 0.0631  -0.0073 79  HIS A CA  
619 C  C   . HIS A 78 ? 0.3496 0.2445 0.5439 -0.0198 0.0382  -0.0204 79  HIS A C   
620 O  O   . HIS A 78 ? 0.3738 0.2550 0.4820 -0.0155 0.0757  -0.0210 79  HIS A O   
621 C  CB  . HIS A 78 ? 0.4144 0.3146 0.5608 -0.0613 0.0539  -0.0261 79  HIS A CB  
622 C  CG  . HIS A 78 ? 0.4799 0.5326 0.6552 -0.0791 -0.0029 -0.0652 79  HIS A CG  
623 N  ND1 . HIS A 78 ? 0.5143 0.6398 0.7000 -0.0601 -0.0335 -0.0850 79  HIS A ND1 
624 C  CD2 . HIS A 78 ? 0.5041 0.6281 0.7135 -0.0945 -0.0256 -0.0715 79  HIS A CD2 
625 C  CE1 . HIS A 78 ? 0.5226 0.6817 0.7336 -0.0669 -0.0322 -0.0868 79  HIS A CE1 
626 N  NE2 . HIS A 78 ? 0.5242 0.6853 0.7448 -0.0775 -0.0251 -0.0771 79  HIS A NE2 
627 N  N   . ALA A 79 ? 0.3548 0.2490 0.6468 -0.0021 0.0214  -0.0316 80  ALA A N   
628 C  CA  . ALA A 79 ? 0.3832 0.3085 0.7295 0.0220  0.0028  -0.0212 80  ALA A CA  
629 C  C   . ALA A 79 ? 0.4377 0.3210 0.7722 0.0481  -0.0200 0.0250  80  ALA A C   
630 O  O   . ALA A 79 ? 0.4539 0.3194 0.8100 0.0430  -0.0287 -0.0204 80  ALA A O   
631 C  CB  . ALA A 79 ? 0.3557 0.3402 0.7557 0.0113  0.0050  -0.0164 80  ALA A CB  
632 N  N   . ALA A 80 ? 0.4776 0.3634 0.7632 0.0331  -0.0313 0.0982  81  ALA A N   
633 C  CA  . ALA A 80 ? 0.5112 0.4183 0.7590 -0.0038 -0.0136 0.1527  81  ALA A CA  
634 C  C   . ALA A 80 ? 0.4991 0.4282 0.7268 -0.0370 0.0234  0.1671  81  ALA A C   
635 O  O   . ALA A 80 ? 0.5116 0.4212 0.7297 -0.0126 0.0559  0.1657  81  ALA A O   
636 C  CB  . ALA A 80 ? 0.5614 0.4789 0.7804 0.0159  -0.0183 0.1484  81  ALA A CB  
637 CA CA  . CA  B .  ? 0.2350 0.1848 0.2473 -0.0024 -0.0212 0.0199  101 CA  A CA  
640 O  O   . HOH C .  ? 0.6341 0.4086 0.7930 -0.1724 0.1710  0.1071  203 HOH A O   
643 O  O   . HOH C .  ? 0.6938 0.6620 0.8285 0.0382  0.3042  -0.0877 206 HOH A O   
644 O  O   . HOH C .  ? 0.6143 0.7745 0.5257 -0.3256 0.0053  0.1675  207 HOH A O   
645 O  O   . HOH C .  ? 0.5908 0.3991 0.4419 0.0810  -0.0699 -0.0891 208 HOH A O   
648 O  O   . HOH C .  ? 0.8011 0.4571 0.5804 -0.0647 0.0761  0.0741  211 HOH A O   
649 O  O   . HOH C .  ? 0.5429 0.4423 0.3803 -0.0982 0.0735  -0.0337 212 HOH A O   
651 O  O   . HOH C .  ? 1.1968 0.5713 0.4991 0.3395  0.1935  0.1680  214 HOH A O   
653 O  O   . HOH C .  ? 0.4731 0.8455 0.6335 0.1653  -0.0174 0.0723  216 HOH A O   
655 O  O   . HOH C .  ? 0.3356 0.3308 0.3430 -0.0955 -0.0963 -0.0213 218 HOH A O   
657 O  O   . HOH C .  ? 0.4720 0.3472 0.4386 0.1544  0.1561  0.1933  220 HOH A O   
659 O  O   . HOH C .  ? 0.4057 0.7262 0.8282 -0.1107 0.0822  0.0009  222 HOH A O   
662 O  O   . HOH C .  ? 0.2569 0.2919 0.3150 0.0015  0.0241  0.0161  225 HOH A O   
666 O  O   . HOH C .  ? 0.5405 0.3455 0.6555 0.0370  0.1454  0.0049  229 HOH A O   
669 O  O   . HOH C .  ? 0.7884 0.6339 0.7108 0.3129  0.3300  0.1389  232 HOH A O   
670 O  O   . HOH C .  ? 0.2445 0.2182 0.3380 -0.0365 -0.0148 -0.0029 233 HOH A O   
671 O  O   . HOH C .  ? 0.2852 0.3734 0.6123 -0.0021 0.0199  0.1454  234 HOH A O   
672 O  O   . HOH C .  ? 0.3170 0.2448 0.2739 0.0489  -0.0195 0.0154  235 HOH A O   
674 O  O   . HOH C .  ? 0.9151 0.4025 0.4936 -0.2009 -0.0677 0.1631  237 HOH A O   
675 O  O   . HOH C .  ? 0.5397 0.3881 0.4816 -0.1232 -0.0498 -0.1443 238 HOH A O   
676 O  O   . HOH C .  ? 0.2904 0.6749 0.5013 0.0185  -0.0619 0.0831  239 HOH A O   
677 O  O   . HOH C .  ? 0.3256 0.5504 0.7594 0.0448  0.0514  0.2132  240 HOH A O   
678 O  O   . HOH C .  ? 0.5952 0.7499 0.8816 0.2129  0.1284  0.3356  241 HOH A O   
679 O  O   . HOH C .  ? 0.3784 0.2187 0.4284 -0.0842 -0.0575 0.0191  242 HOH A O   
682 O  O   . HOH C .  ? 0.4800 0.2857 0.4203 -0.0348 -0.0334 -0.0344 245 HOH A O   
683 O  O   . HOH C .  ? 0.4563 0.2238 0.2644 0.0516  0.0095  0.0244  246 HOH A O   
684 O  O   . HOH C .  ? 0.5716 0.7952 0.8744 -0.0486 -0.1195 -0.3329 247 HOH A O   
686 O  O   . HOH C .  ? 0.4291 0.7387 0.4317 -0.2275 -0.0359 0.0374  249 HOH A O   
688 O  O   . HOH C .  ? 0.3776 0.5478 0.4397 0.0550  -0.0278 0.0788  251 HOH A O   
689 O  O   . HOH C .  ? 0.4767 0.3086 0.5538 -0.1479 -0.0026 0.0515  252 HOH A O   
690 O  O   . HOH C .  ? 0.6506 1.0284 0.4372 -0.0309 0.1131  0.2472  253 HOH A O   
692 O  O   . HOH C .  ? 0.2590 0.3265 0.4354 -0.0648 -0.1034 0.1485  255 HOH A O   
694 O  O   . HOH C .  ? 0.5838 0.5224 0.4951 -0.3076 0.0037  0.1056  257 HOH A O   
695 O  O   . HOH C .  ? 0.4441 0.3993 0.5101 -0.1760 0.0033  -0.0295 258 HOH A O   
696 O  O   . HOH C .  ? 0.5433 0.4306 0.8005 -0.0492 0.1422  0.0004  259 HOH A O   
699 O  O   . HOH C .  ? 0.2817 0.2993 0.3148 0.0421  -0.0664 -0.0307 262 HOH A O   
706 O  O   . HOH C .  ? 0.3716 0.5033 0.3799 0.0813  -0.0250 0.1266  269 HOH A O   
711 O  O   . HOH C .  ? 0.8440 0.3530 0.9201 0.0324  0.2471  0.1885  274 HOH A O   
715 O  O   . HOH C .  ? 0.7011 0.6123 0.9009 0.1789  -0.1776 0.1547  278 HOH A O   
717 O  O   . HOH C .  ? 0.4650 0.3856 0.3806 -0.1810 -0.0032 -0.0594 280 HOH A O   
719 O  O   . HOH C .  ? 0.5547 0.7295 0.7129 -0.1888 0.0752  0.3298  282 HOH A O   
721 O  O   . HOH C .  ? 0.3708 0.6815 1.0126 0.1813  -0.0728 -0.2071 284 HOH A O   
722 O  O   . HOH C .  ? 0.7741 0.3561 0.5006 0.1994  0.2048  0.1492  285 HOH A O   
725 O  O   . HOH C .  ? 0.3331 0.3181 0.3355 0.0042  0.0006  0.0008  288 HOH A O   
726 O  O   . HOH C .  ? 0.3421 0.8090 1.1282 -0.0596 -0.1693 0.1375  289 HOH A O   
727 O  O   . HOH C .  ? 0.2701 0.3142 0.3325 -0.0356 -0.0017 -0.0982 290 HOH A O   
729 O  O   . HOH C .  ? 0.7237 0.5972 0.9121 -0.0918 -0.1094 -0.1858 292 HOH A O   
731 O  O   . HOH C .  ? 0.7663 0.5086 0.3510 -0.1436 -0.0448 -0.0018 294 HOH A O   
733 O  O   . HOH C .  ? 0.9511 0.4914 0.7044 0.1458  0.1022  0.2236  296 HOH A O   
735 O  O   . HOH C .  ? 0.3531 0.2116 0.3088 -0.0673 -0.0236 0.0695  298 HOH A O   
736 O  O   . HOH C .  ? 0.3068 0.4574 0.3817 -0.0190 -0.0276 -0.1289 299 HOH A O   
740 O  O   . HOH C .  ? 0.5935 0.4704 0.8500 0.0390  0.0577  0.1589  303 HOH A O   
749 O  O   . HOH C .  ? 0.3696 0.6207 0.3121 -0.0235 0.0956  -0.0336 312 HOH A O   
# 
